data_9C7T
#
_entry.id   9C7T
#
_cell.length_a   1.00
_cell.length_b   1.00
_cell.length_c   1.00
_cell.angle_alpha   90.00
_cell.angle_beta   90.00
_cell.angle_gamma   90.00
#
_symmetry.space_group_name_H-M   'P 1'
#
loop_
_entity.id
_entity.type
_entity.pdbx_description
1 polymer 'Serine/threonine-protein phosphatase 2A 65 kDa regulatory subunit A alpha isoform'
2 polymer 'Serine/threonine-protein phosphatase 2A 55 kDa regulatory subunit B alpha isoform'
3 polymer 'Serine/threonine-protein phosphatase 2A catalytic subunit alpha isoform'
4 polymer 'Eyes absent homolog 3'
5 non-polymer 'FE (II) ION'
6 non-polymer 'ZINC ION'
#
loop_
_entity_poly.entity_id
_entity_poly.type
_entity_poly.pdbx_seq_one_letter_code
_entity_poly.pdbx_strand_id
1 'polypeptide(L)'
;GHMSLYPIAVLIDELRNEDVQLRLNSIKKLSTIALALGVERTRSELLPFLTDTIYDEDEVLLALAEQLGTFTTLVGGPEY
VHCLLPPLESLATVEETVVRDKAVESLRAISHEHSPSDLEAHFVPLVKRLAGGDWFTSRTSACGLFSVCYPRVSSAVKAE
LRQYFRNLCSDDTPMVRRAAASKLGEFAKVLELDNVKSEIIPMFSNLASDEQDSVRLLAVEACVNIAQLLPQEDLEALVM
PTLRQAAEDKSWRVRYMVADKFTELQKAVGPEITKTDLVPAFQNLMKDCEAEVRAAASHKVKEFCENLSADCRENVIMSQ
ILPCIKELVSDANQHVKSALASVIMGLSPILGKDNTIEHLLPLFLAQLKDECPEVRLNIISNLDCVNEVIGIRQLSQSLL
PAIVELAEDAKWRVRLAIIEYMPLLAGQLGVEFFDEKLNSLCMAWLVDHVYAIREAATSNLKKLVEKFGKEWAHATIIPK
VLAMSGDPNYLHRMTTLFCINVLSEVCGQDITTKHMLPTVLRMAGDPVANVRFNVAKSLQKIGPILDNSTLQSEVKPILE
KLTQDQDVDVKYFAQEALTVLSLA
;
A
2 'polypeptide(L)'
;GHMGSAGAGGGNDIQWCFSQVKGAVDDDVAEADIISTVEFNHSGELLATGDKGGRVVIFQQEQENKIQSHSRGEYNVYST
FQSHEPEFDYLKSLEIEEKINKIRWLPQKNAAQFLLSTNDKTIKLWKISERDKRPEGYNLKEEDGRYRDPTTVTTLRVPV
FRPMDLMVEASPRRIFANAHTYHINSISINSDYETYLSADDLRINLWHLEITDRSFNIVDIKPANMEELTEVITAAEFHP
NSCNTFVYSSSKGTIRLCDMRASALCDRHSKLFEEPEDPSNRSFFSEIISSISDVKFSHSGRYMMTRDYLSVKIWDLNME
NRPVETYQVHEYLRSKLCSLYENDCIFDKFECCWNGSDSVVMTGSYNNFFRMFDRNTKRDITLEASRENNKPRTVLKPRK
VCASGKRKKDEISVDSLDFNKKILHTAWHPKENIIAVATTNNLYIFQDKVN
;
B
3 'polypeptide(L)'
;GHMDEKVFTKELDQWIEQLNECKQLSESQVKSLCEKAKEILTKESNVQEVRCPVTVCGDVHGQFHDLMELFRIGGKSPDT
NYLFMGDYVDRGYYSVETVTLLVALKVRYRERITILRGNHESRQITQVYGFYDECLRKYGNANVWKYFTDLFDYLPLTAL
VDGQIFCLHGGLSPSIDTLDHIRALDRLQEVPHEGPMCDLLWSDPDDRGGWGISPRGAGYTFGQDISETFNHANGLTLVS
RAHQLVMEGYNWCHDRNVVTIFSAPNYCYRCGNQAAIMELDDTLKYSFLQFDPAPRRGEPHVTRRTPDYF(MLL)
;
C
4 'polypeptide(L)' GHMRSSNDYTSQMYSAKPYAHILSVPVSETAYPGQTQYQTLQQTQPYAVYEE D
#
loop_
_chem_comp.id
_chem_comp.type
_chem_comp.name
_chem_comp.formula
FE2 non-polymer 'FE (II) ION' 'Fe 2'
ZN non-polymer 'ZINC ION' 'Zn 2'
#
# COMPACT_ATOMS: atom_id res chain seq x y z
N SER A 4 47.95 11.54 3.66
CA SER A 4 47.44 10.20 3.38
C SER A 4 46.31 10.25 2.35
N LEU A 5 46.65 9.93 1.11
CA LEU A 5 45.69 9.95 0.01
C LEU A 5 45.06 8.59 -0.26
N TYR A 6 45.33 7.58 0.58
CA TYR A 6 44.70 6.28 0.38
C TYR A 6 43.19 6.32 0.57
N PRO A 7 42.63 6.88 1.66
CA PRO A 7 41.17 6.87 1.81
C PRO A 7 40.44 7.58 0.69
N ILE A 8 40.96 8.71 0.20
CA ILE A 8 40.32 9.43 -0.89
C ILE A 8 40.45 8.68 -2.21
N ALA A 9 41.55 7.95 -2.42
CA ALA A 9 41.64 7.07 -3.57
C ALA A 9 40.60 5.96 -3.50
N VAL A 10 40.39 5.39 -2.31
CA VAL A 10 39.32 4.40 -2.13
C VAL A 10 37.97 5.00 -2.46
N LEU A 11 37.74 6.23 -1.98
CA LEU A 11 36.47 6.90 -2.24
C LEU A 11 36.27 7.14 -3.73
N ILE A 12 37.32 7.57 -4.43
CA ILE A 12 37.21 7.80 -5.88
C ILE A 12 36.90 6.49 -6.60
N ASP A 13 37.63 5.43 -6.25
CA ASP A 13 37.40 4.15 -6.93
C ASP A 13 36.04 3.54 -6.60
N GLU A 14 35.46 3.89 -5.44
CA GLU A 14 34.15 3.36 -5.10
C GLU A 14 33.04 3.94 -5.98
N LEU A 15 33.30 5.03 -6.70
CA LEU A 15 32.32 5.57 -7.62
C LEU A 15 32.00 4.62 -8.75
N ARG A 16 32.93 3.75 -9.12
CA ARG A 16 32.74 2.77 -10.18
C ARG A 16 32.26 1.43 -9.65
N ASN A 17 32.14 1.26 -8.34
CA ASN A 17 31.81 -0.03 -7.77
C ASN A 17 30.40 -0.46 -8.16
N GLU A 18 30.22 -1.76 -8.37
CA GLU A 18 28.91 -2.28 -8.73
C GLU A 18 27.93 -2.21 -7.57
N ASP A 19 28.44 -2.20 -6.34
CA ASP A 19 27.57 -2.11 -5.17
C ASP A 19 26.90 -0.74 -5.11
N VAL A 20 25.58 -0.76 -4.93
CA VAL A 20 24.85 0.50 -4.86
C VAL A 20 25.19 1.26 -3.58
N GLN A 21 25.39 0.53 -2.48
CA GLN A 21 25.66 1.19 -1.20
C GLN A 21 27.02 1.89 -1.20
N LEU A 22 28.02 1.26 -1.81
CA LEU A 22 29.35 1.87 -1.86
C LEU A 22 29.32 3.15 -2.69
N ARG A 23 28.66 3.12 -3.85
CA ARG A 23 28.54 4.33 -4.65
C ARG A 23 27.75 5.40 -3.91
N LEU A 24 26.68 5.01 -3.21
CA LEU A 24 25.91 5.99 -2.47
C LEU A 24 26.75 6.67 -1.39
N ASN A 25 27.55 5.88 -0.67
CA ASN A 25 28.42 6.43 0.36
C ASN A 25 29.48 7.34 -0.26
N SER A 26 30.05 6.94 -1.39
CA SER A 26 31.07 7.77 -2.03
C SER A 26 30.47 9.06 -2.59
N ILE A 27 29.22 9.00 -3.05
CA ILE A 27 28.54 10.20 -3.55
C ILE A 27 28.25 11.16 -2.40
N LYS A 28 27.82 10.61 -1.26
CA LYS A 28 27.55 11.46 -0.11
C LYS A 28 28.80 12.10 0.46
N LYS A 29 29.99 11.69 0.02
CA LYS A 29 31.25 12.25 0.47
C LYS A 29 32.02 12.91 -0.68
N LEU A 30 31.31 13.42 -1.69
CA LEU A 30 31.98 14.10 -2.78
C LEU A 30 32.67 15.38 -2.32
N SER A 31 32.22 15.95 -1.20
CA SER A 31 32.87 17.14 -0.67
C SER A 31 34.32 16.86 -0.29
N THR A 32 34.56 15.71 0.35
CA THR A 32 35.93 15.33 0.71
C THR A 32 36.79 15.13 -0.53
N ILE A 33 36.24 14.45 -1.54
CA ILE A 33 37.00 14.20 -2.77
C ILE A 33 37.35 15.51 -3.45
N ALA A 34 36.37 16.43 -3.54
CA ALA A 34 36.63 17.71 -4.18
C ALA A 34 37.64 18.54 -3.40
N LEU A 35 37.54 18.52 -2.07
CA LEU A 35 38.50 19.26 -1.24
C LEU A 35 39.90 18.72 -1.40
N ALA A 36 40.04 17.38 -1.46
CA ALA A 36 41.37 16.80 -1.61
C ALA A 36 41.93 17.02 -3.01
N LEU A 37 41.07 16.96 -4.03
CA LEU A 37 41.53 17.18 -5.40
C LEU A 37 42.03 18.61 -5.59
N GLY A 38 41.32 19.59 -5.02
CA GLY A 38 41.65 20.99 -5.18
C GLY A 38 40.50 21.77 -5.77
N VAL A 39 40.85 22.74 -6.61
CA VAL A 39 39.87 23.58 -7.30
C VAL A 39 39.88 23.30 -8.80
N GLU A 40 41.02 23.47 -9.45
CA GLU A 40 41.12 23.22 -10.89
C GLU A 40 40.85 21.74 -11.20
N ARG A 41 41.34 20.85 -10.34
CA ARG A 41 41.13 19.43 -10.57
C ARG A 41 39.66 19.07 -10.51
N THR A 42 38.93 19.64 -9.53
CA THR A 42 37.50 19.38 -9.44
C THR A 42 36.76 19.90 -10.67
N ARG A 43 37.14 21.09 -11.14
CA ARG A 43 36.48 21.67 -12.30
C ARG A 43 36.73 20.84 -13.56
N SER A 44 37.97 20.39 -13.76
CA SER A 44 38.34 19.77 -15.03
C SER A 44 38.31 18.25 -15.01
N GLU A 45 38.27 17.62 -13.84
CA GLU A 45 38.28 16.16 -13.77
C GLU A 45 37.03 15.57 -13.15
N LEU A 46 36.65 16.02 -11.94
CA LEU A 46 35.52 15.40 -11.26
C LEU A 46 34.19 15.78 -11.90
N LEU A 47 34.01 17.06 -12.21
CA LEU A 47 32.76 17.49 -12.82
C LEU A 47 32.48 16.84 -14.17
N PRO A 48 33.43 16.73 -15.10
CA PRO A 48 33.12 15.98 -16.34
C PRO A 48 32.74 14.54 -16.09
N PHE A 49 33.32 13.90 -15.07
CA PHE A 49 32.93 12.54 -14.73
C PHE A 49 31.52 12.49 -14.16
N LEU A 50 31.11 13.52 -13.42
CA LEU A 50 29.77 13.56 -12.84
C LEU A 50 28.73 14.12 -13.80
N THR A 51 29.13 14.62 -14.97
CA THR A 51 28.18 15.29 -15.86
C THR A 51 27.10 14.33 -16.33
N ASP A 52 27.49 13.17 -16.87
CA ASP A 52 26.55 12.16 -17.33
C ASP A 52 26.96 10.83 -16.74
N THR A 53 26.29 10.44 -15.66
CA THR A 53 26.58 9.19 -14.98
C THR A 53 25.72 8.06 -15.54
N ILE A 54 26.33 6.90 -15.70
CA ILE A 54 25.63 5.77 -16.29
C ILE A 54 24.63 5.15 -15.30
N TYR A 55 24.95 5.17 -14.01
CA TYR A 55 24.08 4.51 -13.04
C TYR A 55 22.76 5.23 -12.90
N ASP A 56 21.69 4.46 -12.72
CA ASP A 56 20.33 4.96 -12.76
C ASP A 56 19.60 4.83 -11.43
N GLU A 57 20.32 4.57 -10.34
CA GLU A 57 19.67 4.43 -9.05
C GLU A 57 19.08 5.77 -8.61
N ASP A 58 17.83 5.75 -8.17
CA ASP A 58 17.16 6.99 -7.79
C ASP A 58 17.82 7.64 -6.58
N GLU A 59 18.19 6.84 -5.58
CA GLU A 59 18.80 7.41 -4.38
C GLU A 59 20.19 7.96 -4.67
N VAL A 60 20.96 7.29 -5.53
CA VAL A 60 22.28 7.80 -5.89
C VAL A 60 22.17 9.12 -6.63
N LEU A 61 21.23 9.19 -7.58
CA LEU A 61 21.02 10.44 -8.32
C LEU A 61 20.53 11.55 -7.40
N LEU A 62 19.66 11.22 -6.45
CA LEU A 62 19.16 12.22 -5.51
C LEU A 62 20.29 12.75 -4.64
N ALA A 63 21.15 11.86 -4.14
CA ALA A 63 22.30 12.29 -3.35
C ALA A 63 23.24 13.16 -4.17
N LEU A 64 23.47 12.79 -5.44
CA LEU A 64 24.32 13.59 -6.30
C LEU A 64 23.73 14.97 -6.54
N ALA A 65 22.42 15.04 -6.75
CA ALA A 65 21.75 16.32 -6.96
C ALA A 65 21.84 17.19 -5.72
N GLU A 66 21.68 16.59 -4.54
CA GLU A 66 21.85 17.35 -3.31
C GLU A 66 23.28 17.86 -3.18
N GLN A 67 24.26 17.02 -3.51
CA GLN A 67 25.66 17.39 -3.32
C GLN A 67 26.07 18.50 -4.28
N LEU A 68 25.60 18.45 -5.53
CA LEU A 68 26.03 19.44 -6.51
C LEU A 68 25.55 20.85 -6.17
N GLY A 69 24.58 20.99 -5.26
CA GLY A 69 24.12 22.30 -4.88
C GLY A 69 24.99 23.02 -3.88
N THR A 70 26.02 22.37 -3.35
CA THR A 70 26.90 22.96 -2.34
C THR A 70 28.35 23.00 -2.79
N PHE A 71 28.61 22.84 -4.08
CA PHE A 71 29.97 22.84 -4.60
C PHE A 71 30.43 24.21 -5.06
N THR A 72 29.70 25.27 -4.72
CA THR A 72 30.07 26.60 -5.20
C THR A 72 31.45 27.00 -4.71
N THR A 73 31.77 26.71 -3.45
CA THR A 73 33.10 27.01 -2.92
C THR A 73 34.16 26.07 -3.49
N LEU A 74 33.80 24.79 -3.69
CA LEU A 74 34.80 23.80 -4.09
C LEU A 74 35.23 23.98 -5.55
N VAL A 75 34.36 24.54 -6.39
CA VAL A 75 34.72 24.74 -7.79
C VAL A 75 35.52 26.00 -8.03
N GLY A 76 35.63 26.88 -7.04
CA GLY A 76 36.42 28.08 -7.22
C GLY A 76 35.66 29.36 -6.94
N GLY A 77 34.54 29.25 -6.22
CA GLY A 77 33.76 30.40 -5.85
C GLY A 77 32.74 30.79 -6.91
N PRO A 78 32.11 31.96 -6.73
CA PRO A 78 31.08 32.39 -7.68
C PRO A 78 31.60 32.62 -9.08
N GLU A 79 32.90 32.81 -9.27
CA GLU A 79 33.43 33.08 -10.60
C GLU A 79 33.22 31.89 -11.54
N TYR A 80 33.45 30.67 -11.06
CA TYR A 80 33.34 29.47 -11.88
C TYR A 80 32.10 28.64 -11.55
N VAL A 81 31.12 29.25 -10.88
CA VAL A 81 29.94 28.51 -10.47
C VAL A 81 29.18 27.97 -11.67
N HIS A 82 29.28 28.60 -12.83
CA HIS A 82 28.61 28.08 -14.02
C HIS A 82 29.12 26.71 -14.42
N CYS A 83 30.30 26.31 -13.93
CA CYS A 83 30.78 24.96 -14.21
C CYS A 83 29.89 23.89 -13.60
N LEU A 84 29.03 24.25 -12.65
CA LEU A 84 28.08 23.29 -12.10
C LEU A 84 26.82 23.15 -12.94
N LEU A 85 26.65 23.98 -13.98
CA LEU A 85 25.43 23.91 -14.76
C LEU A 85 25.27 22.60 -15.51
N PRO A 86 26.27 22.08 -16.22
CA PRO A 86 26.08 20.83 -16.98
C PRO A 86 25.65 19.67 -16.09
N PRO A 87 26.40 19.34 -15.02
CA PRO A 87 26.02 18.14 -14.26
C PRO A 87 24.61 18.19 -13.71
N LEU A 88 24.14 19.38 -13.31
CA LEU A 88 22.77 19.52 -12.85
C LEU A 88 21.77 19.46 -13.99
N GLU A 89 22.12 20.03 -15.16
CA GLU A 89 21.16 20.07 -16.26
C GLU A 89 20.73 18.67 -16.66
N SER A 90 21.69 17.73 -16.78
CA SER A 90 21.34 16.35 -17.08
C SER A 90 20.42 15.79 -16.00
N LEU A 91 20.70 16.10 -14.73
CA LEU A 91 19.85 15.60 -13.66
C LEU A 91 18.44 16.17 -13.75
N ALA A 92 18.27 17.30 -14.43
CA ALA A 92 16.95 17.86 -14.60
C ALA A 92 16.16 17.21 -15.73
N THR A 93 16.76 16.23 -16.42
CA THR A 93 16.12 15.59 -17.55
C THR A 93 15.65 14.16 -17.24
N VAL A 94 16.11 13.58 -16.14
CA VAL A 94 15.79 12.18 -15.85
C VAL A 94 14.29 12.01 -15.62
N GLU A 95 13.85 10.75 -15.66
CA GLU A 95 12.43 10.44 -15.57
C GLU A 95 11.90 10.49 -14.15
N GLU A 96 12.76 10.53 -13.15
CA GLU A 96 12.33 10.52 -11.77
C GLU A 96 11.94 11.91 -11.31
N THR A 97 10.73 12.03 -10.75
CA THR A 97 10.23 13.35 -10.36
C THR A 97 11.04 13.94 -9.21
N VAL A 98 11.39 13.12 -8.22
CA VAL A 98 12.10 13.65 -7.05
C VAL A 98 13.51 14.09 -7.44
N VAL A 99 14.17 13.34 -8.32
CA VAL A 99 15.50 13.73 -8.78
C VAL A 99 15.43 15.04 -9.56
N ARG A 100 14.42 15.17 -10.43
CA ARG A 100 14.26 16.41 -11.18
C ARG A 100 14.01 17.58 -10.24
N ASP A 101 13.17 17.38 -9.23
CA ASP A 101 12.87 18.46 -8.28
C ASP A 101 14.10 18.86 -7.49
N LYS A 102 14.90 17.87 -7.06
CA LYS A 102 16.13 18.19 -6.35
C LYS A 102 17.12 18.93 -7.23
N ALA A 103 17.23 18.53 -8.50
CA ALA A 103 18.11 19.23 -9.42
C ALA A 103 17.64 20.67 -9.65
N VAL A 104 16.34 20.87 -9.76
CA VAL A 104 15.80 22.21 -9.93
C VAL A 104 16.07 23.06 -8.69
N GLU A 105 15.91 22.46 -7.51
CA GLU A 105 16.20 23.17 -6.27
C GLU A 105 17.67 23.57 -6.18
N SER A 106 18.56 22.66 -6.56
CA SER A 106 19.99 22.99 -6.54
C SER A 106 20.33 24.06 -7.56
N LEU A 107 19.71 24.01 -8.74
CA LEU A 107 19.92 25.06 -9.73
C LEU A 107 19.47 26.41 -9.22
N ARG A 108 18.30 26.46 -8.57
CA ARG A 108 17.83 27.70 -7.99
C ARG A 108 18.77 28.18 -6.89
N ALA A 109 19.27 27.26 -6.07
CA ALA A 109 20.17 27.63 -4.98
C ALA A 109 21.47 28.22 -5.52
N ILE A 110 22.02 27.64 -6.58
CA ILE A 110 23.28 28.16 -7.11
C ILE A 110 23.10 29.31 -8.08
N SER A 111 21.88 29.60 -8.51
CA SER A 111 21.67 30.75 -9.38
C SER A 111 21.97 32.06 -8.65
N HIS A 112 21.77 32.10 -7.34
CA HIS A 112 22.00 33.33 -6.59
C HIS A 112 23.47 33.72 -6.55
N GLU A 113 24.38 32.76 -6.71
CA GLU A 113 25.81 33.09 -6.76
C GLU A 113 26.22 33.68 -8.10
N HIS A 114 25.42 33.49 -9.15
CA HIS A 114 25.75 34.05 -10.46
C HIS A 114 25.68 35.57 -10.42
N SER A 115 26.66 36.21 -11.02
CA SER A 115 26.56 37.63 -11.30
C SER A 115 25.54 37.83 -12.43
N PRO A 116 24.94 39.02 -12.52
CA PRO A 116 23.96 39.24 -13.59
C PRO A 116 24.50 38.97 -14.98
N SER A 117 25.78 39.29 -15.24
CA SER A 117 26.38 38.93 -16.51
C SER A 117 26.42 37.42 -16.70
N ASP A 118 26.80 36.69 -15.64
CA ASP A 118 26.80 35.24 -15.73
C ASP A 118 25.39 34.68 -15.81
N LEU A 119 24.41 35.34 -15.18
CA LEU A 119 23.04 34.93 -15.31
C LEU A 119 22.58 35.02 -16.77
N GLU A 120 22.90 36.13 -17.42
CA GLU A 120 22.49 36.31 -18.81
C GLU A 120 23.34 35.50 -19.78
N ALA A 121 24.54 35.09 -19.38
CA ALA A 121 25.44 34.38 -20.28
C ALA A 121 25.38 32.88 -20.14
N HIS A 122 25.06 32.36 -18.96
CA HIS A 122 25.08 30.92 -18.74
C HIS A 122 23.78 30.35 -18.20
N PHE A 123 23.10 31.05 -17.30
CA PHE A 123 21.89 30.49 -16.69
C PHE A 123 20.67 30.66 -17.58
N VAL A 124 20.49 31.86 -18.14
CA VAL A 124 19.37 32.08 -19.07
C VAL A 124 19.46 31.17 -20.29
N PRO A 125 20.63 30.97 -20.92
CA PRO A 125 20.70 29.95 -21.98
C PRO A 125 20.32 28.56 -21.49
N LEU A 126 20.69 28.21 -20.26
CA LEU A 126 20.29 26.92 -19.70
C LEU A 126 18.77 26.81 -19.62
N VAL A 127 18.11 27.87 -19.14
CA VAL A 127 16.65 27.85 -19.02
C VAL A 127 16.02 27.76 -20.40
N LYS A 128 16.57 28.49 -21.38
CA LYS A 128 16.03 28.42 -22.73
C LYS A 128 16.20 27.03 -23.34
N ARG A 129 17.35 26.39 -23.11
CA ARG A 129 17.57 25.03 -23.60
C ARG A 129 16.60 24.05 -22.96
N LEU A 130 16.42 24.13 -21.65
CA LEU A 130 15.50 23.23 -20.98
C LEU A 130 14.07 23.45 -21.44
N ALA A 131 13.66 24.72 -21.60
CA ALA A 131 12.30 25.03 -22.00
C ALA A 131 12.03 24.64 -23.44
N GLY A 132 13.02 24.75 -24.32
CA GLY A 132 12.87 24.37 -25.70
C GLY A 132 13.29 22.95 -26.01
N GLY A 133 13.55 22.13 -25.00
CA GLY A 133 14.05 20.79 -25.25
C GLY A 133 13.02 19.89 -25.88
N ASP A 134 13.52 18.84 -26.55
CA ASP A 134 12.65 17.87 -27.21
C ASP A 134 11.95 16.95 -26.23
N TRP A 135 12.46 16.82 -25.02
CA TRP A 135 11.92 15.92 -24.01
C TRP A 135 11.17 16.71 -22.96
N PHE A 136 9.94 16.28 -22.65
CA PHE A 136 9.11 17.11 -21.78
C PHE A 136 9.54 17.04 -20.32
N THR A 137 10.45 16.15 -19.95
CA THR A 137 11.04 16.23 -18.62
C THR A 137 11.86 17.51 -18.46
N SER A 138 12.64 17.85 -19.50
CA SER A 138 13.39 19.10 -19.47
C SER A 138 12.47 20.30 -19.38
N ARG A 139 11.39 20.29 -20.17
CA ARG A 139 10.46 21.41 -20.14
C ARG A 139 9.73 21.49 -18.80
N THR A 140 9.41 20.35 -18.20
CA THR A 140 8.81 20.36 -16.87
C THR A 140 9.76 20.95 -15.85
N SER A 141 11.04 20.61 -15.94
CA SER A 141 12.02 21.18 -15.02
C SER A 141 12.24 22.67 -15.25
N ALA A 142 12.12 23.12 -16.50
CA ALA A 142 12.41 24.52 -16.82
C ALA A 142 11.40 25.47 -16.22
N CYS A 143 10.20 25.01 -15.88
CA CYS A 143 9.16 25.91 -15.37
C CYS A 143 9.55 26.50 -14.02
N GLY A 144 10.31 25.76 -13.22
CA GLY A 144 10.67 26.23 -11.89
C GLY A 144 11.88 27.12 -11.81
N LEU A 145 12.48 27.49 -12.93
CA LEU A 145 13.71 28.26 -12.94
C LEU A 145 13.53 29.71 -13.39
N PHE A 146 12.30 30.13 -13.71
CA PHE A 146 12.11 31.47 -14.25
C PHE A 146 12.18 32.55 -13.17
N SER A 147 11.63 32.28 -11.98
CA SER A 147 11.52 33.31 -10.96
C SER A 147 12.85 33.62 -10.29
N VAL A 148 13.82 32.72 -10.34
CA VAL A 148 15.10 33.00 -9.70
C VAL A 148 15.98 33.86 -10.58
N CYS A 149 15.77 33.84 -11.90
CA CYS A 149 16.59 34.62 -12.81
C CYS A 149 15.87 35.84 -13.37
N TYR A 150 14.55 35.93 -13.24
CA TYR A 150 13.85 37.09 -13.77
C TYR A 150 14.26 38.41 -13.13
N PRO A 151 14.31 38.56 -11.80
CA PRO A 151 14.52 39.90 -11.24
C PRO A 151 15.88 40.52 -11.55
N ARG A 152 16.87 39.73 -11.95
CA ARG A 152 18.25 40.21 -12.03
C ARG A 152 18.79 40.24 -13.46
N VAL A 153 17.91 40.40 -14.45
CA VAL A 153 18.32 40.45 -15.85
C VAL A 153 17.79 41.72 -16.47
N SER A 154 18.23 41.99 -17.70
CA SER A 154 17.82 43.19 -18.40
C SER A 154 16.39 43.03 -18.93
N SER A 155 15.86 44.13 -19.47
CA SER A 155 14.48 44.15 -19.93
C SER A 155 14.27 43.21 -21.11
N ALA A 156 15.23 43.16 -22.04
CA ALA A 156 15.09 42.26 -23.19
C ALA A 156 15.08 40.81 -22.76
N VAL A 157 15.96 40.44 -21.83
CA VAL A 157 15.96 39.08 -21.31
C VAL A 157 14.67 38.80 -20.56
N LYS A 158 14.13 39.80 -19.85
CA LYS A 158 12.85 39.62 -19.18
C LYS A 158 11.73 39.34 -20.17
N ALA A 159 11.70 40.06 -21.29
CA ALA A 159 10.70 39.81 -22.32
C ALA A 159 10.86 38.42 -22.91
N GLU A 160 12.10 38.00 -23.16
CA GLU A 160 12.33 36.65 -23.67
C GLU A 160 11.85 35.59 -22.68
N LEU A 161 12.13 35.79 -21.39
CA LEU A 161 11.69 34.83 -20.39
C LEU A 161 10.17 34.78 -20.30
N ARG A 162 9.51 35.93 -20.41
CA ARG A 162 8.05 35.95 -20.39
C ARG A 162 7.49 35.21 -21.59
N GLN A 163 8.08 35.40 -22.77
CA GLN A 163 7.62 34.66 -23.95
C GLN A 163 7.84 33.16 -23.78
N TYR A 164 8.98 32.76 -23.20
CA TYR A 164 9.25 31.35 -23.01
C TYR A 164 8.28 30.72 -22.03
N PHE A 165 7.95 31.43 -20.93
CA PHE A 165 6.94 30.92 -20.01
C PHE A 165 5.57 30.84 -20.66
N ARG A 166 5.23 31.81 -21.50
CA ARG A 166 3.96 31.74 -22.22
C ARG A 166 3.92 30.53 -23.14
N ASN A 167 5.03 30.23 -23.81
CA ASN A 167 5.10 29.03 -24.65
C ASN A 167 4.95 27.78 -23.81
N LEU A 168 5.58 27.74 -22.63
CA LEU A 168 5.45 26.57 -21.76
C LEU A 168 4.02 26.38 -21.28
N CYS A 169 3.31 27.47 -21.01
CA CYS A 169 1.93 27.35 -20.55
C CYS A 169 1.01 26.75 -21.62
N SER A 170 1.42 26.77 -22.88
CA SER A 170 0.63 26.21 -23.97
C SER A 170 1.24 24.94 -24.54
N ASP A 171 1.99 24.20 -23.74
CA ASP A 171 2.68 23.02 -24.22
C ASP A 171 1.67 21.90 -24.52
N ASP A 172 2.07 20.97 -25.37
CA ASP A 172 1.17 19.89 -25.77
C ASP A 172 0.95 18.89 -24.64
N THR A 173 2.03 18.48 -23.98
CA THR A 173 1.92 17.45 -22.95
C THR A 173 1.31 18.03 -21.68
N PRO A 174 0.40 17.31 -21.02
CA PRO A 174 -0.21 17.84 -19.80
C PRO A 174 0.76 18.07 -18.65
N MET A 175 1.88 17.35 -18.58
CA MET A 175 2.79 17.53 -17.46
C MET A 175 3.45 18.91 -17.49
N VAL A 176 3.85 19.38 -18.66
CA VAL A 176 4.45 20.70 -18.75
C VAL A 176 3.45 21.77 -18.38
N ARG A 177 2.19 21.61 -18.80
CA ARG A 177 1.16 22.56 -18.44
C ARG A 177 0.89 22.54 -16.94
N ARG A 178 0.91 21.36 -16.33
CA ARG A 178 0.75 21.27 -14.88
C ARG A 178 1.88 21.97 -14.15
N ALA A 179 3.12 21.79 -14.63
CA ALA A 179 4.25 22.48 -14.01
C ALA A 179 4.12 23.99 -14.17
N ALA A 180 3.68 24.44 -15.35
CA ALA A 180 3.49 25.87 -15.56
C ALA A 180 2.42 26.43 -14.64
N ALA A 181 1.30 25.70 -14.49
CA ALA A 181 0.26 26.14 -13.58
C ALA A 181 0.76 26.19 -12.14
N SER A 182 1.58 25.21 -11.75
CA SER A 182 2.12 25.20 -10.39
C SER A 182 3.04 26.40 -10.14
N LYS A 183 3.87 26.74 -11.12
CA LYS A 183 4.82 27.83 -10.96
C LYS A 183 4.28 29.19 -11.36
N LEU A 184 3.03 29.25 -11.83
CA LEU A 184 2.48 30.52 -12.31
C LEU A 184 2.43 31.57 -11.21
N GLY A 185 2.00 31.18 -10.01
CA GLY A 185 1.91 32.15 -8.92
C GLY A 185 3.26 32.73 -8.53
N GLU A 186 4.26 31.86 -8.37
CA GLU A 186 5.57 32.35 -7.96
C GLU A 186 6.25 33.12 -9.08
N PHE A 187 5.91 32.82 -10.34
CA PHE A 187 6.43 33.66 -11.43
C PHE A 187 5.77 35.03 -11.41
N ALA A 188 4.44 35.07 -11.28
CA ALA A 188 3.74 36.35 -11.25
C ALA A 188 4.16 37.20 -10.07
N LYS A 189 4.64 36.57 -9.00
CA LYS A 189 5.06 37.33 -7.83
C LYS A 189 6.22 38.27 -8.14
N VAL A 190 7.04 37.94 -9.14
CA VAL A 190 8.22 38.74 -9.45
C VAL A 190 8.04 39.65 -10.67
N LEU A 191 6.97 39.47 -11.44
CA LEU A 191 6.72 40.35 -12.56
C LEU A 191 6.22 41.71 -12.08
N GLU A 192 6.29 42.68 -12.99
CA GLU A 192 5.69 43.98 -12.74
C GLU A 192 4.18 43.87 -12.77
N LEU A 193 3.51 44.79 -12.08
CA LEU A 193 2.05 44.73 -11.99
C LEU A 193 1.41 44.87 -13.36
N ASP A 194 1.95 45.75 -14.20
CA ASP A 194 1.41 45.92 -15.55
C ASP A 194 1.53 44.63 -16.35
N ASN A 195 2.66 43.93 -16.22
CA ASN A 195 2.84 42.68 -16.95
C ASN A 195 2.01 41.56 -16.32
N VAL A 196 1.75 41.63 -15.03
CA VAL A 196 0.85 40.65 -14.41
C VAL A 196 -0.55 40.81 -14.96
N LYS A 197 -1.03 42.05 -15.06
CA LYS A 197 -2.35 42.29 -15.64
C LYS A 197 -2.38 41.93 -17.12
N SER A 198 -1.30 42.23 -17.84
CA SER A 198 -1.30 42.10 -19.29
C SER A 198 -1.00 40.68 -19.75
N GLU A 199 -0.11 39.97 -19.05
CA GLU A 199 0.37 38.68 -19.53
C GLU A 199 0.08 37.52 -18.60
N ILE A 200 0.21 37.71 -17.28
CA ILE A 200 -0.07 36.61 -16.37
C ILE A 200 -1.56 36.27 -16.35
N ILE A 201 -2.41 37.29 -16.41
CA ILE A 201 -3.85 37.05 -16.38
C ILE A 201 -4.33 36.22 -17.57
N PRO A 202 -3.96 36.51 -18.82
CA PRO A 202 -4.39 35.63 -19.91
C PRO A 202 -3.90 34.19 -19.77
N MET A 203 -2.67 33.97 -19.32
CA MET A 203 -2.20 32.61 -19.11
C MET A 203 -2.98 31.91 -18.02
N PHE A 204 -3.27 32.63 -16.93
CA PHE A 204 -4.05 32.07 -15.83
C PHE A 204 -5.45 31.69 -16.30
N SER A 205 -6.08 32.56 -17.10
CA SER A 205 -7.40 32.28 -17.63
C SER A 205 -7.38 31.08 -18.57
N ASN A 206 -6.36 30.99 -19.42
CA ASN A 206 -6.26 29.88 -20.35
C ASN A 206 -6.03 28.56 -19.62
N LEU A 207 -5.18 28.57 -18.60
CA LEU A 207 -4.90 27.33 -17.87
C LEU A 207 -6.08 26.91 -17.01
N ALA A 208 -6.86 27.87 -16.52
CA ALA A 208 -8.02 27.53 -15.69
C ALA A 208 -9.15 26.91 -16.50
N SER A 209 -9.16 27.10 -17.81
CA SER A 209 -10.16 26.47 -18.68
C SER A 209 -9.52 25.37 -19.53
N ASP A 210 -8.52 24.68 -18.98
CA ASP A 210 -7.86 23.60 -19.69
C ASP A 210 -8.78 22.40 -19.80
N GLU A 211 -8.42 21.50 -20.72
CA GLU A 211 -9.20 20.27 -20.88
C GLU A 211 -8.90 19.26 -19.78
N GLN A 212 -7.66 19.25 -19.28
CA GLN A 212 -7.27 18.29 -18.26
C GLN A 212 -7.72 18.78 -16.88
N ASP A 213 -8.36 17.90 -16.13
CA ASP A 213 -8.80 18.25 -14.79
C ASP A 213 -7.61 18.52 -13.87
N SER A 214 -6.55 17.74 -14.02
CA SER A 214 -5.36 17.90 -13.19
C SER A 214 -4.66 19.24 -13.43
N VAL A 215 -4.90 19.86 -14.57
CA VAL A 215 -4.37 21.20 -14.82
C VAL A 215 -5.32 22.27 -14.31
N ARG A 216 -6.63 22.06 -14.47
CA ARG A 216 -7.60 23.04 -13.99
C ARG A 216 -7.57 23.17 -12.48
N LEU A 217 -7.45 22.05 -11.76
CA LEU A 217 -7.44 22.13 -10.31
C LEU A 217 -6.21 22.85 -9.77
N LEU A 218 -5.15 22.95 -10.56
CA LEU A 218 -3.98 23.71 -10.17
C LEU A 218 -4.16 25.21 -10.32
N ALA A 219 -5.26 25.65 -10.91
CA ALA A 219 -5.52 27.07 -11.09
C ALA A 219 -6.10 27.74 -9.85
N VAL A 220 -6.57 26.98 -8.87
CA VAL A 220 -7.12 27.60 -7.66
C VAL A 220 -6.01 28.23 -6.83
N GLU A 221 -4.90 27.53 -6.66
CA GLU A 221 -3.76 28.11 -5.94
C GLU A 221 -3.20 29.31 -6.69
N ALA A 222 -3.17 29.23 -8.03
CA ALA A 222 -2.75 30.39 -8.82
C ALA A 222 -3.71 31.56 -8.61
N CYS A 223 -5.00 31.28 -8.50
CA CYS A 223 -5.97 32.33 -8.21
C CYS A 223 -5.69 32.96 -6.86
N VAL A 224 -5.38 32.15 -5.86
CA VAL A 224 -5.05 32.67 -4.53
C VAL A 224 -3.83 33.56 -4.61
N ASN A 225 -2.78 33.12 -5.32
CA ASN A 225 -1.55 33.89 -5.39
C ASN A 225 -1.74 35.19 -6.16
N ILE A 226 -2.46 35.13 -7.28
CA ILE A 226 -2.63 36.32 -8.11
C ILE A 226 -3.54 37.33 -7.43
N ALA A 227 -4.58 36.87 -6.74
CA ALA A 227 -5.48 37.79 -6.06
C ALA A 227 -4.76 38.56 -4.96
N GLN A 228 -3.69 38.00 -4.40
CA GLN A 228 -2.93 38.68 -3.36
C GLN A 228 -2.03 39.77 -3.91
N LEU A 229 -1.87 39.87 -5.23
CA LEU A 229 -1.03 40.88 -5.84
C LEU A 229 -1.81 42.06 -6.39
N LEU A 230 -2.95 41.80 -7.03
CA LEU A 230 -3.72 42.85 -7.65
C LEU A 230 -4.44 43.68 -6.59
N PRO A 231 -4.73 44.96 -6.88
CA PRO A 231 -5.57 45.75 -5.98
C PRO A 231 -7.00 45.21 -5.97
N GLN A 232 -7.76 45.66 -4.98
CA GLN A 232 -9.10 45.14 -4.78
C GLN A 232 -10.01 45.44 -5.97
N GLU A 233 -9.87 46.62 -6.57
CA GLU A 233 -10.76 47.01 -7.66
C GLU A 233 -10.52 46.19 -8.93
N ASP A 234 -9.35 45.59 -9.08
CA ASP A 234 -9.05 44.78 -10.25
C ASP A 234 -9.51 43.34 -10.14
N LEU A 235 -9.83 42.88 -8.92
CA LEU A 235 -10.21 41.50 -8.71
C LEU A 235 -11.50 41.16 -9.45
N GLU A 236 -12.47 42.06 -9.44
CA GLU A 236 -13.74 41.80 -10.10
C GLU A 236 -13.56 41.61 -11.60
N ALA A 237 -12.75 42.46 -12.23
CA ALA A 237 -12.58 42.40 -13.67
C ALA A 237 -11.67 41.26 -14.10
N LEU A 238 -10.61 40.96 -13.34
CA LEU A 238 -9.59 40.02 -13.78
C LEU A 238 -9.73 38.65 -13.14
N VAL A 239 -9.76 38.59 -11.80
CA VAL A 239 -9.64 37.33 -11.10
C VAL A 239 -11.00 36.69 -10.86
N MET A 240 -12.01 37.48 -10.53
CA MET A 240 -13.27 36.91 -10.05
C MET A 240 -13.99 36.01 -11.05
N PRO A 241 -14.12 36.34 -12.35
CA PRO A 241 -14.81 35.40 -13.25
C PRO A 241 -14.18 34.03 -13.29
N THR A 242 -12.86 33.95 -13.26
CA THR A 242 -12.20 32.65 -13.25
C THR A 242 -12.52 31.86 -11.99
N LEU A 243 -12.53 32.54 -10.84
CA LEU A 243 -12.87 31.87 -9.58
C LEU A 243 -14.31 31.39 -9.59
N ARG A 244 -15.23 32.20 -10.10
CA ARG A 244 -16.62 31.78 -10.20
C ARG A 244 -16.77 30.57 -11.09
N GLN A 245 -16.05 30.55 -12.22
CA GLN A 245 -16.07 29.40 -13.10
C GLN A 245 -15.51 28.16 -12.41
N ALA A 246 -14.44 28.33 -11.63
CA ALA A 246 -13.83 27.21 -10.94
C ALA A 246 -14.75 26.63 -9.88
N ALA A 247 -15.47 27.48 -9.15
CA ALA A 247 -16.35 26.99 -8.10
C ALA A 247 -17.51 26.17 -8.66
N GLU A 248 -17.88 26.37 -9.92
CA GLU A 248 -18.96 25.62 -10.56
C GLU A 248 -18.45 24.61 -11.56
N ASP A 249 -17.20 24.15 -11.41
CA ASP A 249 -16.58 23.28 -12.39
C ASP A 249 -17.27 21.93 -12.42
N LYS A 250 -17.25 21.30 -13.61
CA LYS A 250 -17.84 19.98 -13.75
C LYS A 250 -17.09 18.94 -12.95
N SER A 251 -15.76 19.02 -12.94
CA SER A 251 -14.95 18.04 -12.23
C SER A 251 -15.06 18.29 -10.73
N TRP A 252 -15.26 17.22 -9.97
CA TRP A 252 -15.32 17.35 -8.52
C TRP A 252 -13.95 17.66 -7.92
N ARG A 253 -12.86 17.41 -8.65
CA ARG A 253 -11.54 17.72 -8.14
C ARG A 253 -11.28 19.21 -8.09
N VAL A 254 -11.74 19.94 -9.11
CA VAL A 254 -11.59 21.39 -9.11
C VAL A 254 -12.41 22.00 -7.98
N ARG A 255 -13.64 21.52 -7.80
CA ARG A 255 -14.48 22.02 -6.70
C ARG A 255 -13.88 21.66 -5.35
N TYR A 256 -13.28 20.47 -5.24
CA TYR A 256 -12.62 20.11 -3.99
C TYR A 256 -11.44 21.03 -3.71
N MET A 257 -10.68 21.39 -4.74
CA MET A 257 -9.58 22.32 -4.53
C MET A 257 -10.09 23.70 -4.12
N VAL A 258 -11.22 24.12 -4.69
CA VAL A 258 -11.81 25.40 -4.31
C VAL A 258 -12.23 25.38 -2.85
N ALA A 259 -12.88 24.29 -2.43
CA ALA A 259 -13.34 24.19 -1.05
C ALA A 259 -12.19 24.02 -0.06
N ASP A 260 -11.11 23.38 -0.50
CA ASP A 260 -9.97 23.12 0.38
C ASP A 260 -9.16 24.39 0.63
N LYS A 261 -9.20 25.34 -0.29
CA LYS A 261 -8.47 26.60 -0.17
C LYS A 261 -9.43 27.78 -0.04
N PHE A 262 -10.55 27.56 0.65
CA PHE A 262 -11.58 28.61 0.71
C PHE A 262 -11.19 29.73 1.66
N THR A 263 -10.49 29.42 2.75
CA THR A 263 -10.07 30.47 3.67
C THR A 263 -8.98 31.35 3.05
N GLU A 264 -8.06 30.75 2.29
CA GLU A 264 -7.06 31.54 1.60
C GLU A 264 -7.70 32.47 0.58
N LEU A 265 -8.69 31.97 -0.16
CA LEU A 265 -9.42 32.82 -1.09
C LEU A 265 -10.15 33.94 -0.37
N GLN A 266 -10.75 33.61 0.78
CA GLN A 266 -11.47 34.61 1.57
C GLN A 266 -10.54 35.72 2.02
N LYS A 267 -9.35 35.36 2.49
CA LYS A 267 -8.38 36.38 2.89
C LYS A 267 -7.90 37.20 1.69
N ALA A 268 -7.70 36.54 0.54
CA ALA A 268 -7.14 37.24 -0.61
C ALA A 268 -8.12 38.23 -1.20
N VAL A 269 -9.36 37.82 -1.42
CA VAL A 269 -10.31 38.68 -2.12
C VAL A 269 -10.77 39.83 -1.24
N GLY A 270 -10.93 39.61 0.06
CA GLY A 270 -11.38 40.64 0.96
C GLY A 270 -12.79 40.42 1.46
N PRO A 271 -13.27 41.32 2.34
CA PRO A 271 -14.58 41.09 2.95
C PRO A 271 -15.75 41.34 2.01
N GLU A 272 -15.71 42.40 1.20
CA GLU A 272 -16.84 42.73 0.35
C GLU A 272 -17.10 41.63 -0.68
N ILE A 273 -16.05 41.16 -1.34
CA ILE A 273 -16.22 40.08 -2.31
C ILE A 273 -16.64 38.81 -1.60
N THR A 274 -16.15 38.57 -0.38
CA THR A 274 -16.55 37.38 0.35
C THR A 274 -18.04 37.39 0.63
N LYS A 275 -18.58 38.52 1.07
CA LYS A 275 -20.02 38.60 1.31
C LYS A 275 -20.79 38.48 0.01
N THR A 276 -20.34 39.15 -1.05
CA THR A 276 -21.10 39.17 -2.29
C THR A 276 -21.02 37.86 -3.05
N ASP A 277 -19.83 37.26 -3.12
CA ASP A 277 -19.59 36.12 -4.00
C ASP A 277 -19.27 34.84 -3.27
N LEU A 278 -18.43 34.88 -2.23
CA LEU A 278 -17.95 33.63 -1.64
C LEU A 278 -18.96 32.95 -0.76
N VAL A 279 -19.89 33.68 -0.15
CA VAL A 279 -20.89 33.05 0.71
C VAL A 279 -21.81 32.15 -0.10
N PRO A 280 -22.37 32.59 -1.24
CA PRO A 280 -23.14 31.64 -2.06
C PRO A 280 -22.32 30.47 -2.56
N ALA A 281 -21.04 30.70 -2.89
CA ALA A 281 -20.19 29.61 -3.32
C ALA A 281 -19.99 28.58 -2.21
N PHE A 282 -19.81 29.04 -0.97
CA PHE A 282 -19.68 28.13 0.15
C PHE A 282 -20.98 27.38 0.39
N GLN A 283 -22.12 28.06 0.24
CA GLN A 283 -23.40 27.38 0.38
C GLN A 283 -23.55 26.28 -0.65
N ASN A 284 -23.14 26.54 -1.89
CA ASN A 284 -23.23 25.54 -2.94
C ASN A 284 -22.24 24.40 -2.72
N LEU A 285 -21.06 24.70 -2.16
CA LEU A 285 -20.09 23.66 -1.89
C LEU A 285 -20.55 22.74 -0.76
N MET A 286 -21.21 23.30 0.25
CA MET A 286 -21.73 22.47 1.33
C MET A 286 -22.89 21.60 0.88
N LYS A 287 -23.55 21.94 -0.22
CA LYS A 287 -24.62 21.14 -0.80
C LYS A 287 -24.16 20.35 -2.01
N ASP A 288 -22.85 20.14 -2.15
CA ASP A 288 -22.31 19.50 -3.35
C ASP A 288 -22.72 18.03 -3.39
N CYS A 289 -22.77 17.48 -4.60
CA CYS A 289 -23.16 16.11 -4.79
C CYS A 289 -22.06 15.11 -4.47
N GLU A 290 -20.84 15.57 -4.24
CA GLU A 290 -19.71 14.70 -3.95
C GLU A 290 -19.36 14.79 -2.48
N ALA A 291 -19.21 13.63 -1.84
CA ALA A 291 -18.97 13.60 -0.40
C ALA A 291 -17.63 14.21 -0.03
N GLU A 292 -16.61 14.05 -0.87
CA GLU A 292 -15.31 14.63 -0.59
C GLU A 292 -15.39 16.15 -0.55
N VAL A 293 -16.11 16.74 -1.50
CA VAL A 293 -16.26 18.20 -1.52
C VAL A 293 -17.03 18.67 -0.29
N ARG A 294 -18.08 17.95 0.10
CA ARG A 294 -18.85 18.33 1.27
C ARG A 294 -18.00 18.24 2.53
N ALA A 295 -17.17 17.20 2.66
CA ALA A 295 -16.30 17.09 3.81
C ALA A 295 -15.26 18.21 3.84
N ALA A 296 -14.68 18.52 2.68
CA ALA A 296 -13.70 19.60 2.62
C ALA A 296 -14.33 20.93 3.00
N ALA A 297 -15.55 21.19 2.54
CA ALA A 297 -16.26 22.40 2.92
C ALA A 297 -16.65 22.40 4.40
N SER A 298 -16.94 21.23 4.96
CA SER A 298 -17.27 21.16 6.38
C SER A 298 -16.06 21.45 7.25
N HIS A 299 -14.86 21.07 6.80
CA HIS A 299 -13.66 21.38 7.56
C HIS A 299 -13.44 22.88 7.69
N LYS A 300 -13.95 23.67 6.76
CA LYS A 300 -13.67 25.10 6.70
C LYS A 300 -14.76 25.96 7.32
N VAL A 301 -15.76 25.37 7.95
CA VAL A 301 -16.91 26.14 8.41
C VAL A 301 -16.50 27.14 9.48
N LYS A 302 -15.76 26.67 10.49
CA LYS A 302 -15.42 27.54 11.61
C LYS A 302 -14.51 28.68 11.17
N GLU A 303 -13.46 28.39 10.41
CA GLU A 303 -12.54 29.42 9.97
C GLU A 303 -13.23 30.42 9.05
N PHE A 304 -14.06 29.94 8.14
CA PHE A 304 -14.76 30.84 7.22
C PHE A 304 -15.72 31.75 7.97
N CYS A 305 -16.47 31.19 8.92
CA CYS A 305 -17.42 32.01 9.68
C CYS A 305 -16.71 33.00 10.59
N GLU A 306 -15.56 32.61 11.14
CA GLU A 306 -14.85 33.47 12.07
C GLU A 306 -14.33 34.73 11.38
N ASN A 307 -13.84 34.60 10.14
CA ASN A 307 -13.17 35.69 9.45
C ASN A 307 -14.14 36.61 8.72
N LEU A 308 -15.45 36.37 8.80
CA LEU A 308 -16.41 37.26 8.17
C LEU A 308 -16.37 38.62 8.84
N SER A 309 -16.74 39.65 8.08
CA SER A 309 -16.73 41.01 8.61
C SER A 309 -17.71 41.12 9.77
N ALA A 310 -17.24 41.75 10.86
CA ALA A 310 -18.01 41.77 12.10
C ALA A 310 -19.30 42.56 11.99
N ASP A 311 -19.47 43.37 10.96
CA ASP A 311 -20.68 44.18 10.83
C ASP A 311 -21.91 43.30 10.63
N CYS A 312 -21.79 42.24 9.83
CA CYS A 312 -22.92 41.37 9.54
C CYS A 312 -22.53 39.90 9.67
N ARG A 313 -21.57 39.59 10.54
CA ARG A 313 -21.12 38.22 10.70
C ARG A 313 -22.23 37.33 11.27
N GLU A 314 -22.88 37.79 12.34
CA GLU A 314 -23.91 36.97 12.99
C GLU A 314 -25.09 36.74 12.07
N ASN A 315 -25.51 37.77 11.34
CA ASN A 315 -26.65 37.62 10.42
C ASN A 315 -26.32 36.61 9.34
N VAL A 316 -25.12 36.69 8.76
CA VAL A 316 -24.73 35.74 7.71
C VAL A 316 -24.70 34.33 8.27
N ILE A 317 -24.14 34.15 9.46
CA ILE A 317 -24.03 32.80 10.03
C ILE A 317 -25.40 32.22 10.33
N MET A 318 -26.29 33.01 10.95
CA MET A 318 -27.58 32.50 11.38
C MET A 318 -28.59 32.35 10.24
N SER A 319 -28.48 33.15 9.18
CA SER A 319 -29.47 33.12 8.12
C SER A 319 -29.02 32.41 6.87
N GLN A 320 -27.72 32.19 6.69
CA GLN A 320 -27.24 31.58 5.45
C GLN A 320 -26.34 30.38 5.67
N ILE A 321 -25.52 30.39 6.71
CA ILE A 321 -24.61 29.27 6.95
C ILE A 321 -25.29 28.20 7.78
N LEU A 322 -26.05 28.60 8.79
CA LEU A 322 -26.66 27.65 9.73
C LEU A 322 -27.61 26.66 9.05
N PRO A 323 -28.51 27.07 8.15
CA PRO A 323 -29.40 26.08 7.52
C PRO A 323 -28.67 24.98 6.78
N CYS A 324 -27.53 25.31 6.16
CA CYS A 324 -26.73 24.29 5.50
C CYS A 324 -26.06 23.35 6.49
N ILE A 325 -25.61 23.89 7.63
CA ILE A 325 -25.04 23.04 8.67
C ILE A 325 -26.08 22.08 9.21
N LYS A 326 -27.33 22.53 9.33
CA LYS A 326 -28.38 21.67 9.84
C LYS A 326 -28.58 20.45 8.95
N GLU A 327 -28.50 20.64 7.63
CA GLU A 327 -28.57 19.51 6.71
C GLU A 327 -27.28 18.70 6.71
N LEU A 328 -26.13 19.32 6.95
CA LEU A 328 -24.88 18.59 7.04
C LEU A 328 -24.82 17.68 8.26
N VAL A 329 -25.56 18.02 9.32
CA VAL A 329 -25.58 17.17 10.51
C VAL A 329 -26.16 15.80 10.18
N SER A 330 -27.23 15.77 9.39
CA SER A 330 -27.91 14.53 9.02
C SER A 330 -27.40 13.95 7.71
N ASP A 331 -26.14 14.16 7.37
CA ASP A 331 -25.60 13.69 6.11
C ASP A 331 -25.50 12.16 6.11
N ALA A 332 -25.51 11.60 4.90
CA ALA A 332 -25.38 10.15 4.77
C ALA A 332 -23.94 9.70 4.98
N ASN A 333 -22.98 10.51 4.56
CA ASN A 333 -21.58 10.12 4.61
C ASN A 333 -21.03 10.26 6.02
N GLN A 334 -20.28 9.25 6.46
CA GLN A 334 -19.67 9.27 7.78
C GLN A 334 -18.63 10.39 7.90
N HIS A 335 -17.78 10.53 6.90
CA HIS A 335 -16.65 11.46 7.00
C HIS A 335 -17.11 12.91 6.98
N VAL A 336 -18.20 13.21 6.26
CA VAL A 336 -18.75 14.56 6.29
C VAL A 336 -19.21 14.91 7.70
N LYS A 337 -19.92 13.98 8.35
CA LYS A 337 -20.38 14.22 9.72
C LYS A 337 -19.22 14.36 10.68
N SER A 338 -18.18 13.52 10.53
CA SER A 338 -17.02 13.63 11.40
C SER A 338 -16.32 14.98 11.23
N ALA A 339 -16.13 15.41 9.98
CA ALA A 339 -15.49 16.69 9.72
C ALA A 339 -16.30 17.84 10.28
N LEU A 340 -17.63 17.79 10.12
CA LEU A 340 -18.47 18.84 10.68
C LEU A 340 -18.43 18.83 12.21
N ALA A 341 -18.37 17.65 12.82
CA ALA A 341 -18.36 17.57 14.27
C ALA A 341 -17.05 18.12 14.84
N SER A 342 -15.95 17.90 14.13
CA SER A 342 -14.66 18.38 14.64
C SER A 342 -14.56 19.90 14.68
N VAL A 343 -15.46 20.63 14.04
CA VAL A 343 -15.34 22.09 13.98
C VAL A 343 -16.60 22.83 14.38
N ILE A 344 -17.78 22.20 14.40
CA ILE A 344 -18.99 22.93 14.73
C ILE A 344 -18.98 23.44 16.16
N MET A 345 -18.11 22.88 17.00
CA MET A 345 -18.07 23.27 18.41
C MET A 345 -17.62 24.71 18.57
N GLY A 346 -16.82 25.21 17.64
CA GLY A 346 -16.20 26.52 17.74
C GLY A 346 -17.04 27.69 17.28
N LEU A 347 -18.28 27.46 16.84
CA LEU A 347 -19.15 28.56 16.47
C LEU A 347 -19.85 29.19 17.67
N SER A 348 -19.73 28.59 18.85
CA SER A 348 -20.38 29.14 20.03
C SER A 348 -19.84 30.51 20.42
N PRO A 349 -18.53 30.76 20.52
CA PRO A 349 -18.08 32.11 20.87
C PRO A 349 -18.51 33.17 19.88
N ILE A 350 -18.61 32.82 18.60
CA ILE A 350 -18.99 33.79 17.58
C ILE A 350 -20.44 34.21 17.75
N LEU A 351 -21.34 33.23 17.91
CA LEU A 351 -22.76 33.54 17.94
C LEU A 351 -23.19 34.18 19.25
N GLY A 352 -22.66 33.71 20.37
CA GLY A 352 -23.08 34.18 21.67
C GLY A 352 -23.89 33.14 22.41
N LYS A 353 -24.23 33.46 23.65
CA LYS A 353 -24.89 32.51 24.54
C LYS A 353 -26.30 32.16 24.05
N ASP A 354 -27.10 33.19 23.75
CA ASP A 354 -28.49 32.95 23.38
C ASP A 354 -28.59 32.18 22.06
N ASN A 355 -27.78 32.57 21.07
CA ASN A 355 -27.82 31.88 19.79
C ASN A 355 -27.31 30.46 19.91
N THR A 356 -26.27 30.25 20.71
CA THR A 356 -25.77 28.88 20.93
C THR A 356 -26.84 28.02 21.58
N ILE A 357 -27.54 28.54 22.58
CA ILE A 357 -28.57 27.77 23.25
C ILE A 357 -29.71 27.46 22.29
N GLU A 358 -30.15 28.46 21.51
CA GLU A 358 -31.31 28.26 20.66
C GLU A 358 -31.01 27.41 19.43
N HIS A 359 -29.85 27.62 18.80
CA HIS A 359 -29.59 27.04 17.48
C HIS A 359 -28.52 25.95 17.50
N LEU A 360 -27.36 26.22 18.10
CA LEU A 360 -26.26 25.26 18.05
C LEU A 360 -26.48 24.07 18.97
N LEU A 361 -27.17 24.27 20.09
CA LEU A 361 -27.36 23.20 21.05
C LEU A 361 -28.12 22.00 20.49
N PRO A 362 -29.23 22.15 19.76
CA PRO A 362 -29.84 20.98 19.14
C PRO A 362 -28.91 20.21 18.22
N LEU A 363 -28.07 20.93 17.46
CA LEU A 363 -27.11 20.25 16.60
C LEU A 363 -26.08 19.49 17.42
N PHE A 364 -25.63 20.08 18.54
CA PHE A 364 -24.71 19.38 19.42
C PHE A 364 -25.33 18.10 19.95
N LEU A 365 -26.58 18.16 20.39
CA LEU A 365 -27.25 16.95 20.89
C LEU A 365 -27.39 15.91 19.79
N ALA A 366 -27.80 16.34 18.59
CA ALA A 366 -27.99 15.41 17.49
C ALA A 366 -26.70 14.70 17.12
N GLN A 367 -25.59 15.44 17.10
CA GLN A 367 -24.31 14.83 16.81
C GLN A 367 -23.76 14.01 17.97
N LEU A 368 -24.19 14.30 19.20
CA LEU A 368 -23.82 13.47 20.33
C LEU A 368 -24.56 12.14 20.35
N LYS A 369 -25.76 12.09 19.76
CA LYS A 369 -26.52 10.85 19.67
C LYS A 369 -26.28 10.11 18.36
N ASP A 370 -25.25 10.50 17.60
CA ASP A 370 -24.97 9.86 16.33
C ASP A 370 -24.48 8.43 16.52
N GLU A 371 -24.74 7.60 15.52
CA GLU A 371 -24.33 6.20 15.60
C GLU A 371 -22.82 6.03 15.47
N CYS A 372 -22.17 6.88 14.70
CA CYS A 372 -20.74 6.73 14.45
C CYS A 372 -19.94 7.11 15.70
N PRO A 373 -19.07 6.25 16.20
CA PRO A 373 -18.25 6.63 17.36
C PRO A 373 -17.35 7.82 17.09
N GLU A 374 -16.85 7.97 15.86
CA GLU A 374 -15.92 9.06 15.57
C GLU A 374 -16.60 10.42 15.70
N VAL A 375 -17.86 10.52 15.27
CA VAL A 375 -18.59 11.78 15.39
C VAL A 375 -18.74 12.16 16.86
N ARG A 376 -19.14 11.20 17.70
CA ARG A 376 -19.30 11.47 19.12
C ARG A 376 -17.97 11.86 19.76
N LEU A 377 -16.90 11.16 19.40
CA LEU A 377 -15.58 11.48 19.94
C LEU A 377 -15.14 12.87 19.52
N ASN A 378 -15.39 13.25 18.27
CA ASN A 378 -15.05 14.58 17.80
C ASN A 378 -15.82 15.65 18.53
N ILE A 379 -17.11 15.41 18.79
CA ILE A 379 -17.91 16.37 19.54
C ILE A 379 -17.37 16.52 20.96
N ILE A 380 -17.03 15.39 21.61
CA ILE A 380 -16.58 15.44 22.99
C ILE A 380 -15.21 16.10 23.10
N SER A 381 -14.33 15.86 22.12
CA SER A 381 -12.96 16.36 22.21
C SER A 381 -12.88 17.88 22.15
N ASN A 382 -13.93 18.56 21.71
CA ASN A 382 -13.84 19.99 21.47
C ASN A 382 -14.85 20.77 22.30
N LEU A 383 -14.96 20.44 23.58
CA LEU A 383 -15.89 21.13 24.46
C LEU A 383 -15.31 22.42 25.05
N ASP A 384 -14.06 22.76 24.73
CA ASP A 384 -13.43 23.93 25.32
C ASP A 384 -14.15 25.21 24.89
N CYS A 385 -14.47 25.33 23.61
CA CYS A 385 -15.10 26.55 23.11
C CYS A 385 -16.47 26.78 23.72
N VAL A 386 -17.28 25.72 23.82
CA VAL A 386 -18.63 25.86 24.37
C VAL A 386 -18.58 26.12 25.87
N ASN A 387 -17.58 25.58 26.57
CA ASN A 387 -17.53 25.72 28.02
C ASN A 387 -17.41 27.17 28.45
N GLU A 388 -16.81 28.02 27.62
CA GLU A 388 -16.66 29.43 27.95
C GLU A 388 -17.87 30.28 27.58
N VAL A 389 -18.80 29.74 26.81
CA VAL A 389 -20.01 30.47 26.40
C VAL A 389 -21.19 30.09 27.27
N ILE A 390 -21.42 28.80 27.47
CA ILE A 390 -22.44 28.29 28.38
C ILE A 390 -21.77 27.31 29.32
N GLY A 391 -22.22 27.32 30.58
CA GLY A 391 -21.60 26.45 31.56
C GLY A 391 -21.77 24.99 31.18
N ILE A 392 -20.74 24.19 31.48
CA ILE A 392 -20.78 22.78 31.17
C ILE A 392 -21.81 22.04 32.01
N ARG A 393 -22.29 22.67 33.09
CA ARG A 393 -23.33 22.05 33.90
C ARG A 393 -24.63 21.91 33.13
N GLN A 394 -24.86 22.75 32.11
CA GLN A 394 -26.04 22.59 31.26
C GLN A 394 -25.89 21.43 30.30
N LEU A 395 -24.66 21.11 29.89
CA LEU A 395 -24.40 20.02 28.96
C LEU A 395 -24.05 18.71 29.66
N SER A 396 -23.96 18.71 30.99
CA SER A 396 -23.55 17.50 31.69
C SER A 396 -24.57 16.38 31.53
N GLN A 397 -25.86 16.70 31.66
CA GLN A 397 -26.88 15.66 31.59
C GLN A 397 -27.03 15.08 30.19
N SER A 398 -26.50 15.76 29.18
CA SER A 398 -26.48 15.23 27.82
C SER A 398 -25.15 14.55 27.48
N LEU A 399 -24.05 14.98 28.11
CA LEU A 399 -22.76 14.36 27.89
C LEU A 399 -22.64 13.03 28.61
N LEU A 400 -23.25 12.90 29.79
CA LEU A 400 -23.09 11.68 30.58
C LEU A 400 -23.56 10.43 29.82
N PRO A 401 -24.75 10.39 29.22
CA PRO A 401 -25.12 9.18 28.47
C PRO A 401 -24.17 8.88 27.32
N ALA A 402 -23.67 9.90 26.63
CA ALA A 402 -22.74 9.66 25.53
C ALA A 402 -21.43 9.08 26.03
N ILE A 403 -20.90 9.62 27.13
CA ILE A 403 -19.66 9.09 27.71
C ILE A 403 -19.87 7.66 28.16
N VAL A 404 -21.02 7.37 28.78
CA VAL A 404 -21.30 6.01 29.24
C VAL A 404 -21.38 5.06 28.06
N GLU A 405 -22.05 5.46 26.98
CA GLU A 405 -22.17 4.61 25.81
C GLU A 405 -20.81 4.35 25.18
N LEU A 406 -19.95 5.38 25.12
CA LEU A 406 -18.63 5.18 24.53
C LEU A 406 -17.71 4.36 25.42
N ALA A 407 -17.89 4.45 26.75
CA ALA A 407 -17.01 3.76 27.67
C ALA A 407 -17.28 2.26 27.73
N GLU A 408 -18.45 1.82 27.28
CA GLU A 408 -18.83 0.42 27.33
C GLU A 408 -19.04 -0.15 25.94
N ASP A 409 -18.31 0.35 24.96
CA ASP A 409 -18.45 -0.12 23.59
C ASP A 409 -17.88 -1.52 23.44
N ALA A 410 -18.44 -2.27 22.49
CA ALA A 410 -17.95 -3.62 22.22
C ALA A 410 -16.53 -3.58 21.67
N LYS A 411 -16.22 -2.62 20.82
CA LYS A 411 -14.89 -2.48 20.25
C LYS A 411 -13.97 -1.81 21.27
N TRP A 412 -12.89 -2.50 21.65
CA TRP A 412 -12.05 -1.99 22.73
C TRP A 412 -11.26 -0.75 22.32
N ARG A 413 -11.07 -0.52 21.02
CA ARG A 413 -10.35 0.68 20.61
C ARG A 413 -11.20 1.93 20.80
N VAL A 414 -12.53 1.80 20.68
CA VAL A 414 -13.40 2.92 21.01
C VAL A 414 -13.31 3.25 22.50
N ARG A 415 -13.26 2.22 23.34
CA ARG A 415 -13.08 2.45 24.78
C ARG A 415 -11.74 3.11 25.06
N LEU A 416 -10.69 2.68 24.36
CA LEU A 416 -9.40 3.34 24.51
C LEU A 416 -9.46 4.80 24.10
N ALA A 417 -10.15 5.09 22.99
CA ALA A 417 -10.27 6.47 22.52
C ALA A 417 -11.00 7.34 23.52
N ILE A 418 -12.09 6.84 24.11
CA ILE A 418 -12.78 7.63 25.12
C ILE A 418 -11.96 7.72 26.41
N ILE A 419 -11.09 6.74 26.67
CA ILE A 419 -10.22 6.82 27.84
C ILE A 419 -9.21 7.96 27.68
N GLU A 420 -8.66 8.11 26.46
CA GLU A 420 -7.63 9.12 26.26
C GLU A 420 -8.14 10.53 26.50
N TYR A 421 -9.44 10.77 26.36
CA TYR A 421 -10.01 12.09 26.59
C TYR A 421 -10.53 12.29 28.01
N MET A 422 -10.42 11.29 28.87
CA MET A 422 -11.03 11.38 30.20
C MET A 422 -10.50 12.53 31.05
N PRO A 423 -9.19 12.79 31.14
CA PRO A 423 -8.75 13.91 32.00
C PRO A 423 -9.34 15.25 31.62
N LEU A 424 -9.48 15.53 30.33
CA LEU A 424 -10.07 16.81 29.90
C LEU A 424 -11.51 16.92 30.36
N LEU A 425 -12.29 15.86 30.17
CA LEU A 425 -13.68 15.86 30.59
C LEU A 425 -13.79 16.01 32.10
N ALA A 426 -12.93 15.33 32.85
CA ALA A 426 -12.95 15.44 34.29
C ALA A 426 -12.61 16.85 34.75
N GLY A 427 -11.62 17.48 34.12
CA GLY A 427 -11.29 18.85 34.46
C GLY A 427 -12.40 19.83 34.14
N GLN A 428 -13.05 19.66 32.99
CA GLN A 428 -14.10 20.58 32.60
C GLN A 428 -15.35 20.39 33.45
N LEU A 429 -15.72 19.15 33.75
CA LEU A 429 -16.96 18.86 34.44
C LEU A 429 -16.89 19.06 35.95
N GLY A 430 -15.70 19.31 36.50
CA GLY A 430 -15.56 19.56 37.91
C GLY A 430 -15.35 18.30 38.73
N VAL A 431 -14.90 18.49 39.96
CA VAL A 431 -14.58 17.37 40.84
C VAL A 431 -15.85 16.64 41.27
N GLU A 432 -16.88 17.39 41.65
CA GLU A 432 -18.09 16.78 42.21
C GLU A 432 -18.80 15.91 41.19
N PHE A 433 -18.92 16.39 39.95
CA PHE A 433 -19.59 15.60 38.92
C PHE A 433 -18.83 14.31 38.63
N PHE A 434 -17.50 14.39 38.54
CA PHE A 434 -16.71 13.19 38.30
C PHE A 434 -16.87 12.21 39.44
N ASP A 435 -16.79 12.69 40.69
CA ASP A 435 -16.92 11.79 41.83
C ASP A 435 -18.30 11.16 41.89
N GLU A 436 -19.34 11.91 41.52
CA GLU A 436 -20.70 11.37 41.59
C GLU A 436 -20.98 10.38 40.46
N LYS A 437 -20.49 10.65 39.26
CA LYS A 437 -20.90 9.90 38.08
C LYS A 437 -19.75 9.19 37.38
N LEU A 438 -18.65 9.88 37.11
CA LEU A 438 -17.60 9.34 36.26
C LEU A 438 -16.61 8.44 36.99
N ASN A 439 -16.65 8.40 38.33
CA ASN A 439 -15.68 7.59 39.07
C ASN A 439 -15.88 6.11 38.77
N SER A 440 -17.13 5.67 38.67
CA SER A 440 -17.41 4.26 38.45
C SER A 440 -16.84 3.78 37.12
N LEU A 441 -16.94 4.61 36.08
CA LEU A 441 -16.39 4.23 34.78
C LEU A 441 -14.89 4.05 34.86
N CYS A 442 -14.19 5.00 35.49
CA CYS A 442 -12.74 4.90 35.61
C CYS A 442 -12.33 3.68 36.40
N MET A 443 -13.05 3.37 37.49
CA MET A 443 -12.73 2.19 38.27
C MET A 443 -13.01 0.91 37.51
N ALA A 444 -14.09 0.88 36.73
CA ALA A 444 -14.45 -0.31 35.98
C ALA A 444 -13.58 -0.51 34.74
N TRP A 445 -12.87 0.52 34.30
CA TRP A 445 -11.93 0.32 33.19
C TRP A 445 -10.74 -0.52 33.61
N LEU A 446 -10.32 -0.43 34.88
CA LEU A 446 -9.15 -1.14 35.35
C LEU A 446 -9.34 -2.65 35.39
N VAL A 447 -10.57 -3.14 35.31
CA VAL A 447 -10.82 -4.57 35.37
C VAL A 447 -11.34 -5.06 34.02
N ASP A 448 -10.99 -4.36 32.95
CA ASP A 448 -11.42 -4.78 31.64
C ASP A 448 -10.65 -6.03 31.20
N HIS A 449 -11.26 -6.77 30.27
CA HIS A 449 -10.61 -7.97 29.75
C HIS A 449 -9.33 -7.62 28.99
N VAL A 450 -9.38 -6.57 28.18
CA VAL A 450 -8.23 -6.19 27.36
C VAL A 450 -7.18 -5.52 28.23
N TYR A 451 -5.94 -5.98 28.12
CA TYR A 451 -4.86 -5.40 28.92
C TYR A 451 -4.57 -3.97 28.52
N ALA A 452 -4.69 -3.65 27.23
CA ALA A 452 -4.43 -2.29 26.77
C ALA A 452 -5.38 -1.30 27.45
N ILE A 453 -6.63 -1.70 27.65
CA ILE A 453 -7.58 -0.85 28.36
C ILE A 453 -7.15 -0.64 29.79
N ARG A 454 -6.66 -1.70 30.45
CA ARG A 454 -6.20 -1.55 31.82
C ARG A 454 -5.01 -0.61 31.92
N GLU A 455 -4.07 -0.73 30.98
CA GLU A 455 -2.92 0.16 30.97
C GLU A 455 -3.32 1.61 30.71
N ALA A 456 -4.24 1.81 29.76
CA ALA A 456 -4.72 3.16 29.47
C ALA A 456 -5.44 3.75 30.67
N ALA A 457 -6.24 2.95 31.37
CA ALA A 457 -6.92 3.43 32.56
C ALA A 457 -5.93 3.74 33.68
N THR A 458 -4.83 3.00 33.76
CA THR A 458 -3.79 3.30 34.74
C THR A 458 -3.17 4.66 34.46
N SER A 459 -2.82 4.92 33.20
CA SER A 459 -2.29 6.23 32.83
C SER A 459 -3.31 7.32 33.08
N ASN A 460 -4.59 7.04 32.80
CA ASN A 460 -5.65 7.99 33.07
C ASN A 460 -5.74 8.31 34.55
N LEU A 461 -5.58 7.30 35.41
CA LEU A 461 -5.56 7.55 36.85
C LEU A 461 -4.41 8.45 37.23
N LYS A 462 -3.24 8.23 36.63
CA LYS A 462 -2.10 9.11 36.91
C LYS A 462 -2.43 10.55 36.55
N LYS A 463 -3.00 10.76 35.36
CA LYS A 463 -3.31 12.13 34.92
C LYS A 463 -4.41 12.75 35.79
N LEU A 464 -5.40 11.95 36.19
CA LEU A 464 -6.45 12.47 37.05
C LEU A 464 -5.91 12.87 38.41
N VAL A 465 -4.96 12.11 38.94
CA VAL A 465 -4.30 12.50 40.18
C VAL A 465 -3.55 13.82 39.98
N GLU A 466 -2.80 13.92 38.89
CA GLU A 466 -2.06 15.14 38.60
C GLU A 466 -3.00 16.35 38.53
N LYS A 467 -4.22 16.13 38.03
CA LYS A 467 -5.15 17.24 37.86
C LYS A 467 -5.86 17.60 39.16
N PHE A 468 -6.33 16.60 39.90
CA PHE A 468 -7.19 16.81 41.06
C PHE A 468 -6.43 16.87 42.38
N GLY A 469 -5.11 16.72 42.39
CA GLY A 469 -4.37 16.82 43.63
C GLY A 469 -4.29 15.51 44.38
N LYS A 470 -3.52 15.56 45.48
CA LYS A 470 -3.22 14.35 46.23
C LYS A 470 -4.41 13.93 47.11
N GLU A 471 -5.12 14.90 47.68
CA GLU A 471 -6.14 14.59 48.67
C GLU A 471 -7.33 13.84 48.05
N TRP A 472 -7.76 14.26 46.86
CA TRP A 472 -8.87 13.56 46.20
C TRP A 472 -8.48 12.13 45.87
N ALA A 473 -7.26 11.93 45.38
CA ALA A 473 -6.80 10.58 45.08
C ALA A 473 -6.76 9.73 46.34
N HIS A 474 -6.29 10.32 47.44
CA HIS A 474 -6.24 9.57 48.71
C HIS A 474 -7.63 9.20 49.18
N ALA A 475 -8.59 10.12 49.05
CA ALA A 475 -9.92 9.88 49.59
C ALA A 475 -10.77 8.97 48.71
N THR A 476 -10.55 8.96 47.40
CA THR A 476 -11.49 8.35 46.47
C THR A 476 -10.98 7.08 45.81
N ILE A 477 -9.82 7.13 45.15
CA ILE A 477 -9.43 6.05 44.25
C ILE A 477 -8.50 5.04 44.94
N ILE A 478 -7.64 5.52 45.83
CA ILE A 478 -6.66 4.63 46.45
C ILE A 478 -7.31 3.50 47.22
N PRO A 479 -8.31 3.72 48.09
CA PRO A 479 -8.99 2.58 48.73
C PRO A 479 -9.67 1.67 47.73
N LYS A 480 -9.97 2.15 46.53
CA LYS A 480 -10.57 1.30 45.50
C LYS A 480 -9.54 0.52 44.71
N VAL A 481 -8.37 1.11 44.44
CA VAL A 481 -7.33 0.36 43.74
C VAL A 481 -6.71 -0.68 44.66
N LEU A 482 -6.64 -0.41 45.96
CA LEU A 482 -6.10 -1.41 46.88
C LEU A 482 -7.04 -2.59 47.07
N ALA A 483 -8.35 -2.40 46.86
CA ALA A 483 -9.28 -3.51 47.01
C ALA A 483 -9.12 -4.56 45.92
N MET A 484 -8.50 -4.22 44.79
CA MET A 484 -8.26 -5.18 43.73
C MET A 484 -7.18 -6.19 44.09
N SER A 485 -6.46 -5.98 45.18
CA SER A 485 -5.41 -6.91 45.59
C SER A 485 -5.98 -8.29 45.92
N GLY A 486 -7.22 -8.35 46.38
CA GLY A 486 -7.86 -9.59 46.72
C GLY A 486 -8.55 -10.31 45.58
N ASP A 487 -8.37 -9.82 44.35
CA ASP A 487 -9.03 -10.42 43.20
C ASP A 487 -8.51 -11.83 42.99
N PRO A 488 -9.39 -12.82 42.73
CA PRO A 488 -8.93 -14.19 42.46
C PRO A 488 -8.21 -14.35 41.14
N ASN A 489 -8.01 -13.28 40.38
CA ASN A 489 -7.26 -13.31 39.13
C ASN A 489 -5.96 -12.56 39.31
N TYR A 490 -4.86 -13.15 38.85
CA TYR A 490 -3.54 -12.56 39.08
C TYR A 490 -3.33 -11.33 38.20
N LEU A 491 -4.04 -11.26 37.07
CA LEU A 491 -3.92 -10.11 36.19
C LEU A 491 -4.40 -8.84 36.89
N HIS A 492 -5.50 -8.93 37.64
CA HIS A 492 -5.98 -7.76 38.37
C HIS A 492 -5.08 -7.39 39.53
N ARG A 493 -4.43 -8.38 40.15
CA ARG A 493 -3.44 -8.06 41.17
C ARG A 493 -2.25 -7.32 40.58
N MET A 494 -1.77 -7.76 39.41
CA MET A 494 -0.72 -6.99 38.75
C MET A 494 -1.23 -5.61 38.33
N THR A 495 -2.52 -5.50 38.02
CA THR A 495 -3.08 -4.18 37.73
C THR A 495 -2.99 -3.27 38.95
N THR A 496 -3.28 -3.82 40.13
CA THR A 496 -3.09 -3.07 41.37
C THR A 496 -1.64 -2.61 41.50
N LEU A 497 -0.70 -3.52 41.23
CA LEU A 497 0.71 -3.16 41.35
C LEU A 497 1.09 -2.06 40.36
N PHE A 498 0.59 -2.15 39.12
CA PHE A 498 0.89 -1.13 38.12
C PHE A 498 0.30 0.22 38.51
N CYS A 499 -0.91 0.22 39.04
CA CYS A 499 -1.52 1.47 39.52
C CYS A 499 -0.70 2.08 40.63
N ILE A 500 -0.23 1.26 41.57
CA ILE A 500 0.63 1.78 42.64
C ILE A 500 1.92 2.35 42.07
N ASN A 501 2.50 1.65 41.09
CA ASN A 501 3.75 2.11 40.49
C ASN A 501 3.57 3.48 39.84
N VAL A 502 2.47 3.67 39.11
CA VAL A 502 2.31 4.93 38.42
C VAL A 502 1.88 6.04 39.38
N LEU A 503 1.16 5.69 40.46
CA LEU A 503 0.72 6.70 41.41
C LEU A 503 1.86 7.21 42.28
N SER A 504 2.81 6.33 42.64
CA SER A 504 3.86 6.72 43.56
C SER A 504 4.67 7.91 43.07
N GLU A 505 4.72 8.14 41.75
CA GLU A 505 5.49 9.26 41.23
C GLU A 505 4.93 10.60 41.68
N VAL A 506 3.60 10.73 41.73
CA VAL A 506 2.96 12.00 41.95
C VAL A 506 2.26 12.09 43.30
N CYS A 507 1.71 11.00 43.82
CA CYS A 507 0.85 11.05 45.00
C CYS A 507 1.56 11.59 46.23
N GLY A 508 2.87 11.40 46.33
CA GLY A 508 3.62 11.93 47.46
C GLY A 508 4.33 10.84 48.23
N GLN A 509 5.40 11.25 48.93
CA GLN A 509 6.23 10.29 49.65
C GLN A 509 5.51 9.77 50.89
N ASP A 510 4.90 10.67 51.67
CA ASP A 510 4.28 10.26 52.93
C ASP A 510 3.13 9.29 52.68
N ILE A 511 2.28 9.59 51.71
CA ILE A 511 1.13 8.73 51.43
C ILE A 511 1.59 7.39 50.85
N THR A 512 2.63 7.41 50.02
CA THR A 512 3.18 6.18 49.48
C THR A 512 3.71 5.29 50.60
N THR A 513 4.42 5.88 51.56
CA THR A 513 4.96 5.12 52.67
C THR A 513 3.85 4.62 53.59
N LYS A 514 2.78 5.40 53.75
CA LYS A 514 1.77 5.07 54.75
C LYS A 514 0.67 4.16 54.24
N HIS A 515 0.25 4.31 52.99
CA HIS A 515 -0.90 3.59 52.46
C HIS A 515 -0.57 2.57 51.38
N MET A 516 0.14 2.96 50.34
CA MET A 516 0.41 2.06 49.22
C MET A 516 1.44 1.00 49.56
N LEU A 517 2.49 1.37 50.29
CA LEU A 517 3.55 0.43 50.65
C LEU A 517 3.07 -0.79 51.43
N PRO A 518 2.16 -0.68 52.42
CA PRO A 518 1.73 -1.88 53.16
C PRO A 518 1.18 -2.99 52.28
N THR A 519 0.58 -2.65 51.15
CA THR A 519 0.04 -3.65 50.22
C THR A 519 1.10 -4.20 49.28
N VAL A 520 2.06 -3.38 48.85
CA VAL A 520 3.15 -3.88 47.99
C VAL A 520 3.94 -4.95 48.73
N LEU A 521 4.28 -4.68 49.99
CA LEU A 521 5.01 -5.66 50.78
C LEU A 521 4.16 -6.86 51.13
N ARG A 522 2.85 -6.67 51.24
CA ARG A 522 1.96 -7.78 51.58
C ARG A 522 1.80 -8.77 50.43
N MET A 523 1.83 -8.29 49.19
CA MET A 523 1.69 -9.17 48.02
C MET A 523 2.99 -9.86 47.64
N ALA A 524 4.08 -9.62 48.37
CA ALA A 524 5.32 -10.35 48.11
C ALA A 524 5.21 -11.83 48.46
N GLY A 525 4.16 -12.23 49.18
CA GLY A 525 3.94 -13.63 49.46
C GLY A 525 2.86 -14.24 48.58
N ASP A 526 2.58 -13.59 47.46
CA ASP A 526 1.55 -14.08 46.55
C ASP A 526 1.97 -15.43 45.95
N PRO A 527 1.05 -16.38 45.84
CA PRO A 527 1.42 -17.70 45.27
C PRO A 527 1.93 -17.63 43.85
N VAL A 528 1.41 -16.71 43.04
CA VAL A 528 1.81 -16.64 41.63
C VAL A 528 3.13 -15.89 41.52
N ALA A 529 4.09 -16.47 40.82
CA ALA A 529 5.41 -15.86 40.70
C ALA A 529 5.38 -14.56 39.92
N ASN A 530 4.43 -14.42 38.99
CA ASN A 530 4.30 -13.18 38.24
C ASN A 530 4.04 -12.00 39.19
N VAL A 531 3.12 -12.19 40.12
CA VAL A 531 2.83 -11.14 41.10
C VAL A 531 4.06 -10.85 41.94
N ARG A 532 4.83 -11.89 42.28
CA ARG A 532 5.99 -11.67 43.14
C ARG A 532 7.08 -10.86 42.45
N PHE A 533 7.45 -11.22 41.21
CA PHE A 533 8.49 -10.41 40.59
C PHE A 533 7.97 -9.06 40.13
N ASN A 534 6.65 -8.92 39.93
CA ASN A 534 6.11 -7.58 39.73
C ASN A 534 6.16 -6.76 41.01
N VAL A 535 6.01 -7.41 42.18
CA VAL A 535 6.23 -6.72 43.45
C VAL A 535 7.67 -6.27 43.55
N ALA A 536 8.61 -7.11 43.13
CA ALA A 536 10.02 -6.73 43.14
C ALA A 536 10.25 -5.52 42.23
N LYS A 537 9.68 -5.52 41.04
CA LYS A 537 9.82 -4.39 40.14
C LYS A 537 9.16 -3.14 40.71
N SER A 538 8.03 -3.30 41.39
CA SER A 538 7.35 -2.19 42.03
C SER A 538 8.22 -1.55 43.10
N LEU A 539 8.83 -2.39 43.95
CA LEU A 539 9.72 -1.87 44.97
C LEU A 539 10.93 -1.19 44.36
N GLN A 540 11.43 -1.73 43.25
CA GLN A 540 12.53 -1.05 42.55
C GLN A 540 12.11 0.32 42.05
N LYS A 541 10.90 0.43 41.49
CA LYS A 541 10.48 1.69 40.89
C LYS A 541 10.16 2.73 41.95
N ILE A 542 9.42 2.36 43.00
CA ILE A 542 9.00 3.31 44.01
C ILE A 542 10.03 3.52 45.11
N GLY A 543 11.20 2.91 44.99
CA GLY A 543 12.25 3.04 45.97
C GLY A 543 12.75 4.46 46.18
N PRO A 544 13.07 5.18 45.09
CA PRO A 544 13.54 6.56 45.26
C PRO A 544 12.56 7.47 45.98
N ILE A 545 11.26 7.25 45.82
CA ILE A 545 10.28 8.10 46.49
C ILE A 545 10.37 7.94 48.00
N LEU A 546 10.51 6.70 48.47
CA LEU A 546 10.55 6.44 49.90
C LEU A 546 11.84 6.95 50.51
N ASP A 547 11.77 7.24 51.82
CA ASP A 547 12.94 7.66 52.57
C ASP A 547 13.87 6.48 52.82
N ASN A 548 15.17 6.77 52.90
CA ASN A 548 16.17 5.71 53.02
C ASN A 548 15.95 4.84 54.25
N SER A 549 15.42 5.43 55.33
CA SER A 549 15.14 4.64 56.52
C SER A 549 14.12 3.55 56.23
N THR A 550 13.09 3.86 55.45
CA THR A 550 12.09 2.86 55.09
C THR A 550 12.70 1.75 54.25
N LEU A 551 13.58 2.11 53.30
CA LEU A 551 14.26 1.09 52.51
C LEU A 551 15.10 0.17 53.37
N GLN A 552 15.86 0.76 54.31
CA GLN A 552 16.70 -0.05 55.19
C GLN A 552 15.88 -0.84 56.21
N SER A 553 14.62 -0.45 56.43
CA SER A 553 13.82 -1.08 57.46
C SER A 553 12.99 -2.25 56.94
N GLU A 554 12.17 -2.02 55.91
CA GLU A 554 11.21 -3.02 55.45
C GLU A 554 11.43 -3.47 54.02
N VAL A 555 11.90 -2.58 53.14
CA VAL A 555 12.10 -2.97 51.74
C VAL A 555 13.24 -3.97 51.61
N LYS A 556 14.36 -3.69 52.28
CA LYS A 556 15.54 -4.54 52.16
C LYS A 556 15.29 -5.97 52.62
N PRO A 557 14.70 -6.24 53.79
CA PRO A 557 14.42 -7.64 54.16
C PRO A 557 13.48 -8.34 53.18
N ILE A 558 12.51 -7.62 52.63
CA ILE A 558 11.59 -8.23 51.68
C ILE A 558 12.32 -8.60 50.39
N LEU A 559 13.20 -7.72 49.90
CA LEU A 559 13.98 -8.07 48.72
C LEU A 559 14.93 -9.23 49.00
N GLU A 560 15.51 -9.26 50.20
CA GLU A 560 16.38 -10.37 50.56
C GLU A 560 15.61 -11.69 50.57
N LYS A 561 14.38 -11.67 51.11
CA LYS A 561 13.56 -12.87 51.09
C LYS A 561 13.19 -13.27 49.67
N LEU A 562 12.88 -12.29 48.82
CA LEU A 562 12.55 -12.60 47.43
C LEU A 562 13.74 -13.16 46.67
N THR A 563 14.97 -12.79 47.05
CA THR A 563 16.14 -13.39 46.41
C THR A 563 16.29 -14.87 46.70
N GLN A 564 15.54 -15.41 47.65
CA GLN A 564 15.57 -16.83 47.97
C GLN A 564 14.39 -17.59 47.38
N ASP A 565 13.66 -16.98 46.45
CA ASP A 565 12.49 -17.63 45.89
C ASP A 565 12.89 -18.75 44.94
N GLN A 566 11.96 -19.69 44.74
CA GLN A 566 12.21 -20.80 43.83
C GLN A 566 12.27 -20.35 42.39
N ASP A 567 11.41 -19.41 41.99
CA ASP A 567 11.37 -18.97 40.61
C ASP A 567 12.61 -18.18 40.25
N VAL A 568 13.14 -18.42 39.05
CA VAL A 568 14.34 -17.73 38.61
C VAL A 568 14.05 -16.26 38.33
N ASP A 569 12.88 -15.96 37.77
CA ASP A 569 12.55 -14.57 37.46
C ASP A 569 12.43 -13.73 38.72
N VAL A 570 11.82 -14.28 39.77
CA VAL A 570 11.70 -13.55 41.03
C VAL A 570 13.08 -13.23 41.59
N LYS A 571 13.97 -14.21 41.59
CA LYS A 571 15.32 -13.99 42.10
C LYS A 571 16.06 -12.95 41.27
N TYR A 572 15.97 -13.04 39.94
CA TYR A 572 16.68 -12.09 39.09
C TYR A 572 16.17 -10.68 39.32
N PHE A 573 14.85 -10.50 39.41
CA PHE A 573 14.32 -9.16 39.55
C PHE A 573 14.55 -8.61 40.96
N ALA A 574 14.54 -9.46 41.98
CA ALA A 574 14.90 -9.01 43.32
C ALA A 574 16.37 -8.58 43.37
N GLN A 575 17.25 -9.33 42.72
CA GLN A 575 18.65 -8.93 42.67
C GLN A 575 18.82 -7.61 41.91
N GLU A 576 18.07 -7.44 40.82
CA GLU A 576 18.14 -6.18 40.08
C GLU A 576 17.66 -5.02 40.93
N ALA A 577 16.58 -5.22 41.69
CA ALA A 577 16.08 -4.16 42.57
C ALA A 577 17.10 -3.82 43.65
N LEU A 578 17.72 -4.84 44.25
CA LEU A 578 18.73 -4.59 45.27
C LEU A 578 19.92 -3.82 44.70
N THR A 579 20.37 -4.20 43.51
CA THR A 579 21.49 -3.50 42.88
C THR A 579 21.14 -2.06 42.54
N VAL A 580 19.94 -1.84 41.99
CA VAL A 580 19.56 -0.49 41.57
C VAL A 580 19.38 0.41 42.78
N LEU A 581 18.69 -0.05 43.81
CA LEU A 581 18.49 0.73 45.02
C LEU A 581 19.72 0.79 45.92
N SER A 582 20.75 -0.01 45.61
CA SER A 582 21.98 -0.05 46.40
C SER A 582 21.70 -0.41 47.86
N LEU A 583 20.72 -1.30 48.06
CA LEU A 583 20.41 -1.77 49.41
C LEU A 583 21.31 -2.90 49.86
N ALA A 584 22.15 -3.43 48.97
CA ALA A 584 23.08 -4.50 49.33
C ALA A 584 24.27 -4.50 48.39
N ASN B 12 -8.23 0.50 -54.49
CA ASN B 12 -9.19 -0.31 -53.75
C ASN B 12 -8.55 -0.96 -52.53
N ASP B 13 -8.60 -2.28 -52.46
CA ASP B 13 -8.03 -3.01 -51.32
C ASP B 13 -6.53 -2.78 -51.24
N ILE B 14 -6.02 -2.73 -50.01
CA ILE B 14 -4.58 -2.59 -49.80
C ILE B 14 -3.89 -3.89 -50.21
N GLN B 15 -2.81 -3.77 -50.97
CA GLN B 15 -2.07 -4.92 -51.47
C GLN B 15 -1.06 -5.34 -50.41
N TRP B 16 -1.51 -6.15 -49.46
CA TRP B 16 -0.65 -6.59 -48.38
C TRP B 16 0.38 -7.58 -48.91
N CYS B 17 1.61 -7.46 -48.42
CA CYS B 17 2.72 -8.28 -48.86
C CYS B 17 3.47 -8.84 -47.66
N PHE B 18 4.03 -10.03 -47.83
CA PHE B 18 4.84 -10.64 -46.79
C PHE B 18 6.13 -9.84 -46.62
N SER B 19 6.46 -9.48 -45.38
CA SER B 19 7.70 -8.77 -45.10
C SER B 19 8.63 -9.58 -44.23
N GLN B 20 8.20 -10.02 -43.04
CA GLN B 20 9.10 -10.70 -42.13
C GLN B 20 8.35 -11.76 -41.33
N VAL B 21 9.10 -12.73 -40.83
CA VAL B 21 8.61 -13.70 -39.86
C VAL B 21 9.68 -13.88 -38.79
N LYS B 22 9.24 -13.93 -37.53
CA LYS B 22 10.13 -14.02 -36.38
C LYS B 22 9.69 -15.23 -35.55
N GLY B 23 10.58 -16.20 -35.38
CA GLY B 23 10.27 -17.33 -34.54
C GLY B 23 10.90 -18.60 -35.09
N ALA B 24 10.52 -19.71 -34.46
CA ALA B 24 11.05 -21.01 -34.88
C ALA B 24 10.47 -21.42 -36.23
N VAL B 25 11.31 -22.06 -37.04
CA VAL B 25 10.88 -22.53 -38.35
C VAL B 25 10.12 -23.85 -38.28
N ASP B 26 10.04 -24.45 -37.10
CA ASP B 26 9.36 -25.72 -36.89
C ASP B 26 8.01 -25.46 -36.23
N ASP B 27 7.30 -26.56 -35.92
CA ASP B 27 6.02 -26.49 -35.25
C ASP B 27 6.15 -26.70 -33.74
N ASP B 28 7.36 -26.72 -33.22
CA ASP B 28 7.60 -26.92 -31.78
C ASP B 28 7.20 -25.65 -31.05
N VAL B 29 5.97 -25.61 -30.55
CA VAL B 29 5.49 -24.44 -29.83
C VAL B 29 6.21 -24.30 -28.48
N ALA B 30 6.48 -25.44 -27.82
CA ALA B 30 7.19 -25.51 -26.55
C ALA B 30 6.37 -24.92 -25.39
N GLU B 31 5.22 -24.33 -25.71
CA GLU B 31 4.22 -23.90 -24.74
C GLU B 31 4.71 -22.71 -23.92
N ALA B 32 5.99 -22.36 -24.07
CA ALA B 32 6.56 -21.21 -23.38
C ALA B 32 6.96 -20.10 -24.32
N ASP B 33 7.04 -20.37 -25.62
CA ASP B 33 7.35 -19.38 -26.63
C ASP B 33 6.10 -18.86 -27.34
N ILE B 34 4.92 -19.18 -26.82
CA ILE B 34 3.68 -18.76 -27.45
C ILE B 34 3.43 -17.30 -27.14
N ILE B 35 3.28 -16.48 -28.19
CA ILE B 35 3.10 -15.05 -28.01
C ILE B 35 1.71 -14.78 -27.46
N SER B 36 1.63 -13.92 -26.44
CA SER B 36 0.38 -13.59 -25.80
C SER B 36 0.01 -12.12 -25.88
N THR B 37 0.87 -11.26 -26.44
CA THR B 37 0.52 -9.87 -26.64
C THR B 37 1.46 -9.26 -27.66
N VAL B 38 0.91 -8.37 -28.50
CA VAL B 38 1.68 -7.65 -29.51
C VAL B 38 1.29 -6.18 -29.42
N GLU B 39 2.28 -5.29 -29.46
CA GLU B 39 2.02 -3.87 -29.24
C GLU B 39 3.09 -3.03 -29.91
N PHE B 40 2.66 -2.02 -30.67
CA PHE B 40 3.54 -0.98 -31.18
C PHE B 40 3.63 0.15 -30.17
N ASN B 41 4.69 0.94 -30.25
CA ASN B 41 4.78 2.12 -29.41
C ASN B 41 4.19 3.32 -30.13
N HIS B 42 4.21 4.47 -29.46
CA HIS B 42 3.50 5.64 -29.97
C HIS B 42 4.09 6.14 -31.28
N SER B 43 5.41 6.14 -31.40
CA SER B 43 6.05 6.52 -32.65
C SER B 43 5.98 5.42 -33.70
N GLY B 44 5.81 4.17 -33.28
CA GLY B 44 5.71 3.06 -34.19
C GLY B 44 7.01 2.37 -34.55
N GLU B 45 8.15 2.90 -34.11
CA GLU B 45 9.43 2.30 -34.45
C GLU B 45 9.77 1.10 -33.59
N LEU B 46 9.08 0.90 -32.47
CA LEU B 46 9.35 -0.20 -31.56
C LEU B 46 8.12 -1.10 -31.48
N LEU B 47 8.36 -2.40 -31.46
CA LEU B 47 7.30 -3.40 -31.42
C LEU B 47 7.63 -4.42 -30.35
N ALA B 48 6.79 -4.51 -29.32
CA ALA B 48 7.05 -5.39 -28.19
C ALA B 48 6.08 -6.56 -28.20
N THR B 49 6.60 -7.75 -27.89
CA THR B 49 5.79 -8.94 -27.75
C THR B 49 6.15 -9.65 -26.45
N GLY B 50 5.14 -10.02 -25.69
CA GLY B 50 5.31 -10.85 -24.52
C GLY B 50 4.83 -12.25 -24.81
N ASP B 51 5.40 -13.24 -24.12
CA ASP B 51 5.02 -14.62 -24.38
C ASP B 51 4.55 -15.30 -23.09
N LYS B 52 4.15 -16.57 -23.21
CA LYS B 52 3.67 -17.32 -22.07
C LYS B 52 4.75 -17.53 -21.02
N GLY B 53 6.01 -17.52 -21.43
CA GLY B 53 7.11 -17.73 -20.50
C GLY B 53 7.52 -16.54 -19.70
N GLY B 54 6.84 -15.40 -19.89
CA GLY B 54 7.19 -14.20 -19.17
C GLY B 54 8.25 -13.33 -19.83
N ARG B 55 8.67 -13.67 -21.04
CA ARG B 55 9.67 -12.88 -21.73
C ARG B 55 9.01 -11.79 -22.57
N VAL B 56 9.68 -10.65 -22.64
CA VAL B 56 9.30 -9.55 -23.51
C VAL B 56 10.45 -9.32 -24.49
N VAL B 57 10.13 -9.30 -25.78
CA VAL B 57 11.09 -9.06 -26.85
C VAL B 57 10.66 -7.81 -27.59
N ILE B 58 11.59 -6.87 -27.75
CA ILE B 58 11.34 -5.61 -28.42
C ILE B 58 12.15 -5.59 -29.72
N PHE B 59 11.46 -5.36 -30.83
CA PHE B 59 12.06 -5.21 -32.15
C PHE B 59 12.06 -3.74 -32.53
N GLN B 60 13.15 -3.28 -33.12
CA GLN B 60 13.27 -1.90 -33.57
C GLN B 60 13.31 -1.85 -35.09
N GLN B 61 12.53 -0.94 -35.66
CA GLN B 61 12.54 -0.77 -37.11
C GLN B 61 13.86 -0.18 -37.57
N GLU B 62 14.37 -0.71 -38.68
CA GLU B 62 15.63 -0.22 -39.24
C GLU B 62 15.38 1.12 -39.92
N GLN B 63 15.96 2.18 -39.35
CA GLN B 63 15.79 3.53 -39.86
C GLN B 63 17.02 3.92 -40.68
N GLU B 64 16.79 4.46 -41.87
CA GLU B 64 17.87 4.89 -42.73
C GLU B 64 18.12 6.39 -42.60
N HIS B 70 5.82 5.83 -45.58
CA HIS B 70 7.16 6.39 -45.65
C HIS B 70 8.22 5.34 -45.34
N SER B 71 8.58 5.22 -44.07
CA SER B 71 9.63 4.30 -43.66
C SER B 71 9.13 2.86 -43.74
N ARG B 72 9.73 2.08 -44.64
CA ARG B 72 9.36 0.68 -44.83
C ARG B 72 10.50 -0.25 -44.44
N GLY B 73 11.31 0.15 -43.46
CA GLY B 73 12.41 -0.68 -43.02
C GLY B 73 11.92 -1.90 -42.26
N GLU B 74 12.83 -2.85 -42.09
CA GLU B 74 12.52 -4.10 -41.41
C GLU B 74 12.73 -3.96 -39.91
N TYR B 75 12.18 -4.92 -39.17
CA TYR B 75 12.29 -4.94 -37.71
C TYR B 75 13.31 -5.98 -37.30
N ASN B 76 14.23 -5.58 -36.42
CA ASN B 76 15.27 -6.46 -35.92
C ASN B 76 15.25 -6.44 -34.39
N VAL B 77 15.82 -7.48 -33.79
CA VAL B 77 15.78 -7.61 -32.34
C VAL B 77 16.51 -6.44 -31.71
N TYR B 78 15.85 -5.77 -30.79
CA TYR B 78 16.38 -4.59 -30.10
C TYR B 78 16.65 -4.85 -28.63
N SER B 79 15.75 -5.57 -27.95
CA SER B 79 15.96 -5.89 -26.55
C SER B 79 15.19 -7.15 -26.21
N THR B 80 15.62 -7.82 -25.13
CA THR B 80 14.95 -9.01 -24.64
C THR B 80 15.13 -9.07 -23.14
N PHE B 81 14.06 -9.34 -22.41
CA PHE B 81 14.18 -9.47 -20.96
C PHE B 81 13.08 -10.37 -20.42
N GLN B 82 13.26 -10.80 -19.17
CA GLN B 82 12.30 -11.64 -18.48
C GLN B 82 11.45 -10.74 -17.60
N SER B 83 10.23 -10.44 -18.06
CA SER B 83 9.38 -9.52 -17.33
C SER B 83 8.88 -10.13 -16.02
N HIS B 84 8.37 -11.35 -16.08
CA HIS B 84 7.75 -11.99 -14.93
C HIS B 84 8.32 -13.39 -14.74
N GLU B 85 8.35 -13.82 -13.49
CA GLU B 85 8.80 -15.15 -13.11
C GLU B 85 7.64 -15.94 -12.51
N PRO B 86 7.64 -17.26 -12.66
CA PRO B 86 6.59 -18.06 -12.02
C PRO B 86 6.64 -17.90 -10.51
N GLU B 87 5.46 -17.87 -9.88
CA GLU B 87 5.41 -17.66 -8.45
C GLU B 87 4.44 -18.64 -7.81
N PHE B 88 4.45 -18.65 -6.48
CA PHE B 88 3.51 -19.45 -5.71
C PHE B 88 2.82 -18.56 -4.69
N ASP B 89 1.50 -18.56 -4.70
CA ASP B 89 0.68 -17.86 -3.72
C ASP B 89 0.50 -18.81 -2.54
N TYR B 90 1.30 -18.60 -1.49
CA TYR B 90 1.14 -19.37 -0.26
C TYR B 90 -0.18 -19.03 0.42
N LEU B 91 -0.60 -17.78 0.30
CA LEU B 91 -1.84 -17.34 0.92
C LEU B 91 -3.04 -18.11 0.40
N LYS B 92 -2.97 -18.58 -0.85
CA LYS B 92 -4.01 -19.42 -1.43
C LYS B 92 -3.47 -20.75 -1.94
N SER B 93 -2.15 -20.97 -1.83
CA SER B 93 -1.51 -22.22 -2.28
C SER B 93 -1.81 -22.51 -3.75
N LEU B 94 -1.56 -21.53 -4.60
CA LEU B 94 -1.84 -21.65 -6.02
C LEU B 94 -0.67 -21.16 -6.85
N GLU B 95 -0.44 -21.80 -8.00
CA GLU B 95 0.60 -21.36 -8.90
C GLU B 95 0.19 -20.07 -9.59
N ILE B 96 1.08 -19.07 -9.56
CA ILE B 96 0.85 -17.79 -10.21
C ILE B 96 1.68 -17.78 -11.49
N GLU B 97 0.98 -17.70 -12.62
CA GLU B 97 1.63 -17.82 -13.92
C GLU B 97 2.41 -16.56 -14.26
N GLU B 98 3.47 -16.74 -15.04
CA GLU B 98 4.29 -15.63 -15.49
C GLU B 98 3.89 -15.12 -16.87
N LYS B 99 2.82 -15.66 -17.44
CA LYS B 99 2.38 -15.25 -18.77
C LYS B 99 2.09 -13.76 -18.82
N ILE B 100 2.59 -13.11 -19.87
CA ILE B 100 2.38 -11.67 -20.03
C ILE B 100 1.02 -11.45 -20.68
N ASN B 101 0.13 -10.78 -19.95
CA ASN B 101 -1.22 -10.53 -20.46
C ASN B 101 -1.27 -9.33 -21.38
N LYS B 102 -0.79 -8.17 -20.91
CA LYS B 102 -0.85 -6.95 -21.67
C LYS B 102 0.47 -6.19 -21.55
N ILE B 103 0.81 -5.48 -22.63
CA ILE B 103 1.94 -4.56 -22.68
C ILE B 103 1.43 -3.24 -23.21
N ARG B 104 1.75 -2.14 -22.51
CA ARG B 104 1.31 -0.82 -22.90
C ARG B 104 2.48 0.15 -22.85
N TRP B 105 2.78 0.79 -23.96
CA TRP B 105 3.90 1.73 -24.04
C TRP B 105 3.50 3.07 -23.44
N LEU B 106 4.41 3.67 -22.70
CA LEU B 106 4.17 5.03 -22.22
C LEU B 106 4.67 6.05 -23.23
N PRO B 107 4.11 7.26 -23.22
CA PRO B 107 4.65 8.32 -24.07
C PRO B 107 6.09 8.62 -23.69
N GLN B 108 6.88 9.00 -24.70
CA GLN B 108 8.32 9.14 -24.51
C GLN B 108 8.64 10.37 -23.67
N LYS B 109 9.22 10.14 -22.49
CA LYS B 109 9.61 11.24 -21.62
C LYS B 109 10.97 11.80 -22.02
N ASN B 110 11.94 10.92 -22.26
CA ASN B 110 13.31 11.32 -22.55
C ASN B 110 13.90 10.27 -23.49
N ALA B 111 15.22 10.22 -23.56
CA ALA B 111 15.90 9.31 -24.49
C ALA B 111 15.55 7.85 -24.23
N ALA B 112 15.10 7.51 -23.02
CA ALA B 112 14.73 6.15 -22.70
C ALA B 112 13.29 5.86 -23.11
N GLN B 113 12.93 4.58 -23.13
CA GLN B 113 11.59 4.12 -23.43
C GLN B 113 11.01 3.43 -22.21
N PHE B 114 9.68 3.49 -22.07
CA PHE B 114 9.03 2.92 -20.90
C PHE B 114 7.82 2.11 -21.33
N LEU B 115 7.55 1.04 -20.59
CA LEU B 115 6.37 0.24 -20.87
C LEU B 115 5.84 -0.35 -19.57
N LEU B 116 4.57 -0.75 -19.61
CA LEU B 116 3.91 -1.45 -18.52
C LEU B 116 3.60 -2.86 -18.98
N SER B 117 4.02 -3.84 -18.21
CA SER B 117 3.80 -5.25 -18.53
C SER B 117 3.04 -5.90 -17.39
N THR B 118 1.98 -6.65 -17.70
CA THR B 118 1.19 -7.24 -16.64
C THR B 118 1.01 -8.74 -16.86
N ASN B 119 1.15 -9.50 -15.78
CA ASN B 119 0.67 -10.87 -15.68
C ASN B 119 -0.68 -10.86 -14.96
N ASP B 120 -1.13 -12.04 -14.53
CA ASP B 120 -2.43 -12.13 -13.87
C ASP B 120 -2.51 -11.35 -12.57
N LYS B 121 -1.39 -11.00 -11.96
CA LYS B 121 -1.44 -10.41 -10.62
C LYS B 121 -0.65 -9.12 -10.46
N THR B 122 0.43 -8.95 -11.22
CA THR B 122 1.37 -7.88 -10.96
C THR B 122 1.61 -7.06 -12.22
N ILE B 123 1.69 -5.74 -12.06
CA ILE B 123 2.06 -4.83 -13.15
C ILE B 123 3.47 -4.35 -12.87
N LYS B 124 4.28 -4.25 -13.91
CA LYS B 124 5.65 -3.79 -13.78
C LYS B 124 5.92 -2.68 -14.78
N LEU B 125 6.66 -1.67 -14.35
CA LEU B 125 7.11 -0.58 -15.20
C LEU B 125 8.55 -0.84 -15.58
N TRP B 126 8.81 -1.01 -16.87
CA TRP B 126 10.12 -1.34 -17.39
C TRP B 126 10.68 -0.18 -18.20
N LYS B 127 11.95 0.12 -17.96
CA LYS B 127 12.67 1.17 -18.67
C LYS B 127 13.72 0.53 -19.56
N ILE B 128 13.66 0.84 -20.86
CA ILE B 128 14.59 0.33 -21.85
C ILE B 128 15.45 1.50 -22.31
N SER B 129 16.76 1.43 -22.05
CA SER B 129 17.67 2.52 -22.34
C SER B 129 18.92 1.98 -23.00
N GLU B 130 19.60 2.86 -23.73
CA GLU B 130 20.83 2.54 -24.43
C GLU B 130 22.03 3.15 -23.71
N ARG B 131 23.10 2.39 -23.61
CA ARG B 131 24.34 2.86 -23.00
C ARG B 131 25.48 2.67 -24.00
N ASP B 132 26.27 3.73 -24.20
CA ASP B 132 27.34 3.68 -25.19
C ASP B 132 28.64 4.27 -24.65
N LYS B 133 28.86 4.19 -23.34
CA LYS B 133 30.12 4.62 -22.77
C LYS B 133 30.29 3.92 -21.42
N ARG B 134 31.55 3.73 -21.03
CA ARG B 134 31.87 3.04 -19.79
C ARG B 134 32.99 3.77 -19.08
N PRO B 135 33.03 3.69 -17.75
CA PRO B 135 34.15 4.26 -17.01
C PRO B 135 35.46 3.52 -17.28
N GLU B 136 36.55 4.27 -17.20
CA GLU B 136 37.89 3.76 -17.50
C GLU B 136 38.88 4.44 -16.56
N GLY B 137 39.77 3.66 -15.99
CA GLY B 137 40.77 4.20 -15.09
C GLY B 137 40.48 3.80 -13.66
N TYR B 138 41.55 3.50 -12.92
CA TYR B 138 41.45 3.06 -11.53
C TYR B 138 42.62 3.63 -10.75
N ASN B 139 42.45 3.73 -9.44
CA ASN B 139 43.48 4.24 -8.55
C ASN B 139 44.23 3.14 -7.82
N LEU B 140 43.51 2.23 -7.18
CA LEU B 140 44.13 1.17 -6.38
C LEU B 140 44.47 -0.07 -7.17
N LYS B 141 44.15 -0.12 -8.46
CA LYS B 141 44.40 -1.31 -9.26
C LYS B 141 44.40 -0.92 -10.73
N GLU B 142 44.60 -1.91 -11.59
CA GLU B 142 44.47 -1.76 -13.03
C GLU B 142 43.03 -2.09 -13.42
N GLU B 143 42.80 -2.29 -14.72
CA GLU B 143 41.44 -2.54 -15.21
C GLU B 143 40.99 -3.94 -14.84
N ASP B 144 40.91 -4.22 -13.54
CA ASP B 144 40.46 -5.50 -13.00
C ASP B 144 41.37 -6.64 -13.40
N GLY B 145 42.50 -6.34 -14.04
CA GLY B 145 43.45 -7.38 -14.39
C GLY B 145 44.44 -7.69 -13.30
N ARG B 146 44.76 -6.70 -12.47
CA ARG B 146 45.73 -6.88 -11.39
C ARG B 146 45.48 -5.80 -10.35
N TYR B 147 46.00 -6.00 -9.15
CA TYR B 147 45.90 -5.06 -8.06
C TYR B 147 47.23 -4.32 -7.91
N ARG B 148 47.19 -3.20 -7.19
CA ARG B 148 48.37 -2.36 -7.00
C ARG B 148 48.76 -2.34 -5.54
N ASP B 149 50.07 -2.26 -5.30
CA ASP B 149 50.59 -2.24 -3.94
C ASP B 149 50.20 -0.95 -3.24
N PRO B 150 49.88 -1.03 -1.94
CA PRO B 150 49.57 0.19 -1.18
C PRO B 150 50.76 1.10 -1.08
N THR B 151 50.47 2.41 -0.99
CA THR B 151 51.43 3.51 -0.86
C THR B 151 52.17 3.75 -2.17
N THR B 152 52.00 2.88 -3.17
CA THR B 152 52.62 3.11 -4.46
C THR B 152 52.02 4.32 -5.17
N VAL B 153 50.72 4.53 -5.03
CA VAL B 153 50.05 5.64 -5.68
C VAL B 153 50.34 6.93 -4.92
N THR B 154 50.76 7.96 -5.65
CA THR B 154 50.99 9.30 -5.10
C THR B 154 50.36 10.35 -6.00
N THR B 155 49.46 9.92 -6.87
CA THR B 155 48.80 10.82 -7.82
C THR B 155 47.40 10.33 -8.15
N LEU B 156 46.38 11.06 -7.71
CA LEU B 156 45.01 10.66 -7.96
C LEU B 156 44.66 10.74 -9.44
N ARG B 157 43.81 9.84 -9.89
CA ARG B 157 43.30 9.85 -11.26
C ARG B 157 41.81 9.56 -11.22
N VAL B 158 41.00 10.57 -11.54
CA VAL B 158 39.55 10.42 -11.58
C VAL B 158 39.19 9.61 -12.83
N PRO B 159 38.33 8.60 -12.72
CA PRO B 159 37.98 7.81 -13.91
C PRO B 159 37.36 8.67 -15.00
N VAL B 160 37.66 8.31 -16.24
CA VAL B 160 37.13 9.00 -17.41
C VAL B 160 36.06 8.12 -18.03
N PHE B 161 35.38 8.65 -19.04
CA PHE B 161 34.37 7.90 -19.78
C PHE B 161 34.85 7.67 -21.21
N ARG B 162 34.84 6.41 -21.64
CA ARG B 162 35.25 6.04 -22.97
C ARG B 162 34.13 5.33 -23.72
N PRO B 163 34.00 5.57 -25.01
CA PRO B 163 32.90 4.98 -25.78
C PRO B 163 33.02 3.47 -25.84
N MET B 164 31.86 2.81 -25.93
CA MET B 164 31.78 1.36 -26.06
C MET B 164 30.70 1.04 -27.08
N ASP B 165 30.64 -0.23 -27.47
CA ASP B 165 29.57 -0.68 -28.35
C ASP B 165 28.22 -0.49 -27.68
N LEU B 166 27.24 -0.04 -28.46
CA LEU B 166 25.91 0.20 -27.93
C LEU B 166 25.31 -1.09 -27.40
N MET B 167 24.82 -1.05 -26.17
CA MET B 167 24.11 -2.18 -25.58
C MET B 167 22.88 -1.67 -24.87
N VAL B 168 21.80 -2.44 -24.95
CA VAL B 168 20.49 -2.00 -24.50
C VAL B 168 20.18 -2.67 -23.16
N GLU B 169 19.72 -1.87 -22.20
CA GLU B 169 19.46 -2.34 -20.85
C GLU B 169 17.98 -2.24 -20.56
N ALA B 170 17.44 -3.23 -19.86
CA ALA B 170 16.06 -3.21 -19.38
C ALA B 170 16.04 -3.45 -17.89
N SER B 171 15.42 -2.54 -17.14
CA SER B 171 15.37 -2.63 -15.70
C SER B 171 13.95 -2.34 -15.21
N PRO B 172 13.50 -3.03 -14.17
CA PRO B 172 12.15 -2.77 -13.63
C PRO B 172 12.18 -1.59 -12.66
N ARG B 173 11.43 -0.54 -13.00
CA ARG B 173 11.46 0.66 -12.18
C ARG B 173 10.50 0.56 -11.01
N ARG B 174 9.25 0.19 -11.28
CA ARG B 174 8.24 0.12 -10.23
C ARG B 174 7.43 -1.16 -10.37
N ILE B 175 6.98 -1.67 -9.24
CA ILE B 175 6.17 -2.89 -9.17
C ILE B 175 4.87 -2.54 -8.48
N PHE B 176 3.75 -2.82 -9.14
CA PHE B 176 2.42 -2.63 -8.60
C PHE B 176 1.82 -4.02 -8.41
N ALA B 177 1.82 -4.49 -7.16
CA ALA B 177 1.49 -5.88 -6.87
C ALA B 177 0.54 -5.98 -5.69
N ASN B 178 -0.05 -7.17 -5.54
CA ASN B 178 -0.91 -7.54 -4.42
C ASN B 178 -2.14 -6.65 -4.27
N ALA B 179 -2.66 -6.10 -5.36
CA ALA B 179 -3.83 -5.24 -5.28
C ALA B 179 -5.06 -5.83 -5.94
N HIS B 180 -4.91 -6.89 -6.71
CA HIS B 180 -6.03 -7.49 -7.44
C HIS B 180 -6.31 -8.87 -6.89
N THR B 181 -7.54 -9.09 -6.44
CA THR B 181 -7.93 -10.40 -5.93
C THR B 181 -8.01 -11.42 -7.06
N TYR B 182 -8.55 -11.02 -8.20
CA TYR B 182 -8.75 -11.90 -9.34
C TYR B 182 -7.68 -11.64 -10.39
N HIS B 183 -7.82 -12.29 -11.55
CA HIS B 183 -6.82 -12.18 -12.60
C HIS B 183 -7.00 -10.89 -13.37
N ILE B 184 -5.93 -10.08 -13.42
CA ILE B 184 -5.95 -8.85 -14.20
C ILE B 184 -6.10 -9.18 -15.67
N ASN B 185 -7.00 -8.47 -16.34
CA ASN B 185 -7.19 -8.66 -17.77
C ASN B 185 -6.95 -7.39 -18.59
N SER B 186 -6.81 -6.23 -17.95
CA SER B 186 -6.58 -5.02 -18.73
C SER B 186 -5.72 -4.04 -17.97
N ILE B 187 -4.89 -3.32 -18.71
CA ILE B 187 -4.20 -2.13 -18.21
C ILE B 187 -4.31 -1.05 -19.28
N SER B 188 -4.55 0.18 -18.84
CA SER B 188 -4.74 1.28 -19.79
C SER B 188 -4.23 2.58 -19.21
N ILE B 189 -3.39 3.28 -19.96
CA ILE B 189 -2.80 4.52 -19.49
C ILE B 189 -3.76 5.66 -19.78
N ASN B 190 -3.71 6.68 -18.93
CA ASN B 190 -4.56 7.84 -19.04
C ASN B 190 -3.89 8.93 -19.87
N SER B 191 -4.71 9.81 -20.44
CA SER B 191 -4.21 10.86 -21.31
C SER B 191 -3.53 11.99 -20.56
N ASP B 192 -3.56 11.97 -19.23
CA ASP B 192 -2.97 13.03 -18.43
C ASP B 192 -1.50 12.79 -18.10
N TYR B 193 -0.91 11.73 -18.64
CA TYR B 193 0.50 11.39 -18.43
C TYR B 193 0.82 11.08 -16.98
N GLU B 194 -0.21 10.81 -16.17
CA GLU B 194 -0.04 10.68 -14.74
C GLU B 194 -0.48 9.34 -14.19
N THR B 195 -1.67 8.88 -14.56
CA THR B 195 -2.29 7.72 -13.94
C THR B 195 -2.58 6.65 -14.99
N TYR B 196 -3.06 5.50 -14.50
CA TYR B 196 -3.54 4.44 -15.38
C TYR B 196 -4.49 3.55 -14.60
N LEU B 197 -5.16 2.64 -15.30
CA LEU B 197 -6.09 1.73 -14.66
C LEU B 197 -5.69 0.29 -14.92
N SER B 198 -6.00 -0.57 -13.96
CA SER B 198 -5.88 -2.01 -14.11
C SER B 198 -7.20 -2.66 -13.72
N ALA B 199 -7.67 -3.56 -14.57
CA ALA B 199 -8.98 -4.19 -14.42
C ALA B 199 -8.83 -5.70 -14.40
N ASP B 200 -9.29 -6.32 -13.32
CA ASP B 200 -9.46 -7.76 -13.22
C ASP B 200 -10.94 -8.12 -13.44
N ASP B 201 -11.30 -9.36 -13.11
CA ASP B 201 -12.63 -9.87 -13.44
C ASP B 201 -13.75 -9.10 -12.75
N LEU B 202 -13.50 -8.49 -11.60
CA LEU B 202 -14.59 -7.84 -10.87
C LEU B 202 -14.30 -6.44 -10.38
N ARG B 203 -13.06 -5.94 -10.47
CA ARG B 203 -12.74 -4.63 -9.94
C ARG B 203 -11.82 -3.89 -10.88
N ILE B 204 -11.95 -2.57 -10.90
CA ILE B 204 -11.08 -1.68 -11.66
C ILE B 204 -10.43 -0.72 -10.67
N ASN B 205 -9.10 -0.73 -10.64
CA ASN B 205 -8.30 0.09 -9.74
C ASN B 205 -7.54 1.14 -10.54
N LEU B 206 -7.35 2.30 -9.92
CA LEU B 206 -6.64 3.42 -10.54
C LEU B 206 -5.32 3.61 -9.82
N TRP B 207 -4.23 3.53 -10.58
CA TRP B 207 -2.87 3.70 -10.07
C TRP B 207 -2.30 5.02 -10.54
N HIS B 208 -1.41 5.57 -9.71
CA HIS B 208 -0.53 6.66 -10.11
C HIS B 208 0.79 6.07 -10.55
N LEU B 209 1.33 6.58 -11.65
CA LEU B 209 2.50 5.95 -12.27
C LEU B 209 3.76 6.04 -11.42
N GLU B 210 3.76 6.84 -10.35
CA GLU B 210 4.91 6.97 -9.48
C GLU B 210 4.64 6.54 -8.05
N ILE B 211 3.51 5.89 -7.79
CA ILE B 211 3.12 5.46 -6.46
C ILE B 211 2.71 4.00 -6.53
N THR B 212 3.37 3.16 -5.74
CA THR B 212 3.15 1.72 -5.81
C THR B 212 2.49 1.13 -4.56
N ASP B 213 2.42 1.89 -3.47
CA ASP B 213 1.93 1.35 -2.21
C ASP B 213 0.43 1.53 -2.00
N ARG B 214 -0.27 2.15 -2.94
CA ARG B 214 -1.72 2.30 -2.80
C ARG B 214 -2.34 2.51 -4.17
N SER B 215 -3.56 2.04 -4.32
CA SER B 215 -4.35 2.24 -5.52
C SER B 215 -5.77 2.61 -5.13
N PHE B 216 -6.44 3.32 -6.03
CA PHE B 216 -7.80 3.78 -5.83
C PHE B 216 -8.76 2.86 -6.58
N ASN B 217 -9.59 2.13 -5.85
CA ASN B 217 -10.54 1.20 -6.47
C ASN B 217 -11.73 2.00 -6.95
N ILE B 218 -11.75 2.31 -8.25
CA ILE B 218 -12.82 3.13 -8.80
C ILE B 218 -14.07 2.32 -9.13
N VAL B 219 -13.93 1.06 -9.51
CA VAL B 219 -15.08 0.24 -9.88
C VAL B 219 -15.03 -1.07 -9.11
N ASP B 220 -16.16 -1.46 -8.55
CA ASP B 220 -16.29 -2.74 -7.84
C ASP B 220 -17.68 -3.28 -8.08
N ILE B 221 -17.78 -4.36 -8.85
CA ILE B 221 -19.06 -4.98 -9.15
C ILE B 221 -19.16 -6.38 -8.52
N LYS B 222 -18.34 -6.68 -7.54
CA LYS B 222 -18.40 -7.98 -6.88
C LYS B 222 -19.65 -8.08 -6.05
N PRO B 223 -20.51 -9.08 -6.27
CA PRO B 223 -21.73 -9.20 -5.47
C PRO B 223 -21.41 -9.68 -4.05
N ALA B 224 -22.33 -9.36 -3.14
CA ALA B 224 -22.16 -9.79 -1.76
C ALA B 224 -22.18 -11.31 -1.66
N ASN B 225 -23.11 -11.95 -2.35
CA ASN B 225 -23.20 -13.41 -2.39
C ASN B 225 -22.59 -13.89 -3.70
N MET B 226 -21.50 -14.64 -3.62
CA MET B 226 -20.75 -15.06 -4.80
C MET B 226 -21.52 -16.08 -5.64
N GLU B 227 -22.56 -16.71 -5.08
CA GLU B 227 -23.42 -17.59 -5.85
C GLU B 227 -24.45 -16.82 -6.67
N GLU B 228 -24.47 -15.50 -6.54
CA GLU B 228 -25.34 -14.65 -7.34
C GLU B 228 -24.54 -13.94 -8.44
N LEU B 229 -23.39 -14.50 -8.80
CA LEU B 229 -22.54 -13.91 -9.81
C LEU B 229 -23.20 -14.04 -11.18
N THR B 230 -23.26 -12.94 -11.92
CA THR B 230 -23.86 -12.94 -13.25
C THR B 230 -23.02 -12.22 -14.30
N GLU B 231 -22.06 -11.40 -13.91
CA GLU B 231 -21.25 -10.64 -14.84
C GLU B 231 -19.81 -10.59 -14.35
N VAL B 232 -18.89 -10.48 -15.31
CA VAL B 232 -17.48 -10.21 -15.02
C VAL B 232 -16.99 -9.14 -15.98
N ILE B 233 -15.94 -8.45 -15.59
CA ILE B 233 -15.32 -7.43 -16.43
C ILE B 233 -14.31 -8.12 -17.34
N THR B 234 -14.48 -7.94 -18.66
CA THR B 234 -13.62 -8.60 -19.62
C THR B 234 -12.59 -7.68 -20.26
N ALA B 235 -12.83 -6.37 -20.29
CA ALA B 235 -11.85 -5.43 -20.82
C ALA B 235 -12.21 -4.04 -20.32
N ALA B 236 -11.20 -3.17 -20.27
CA ALA B 236 -11.39 -1.79 -19.87
C ALA B 236 -10.36 -0.93 -20.57
N GLU B 237 -10.72 0.33 -20.81
CA GLU B 237 -9.84 1.22 -21.56
C GLU B 237 -10.20 2.67 -21.31
N PHE B 238 -9.17 3.51 -21.20
CA PHE B 238 -9.37 4.95 -21.12
C PHE B 238 -9.66 5.54 -22.50
N HIS B 239 -10.26 6.73 -22.50
CA HIS B 239 -10.44 7.48 -23.73
C HIS B 239 -9.09 7.99 -24.22
N PRO B 240 -8.84 7.98 -25.53
CA PRO B 240 -7.54 8.46 -26.02
C PRO B 240 -7.27 9.92 -25.72
N ASN B 241 -8.30 10.76 -25.65
CA ASN B 241 -8.14 12.18 -25.42
C ASN B 241 -8.72 12.63 -24.08
N SER B 242 -9.98 12.32 -23.81
CA SER B 242 -10.63 12.77 -22.60
C SER B 242 -10.04 12.07 -21.38
N CYS B 243 -9.64 12.86 -20.38
CA CYS B 243 -8.99 12.32 -19.19
C CYS B 243 -9.99 11.80 -18.16
N ASN B 244 -11.28 12.05 -18.35
CA ASN B 244 -12.30 11.67 -17.38
C ASN B 244 -13.16 10.50 -17.82
N THR B 245 -13.01 10.05 -19.06
CA THR B 245 -13.89 9.05 -19.64
C THR B 245 -13.15 7.73 -19.78
N PHE B 246 -13.76 6.65 -19.31
CA PHE B 246 -13.26 5.33 -19.63
C PHE B 246 -14.44 4.39 -19.84
N VAL B 247 -14.17 3.23 -20.43
CA VAL B 247 -15.20 2.24 -20.68
C VAL B 247 -14.73 0.90 -20.17
N TYR B 248 -15.68 0.05 -19.83
CA TYR B 248 -15.36 -1.35 -19.56
C TYR B 248 -16.51 -2.23 -20.03
N SER B 249 -16.15 -3.36 -20.63
CA SER B 249 -17.12 -4.31 -21.16
C SER B 249 -17.24 -5.50 -20.23
N SER B 250 -18.36 -6.21 -20.36
CA SER B 250 -18.69 -7.32 -19.48
C SER B 250 -19.00 -8.56 -20.31
N SER B 251 -19.13 -9.69 -19.62
CA SER B 251 -19.42 -10.95 -20.27
C SER B 251 -20.85 -11.04 -20.78
N LYS B 252 -21.69 -10.06 -20.47
CA LYS B 252 -23.06 -10.04 -20.95
C LYS B 252 -23.22 -9.28 -22.26
N GLY B 253 -22.13 -8.74 -22.80
CA GLY B 253 -22.21 -8.02 -24.05
C GLY B 253 -22.58 -6.56 -23.93
N THR B 254 -22.38 -5.95 -22.77
CA THR B 254 -22.70 -4.55 -22.55
C THR B 254 -21.42 -3.79 -22.21
N ILE B 255 -21.37 -2.53 -22.63
CA ILE B 255 -20.23 -1.66 -22.36
C ILE B 255 -20.71 -0.51 -21.49
N ARG B 256 -20.04 -0.26 -20.38
CA ARG B 256 -20.38 0.83 -19.50
C ARG B 256 -19.34 1.92 -19.64
N LEU B 257 -19.80 3.13 -19.96
CA LEU B 257 -18.94 4.31 -20.08
C LEU B 257 -19.09 5.13 -18.81
N CYS B 258 -17.98 5.33 -18.11
CA CYS B 258 -17.93 6.03 -16.84
C CYS B 258 -17.19 7.34 -16.98
N ASP B 259 -17.76 8.39 -16.41
CA ASP B 259 -17.19 9.72 -16.37
C ASP B 259 -16.66 9.99 -14.97
N MET B 260 -15.37 10.30 -14.87
CA MET B 260 -14.75 10.49 -13.56
C MET B 260 -15.00 11.87 -12.98
N ARG B 261 -15.63 12.77 -13.72
CA ARG B 261 -15.96 14.09 -13.19
C ARG B 261 -17.17 14.04 -12.27
N ALA B 262 -18.12 13.17 -12.55
CA ALA B 262 -19.39 13.18 -11.82
C ALA B 262 -19.20 12.83 -10.35
N SER B 263 -18.40 11.82 -10.05
CA SER B 263 -18.20 11.40 -8.68
C SER B 263 -16.83 10.73 -8.54
N ALA B 264 -16.36 10.66 -7.31
CA ALA B 264 -15.06 10.03 -7.05
C ALA B 264 -15.08 8.55 -7.41
N LEU B 265 -16.15 7.86 -7.05
CA LEU B 265 -16.33 6.44 -7.38
C LEU B 265 -17.23 6.34 -8.61
N CYS B 266 -16.81 5.52 -9.58
CA CYS B 266 -17.52 5.40 -10.84
C CYS B 266 -18.49 4.23 -10.85
N ASP B 267 -19.09 3.91 -9.70
CA ASP B 267 -20.04 2.81 -9.64
C ASP B 267 -21.32 3.10 -10.42
N ARG B 268 -21.62 4.36 -10.69
CA ARG B 268 -22.75 4.74 -11.54
C ARG B 268 -22.22 5.10 -12.91
N HIS B 269 -22.57 4.29 -13.91
CA HIS B 269 -22.09 4.52 -15.27
C HIS B 269 -22.78 5.72 -15.89
N SER B 270 -22.04 6.47 -16.69
CA SER B 270 -22.63 7.58 -17.42
C SER B 270 -23.47 7.08 -18.58
N LYS B 271 -22.98 6.08 -19.31
CA LYS B 271 -23.70 5.54 -20.45
C LYS B 271 -23.62 4.02 -20.43
N LEU B 272 -24.63 3.37 -21.02
CA LEU B 272 -24.69 1.93 -21.12
C LEU B 272 -25.01 1.55 -22.57
N PHE B 273 -24.05 0.94 -23.25
CA PHE B 273 -24.21 0.49 -24.62
C PHE B 273 -24.57 -0.98 -24.62
N GLU B 274 -25.72 -1.32 -25.19
CA GLU B 274 -26.16 -2.70 -25.27
C GLU B 274 -27.16 -2.82 -26.41
N GLU B 275 -27.02 -3.89 -27.18
CA GLU B 275 -27.98 -4.12 -28.24
C GLU B 275 -29.11 -5.01 -27.73
N PRO B 276 -30.35 -4.77 -28.17
CA PRO B 276 -31.45 -5.65 -27.75
C PRO B 276 -31.20 -7.08 -28.18
N GLU B 277 -31.59 -8.01 -27.31
CA GLU B 277 -31.37 -9.43 -27.55
C GLU B 277 -32.31 -9.91 -28.65
N ASP B 278 -31.75 -10.35 -29.76
CA ASP B 278 -32.55 -10.83 -30.88
C ASP B 278 -33.17 -12.18 -30.55
N PRO B 279 -34.50 -12.28 -30.53
CA PRO B 279 -35.14 -13.59 -30.31
C PRO B 279 -35.05 -14.52 -31.50
N SER B 280 -34.64 -14.03 -32.67
CA SER B 280 -34.56 -14.87 -33.85
C SER B 280 -33.46 -15.92 -33.70
N ASN B 281 -32.23 -15.49 -33.49
CA ASN B 281 -31.08 -16.39 -33.38
C ASN B 281 -30.80 -16.80 -31.94
N ARG B 282 -31.80 -17.32 -31.24
CA ARG B 282 -31.56 -17.83 -29.89
C ARG B 282 -30.97 -19.23 -29.95
N SER B 283 -30.07 -19.52 -29.01
CA SER B 283 -29.41 -20.81 -28.96
C SER B 283 -28.89 -21.03 -27.55
N PHE B 284 -28.46 -22.27 -27.28
CA PHE B 284 -27.82 -22.58 -26.01
C PHE B 284 -26.55 -21.80 -25.80
N PHE B 285 -25.85 -21.42 -26.87
CA PHE B 285 -24.57 -20.74 -26.78
C PHE B 285 -24.69 -19.23 -26.91
N SER B 286 -25.90 -18.69 -27.02
CA SER B 286 -26.07 -17.25 -27.18
C SER B 286 -25.52 -16.47 -26.01
N GLU B 287 -25.44 -17.08 -24.83
CA GLU B 287 -24.85 -16.40 -23.68
C GLU B 287 -23.33 -16.37 -23.75
N ILE B 288 -22.71 -17.40 -24.33
CA ILE B 288 -21.26 -17.46 -24.40
C ILE B 288 -20.74 -16.58 -25.53
N ILE B 289 -21.36 -16.66 -26.70
CA ILE B 289 -20.89 -15.93 -27.87
C ILE B 289 -21.17 -14.44 -27.80
N SER B 290 -21.98 -13.99 -26.84
CA SER B 290 -22.26 -12.56 -26.70
C SER B 290 -21.26 -11.86 -25.80
N SER B 291 -20.38 -12.58 -25.13
CA SER B 291 -19.38 -11.96 -24.28
C SER B 291 -18.37 -11.18 -25.11
N ILE B 292 -18.02 -9.99 -24.65
CA ILE B 292 -17.10 -9.13 -25.36
C ILE B 292 -15.69 -9.42 -24.87
N SER B 293 -14.78 -9.73 -25.80
CA SER B 293 -13.41 -10.08 -25.44
C SER B 293 -12.44 -8.93 -25.56
N ASP B 294 -12.80 -7.85 -26.25
CA ASP B 294 -11.92 -6.70 -26.39
C ASP B 294 -12.74 -5.48 -26.75
N VAL B 295 -12.35 -4.33 -26.21
CA VAL B 295 -12.95 -3.04 -26.55
C VAL B 295 -11.81 -2.06 -26.82
N LYS B 296 -11.91 -1.34 -27.92
CA LYS B 296 -10.87 -0.42 -28.38
C LYS B 296 -11.49 0.90 -28.77
N PHE B 297 -10.92 1.99 -28.29
CA PHE B 297 -11.32 3.32 -28.73
C PHE B 297 -10.67 3.64 -30.06
N SER B 298 -11.43 4.29 -30.94
CA SER B 298 -10.84 4.74 -32.19
C SER B 298 -9.82 5.84 -31.93
N HIS B 299 -8.93 6.05 -32.89
CA HIS B 299 -7.89 7.05 -32.72
C HIS B 299 -8.48 8.45 -32.56
N SER B 300 -9.51 8.76 -33.33
CA SER B 300 -10.22 10.02 -33.16
C SER B 300 -10.96 10.09 -31.83
N GLY B 301 -11.28 8.94 -31.24
CA GLY B 301 -12.00 8.90 -29.99
C GLY B 301 -13.49 9.03 -30.10
N ARG B 302 -14.03 9.14 -31.31
CA ARG B 302 -15.46 9.30 -31.51
C ARG B 302 -16.19 7.98 -31.73
N TYR B 303 -15.47 6.87 -31.86
CA TYR B 303 -16.06 5.58 -32.10
C TYR B 303 -15.44 4.56 -31.16
N MET B 304 -16.09 3.40 -31.07
CA MET B 304 -15.64 2.36 -30.14
C MET B 304 -15.93 1.00 -30.75
N MET B 305 -14.91 0.14 -30.81
CA MET B 305 -15.04 -1.16 -31.42
C MET B 305 -14.98 -2.26 -30.37
N THR B 306 -15.95 -3.15 -30.40
CA THR B 306 -15.98 -4.30 -29.50
C THR B 306 -15.93 -5.59 -30.31
N ARG B 307 -15.28 -6.59 -29.74
CA ARG B 307 -15.12 -7.89 -30.38
C ARG B 307 -15.75 -8.95 -29.50
N ASP B 308 -16.72 -9.66 -30.02
CA ASP B 308 -17.23 -10.89 -29.43
C ASP B 308 -16.82 -12.05 -30.33
N TYR B 309 -17.31 -13.25 -30.01
CA TYR B 309 -16.80 -14.45 -30.66
C TYR B 309 -17.04 -14.43 -32.16
N LEU B 310 -18.22 -13.98 -32.59
CA LEU B 310 -18.62 -14.14 -33.98
C LEU B 310 -18.67 -12.84 -34.77
N SER B 311 -18.53 -11.67 -34.13
CA SER B 311 -18.75 -10.43 -34.84
C SER B 311 -17.92 -9.31 -34.23
N VAL B 312 -17.77 -8.23 -35.00
CA VAL B 312 -17.11 -7.00 -34.58
C VAL B 312 -18.12 -5.89 -34.70
N LYS B 313 -18.35 -5.16 -33.61
CA LYS B 313 -19.36 -4.11 -33.56
C LYS B 313 -18.69 -2.76 -33.38
N ILE B 314 -19.09 -1.79 -34.17
CA ILE B 314 -18.60 -0.43 -34.08
C ILE B 314 -19.73 0.47 -33.61
N TRP B 315 -19.50 1.16 -32.49
CA TRP B 315 -20.48 1.97 -31.80
C TRP B 315 -20.09 3.44 -31.91
N ASP B 316 -21.08 4.27 -32.21
CA ASP B 316 -20.92 5.72 -32.03
C ASP B 316 -21.15 6.04 -30.56
N LEU B 317 -20.25 6.83 -29.98
CA LEU B 317 -20.34 7.14 -28.57
C LEU B 317 -21.51 8.06 -28.23
N ASN B 318 -22.29 8.47 -29.23
CA ASN B 318 -23.49 9.25 -29.01
C ASN B 318 -24.77 8.43 -29.14
N MET B 319 -24.68 7.19 -29.64
CA MET B 319 -25.83 6.32 -29.81
C MET B 319 -25.60 5.07 -28.97
N GLU B 320 -26.52 4.80 -28.04
CA GLU B 320 -26.34 3.71 -27.09
C GLU B 320 -27.20 2.50 -27.40
N ASN B 321 -28.30 2.66 -28.11
CA ASN B 321 -29.25 1.58 -28.29
C ASN B 321 -28.80 0.53 -29.30
N ARG B 322 -27.91 0.87 -30.23
CA ARG B 322 -27.46 -0.07 -31.24
C ARG B 322 -26.13 0.40 -31.79
N PRO B 323 -25.31 -0.50 -32.32
CA PRO B 323 -24.07 -0.10 -32.97
C PRO B 323 -24.34 0.48 -34.35
N VAL B 324 -23.39 1.31 -34.80
CA VAL B 324 -23.54 1.87 -36.14
C VAL B 324 -23.07 0.88 -37.20
N GLU B 325 -22.14 -0.01 -36.87
CA GLU B 325 -21.69 -0.99 -37.84
C GLU B 325 -21.51 -2.35 -37.19
N THR B 326 -21.69 -3.41 -37.98
CA THR B 326 -21.51 -4.78 -37.51
C THR B 326 -20.94 -5.61 -38.64
N TYR B 327 -19.78 -6.21 -38.41
CA TYR B 327 -19.11 -7.05 -39.39
C TYR B 327 -19.00 -8.47 -38.86
N GLN B 328 -19.29 -9.45 -39.72
CA GLN B 328 -19.30 -10.84 -39.31
C GLN B 328 -17.93 -11.45 -39.62
N VAL B 329 -17.18 -11.82 -38.58
CA VAL B 329 -15.80 -12.24 -38.77
C VAL B 329 -15.75 -13.60 -39.47
N HIS B 330 -16.41 -14.60 -38.90
CA HIS B 330 -16.47 -15.95 -39.45
C HIS B 330 -17.87 -16.52 -39.21
N GLU B 331 -18.75 -16.37 -40.19
CA GLU B 331 -20.12 -16.84 -40.09
C GLU B 331 -20.25 -18.35 -40.24
N TYR B 332 -19.26 -19.01 -40.86
CA TYR B 332 -19.35 -20.44 -41.06
C TYR B 332 -19.13 -21.22 -39.77
N LEU B 333 -18.74 -20.57 -38.66
CA LEU B 333 -18.66 -21.21 -37.36
C LEU B 333 -19.96 -21.16 -36.59
N ARG B 334 -21.00 -20.56 -37.16
CA ARG B 334 -22.28 -20.49 -36.45
C ARG B 334 -22.97 -21.83 -36.38
N SER B 335 -22.82 -22.67 -37.41
CA SER B 335 -23.40 -24.00 -37.40
C SER B 335 -22.49 -25.04 -36.74
N LYS B 336 -21.28 -24.67 -36.36
CA LYS B 336 -20.32 -25.57 -35.73
C LYS B 336 -20.09 -25.20 -34.27
N LEU B 337 -21.08 -24.55 -33.66
CA LEU B 337 -20.93 -24.06 -32.29
C LEU B 337 -20.79 -25.18 -31.28
N CYS B 338 -21.51 -26.29 -31.45
CA CYS B 338 -21.39 -27.41 -30.52
C CYS B 338 -19.98 -27.99 -30.55
N SER B 339 -19.42 -28.17 -31.76
CA SER B 339 -18.08 -28.70 -31.87
C SER B 339 -17.06 -27.79 -31.22
N LEU B 340 -17.20 -26.48 -31.42
CA LEU B 340 -16.32 -25.52 -30.79
C LEU B 340 -16.52 -25.46 -29.27
N TYR B 341 -17.69 -25.83 -28.78
CA TYR B 341 -17.91 -25.92 -27.35
C TYR B 341 -17.29 -27.17 -26.74
N GLU B 342 -17.27 -28.29 -27.47
CA GLU B 342 -16.69 -29.51 -26.93
C GLU B 342 -15.20 -29.37 -26.68
N ASN B 343 -14.47 -28.72 -27.57
CA ASN B 343 -13.01 -28.61 -27.47
C ASN B 343 -12.58 -27.28 -26.88
N ASP B 344 -13.49 -26.54 -26.24
CA ASP B 344 -13.19 -25.31 -25.51
C ASP B 344 -12.65 -24.21 -26.43
N CYS B 345 -12.92 -24.29 -27.73
CA CYS B 345 -12.53 -23.21 -28.62
C CYS B 345 -13.48 -22.03 -28.54
N ILE B 346 -14.70 -22.23 -28.02
CA ILE B 346 -15.68 -21.16 -27.94
C ILE B 346 -15.34 -20.12 -26.89
N PHE B 347 -14.33 -20.38 -26.05
CA PHE B 347 -13.92 -19.45 -25.02
C PHE B 347 -12.67 -18.66 -25.39
N ASP B 348 -12.28 -18.69 -26.66
CA ASP B 348 -11.13 -17.92 -27.11
C ASP B 348 -11.43 -16.43 -27.03
N LYS B 349 -10.41 -15.66 -26.70
CA LYS B 349 -10.53 -14.21 -26.54
C LYS B 349 -9.75 -13.54 -27.67
N PHE B 350 -10.41 -13.35 -28.81
CA PHE B 350 -9.80 -12.65 -29.92
C PHE B 350 -9.77 -11.15 -29.64
N GLU B 351 -8.96 -10.44 -30.41
CA GLU B 351 -8.79 -9.00 -30.28
C GLU B 351 -9.10 -8.31 -31.60
N CYS B 352 -9.02 -6.99 -31.58
CA CYS B 352 -9.31 -6.17 -32.75
C CYS B 352 -8.48 -4.89 -32.67
N CYS B 353 -8.28 -4.25 -33.82
CA CYS B 353 -7.51 -3.02 -33.81
C CYS B 353 -7.93 -2.14 -34.99
N TRP B 354 -7.80 -0.83 -34.80
CA TRP B 354 -8.04 0.16 -35.83
C TRP B 354 -6.77 0.43 -36.61
N ASN B 355 -6.91 1.13 -37.73
CA ASN B 355 -5.75 1.63 -38.45
C ASN B 355 -5.46 3.06 -38.00
N GLY B 356 -4.51 3.72 -38.65
CA GLY B 356 -4.15 5.06 -38.23
C GLY B 356 -5.28 6.06 -38.43
N SER B 357 -6.04 5.90 -39.51
CA SER B 357 -7.10 6.85 -39.86
C SER B 357 -8.49 6.33 -39.53
N ASP B 358 -8.60 5.25 -38.75
CA ASP B 358 -9.89 4.72 -38.31
C ASP B 358 -10.79 4.32 -39.47
N SER B 359 -10.19 3.90 -40.59
CA SER B 359 -10.96 3.50 -41.76
C SER B 359 -10.99 2.01 -41.99
N VAL B 360 -10.00 1.27 -41.50
CA VAL B 360 -9.93 -0.18 -41.64
C VAL B 360 -9.74 -0.79 -40.26
N VAL B 361 -10.42 -1.90 -40.00
CA VAL B 361 -10.32 -2.60 -38.73
C VAL B 361 -9.87 -4.03 -39.00
N MET B 362 -8.93 -4.51 -38.19
CA MET B 362 -8.34 -5.82 -38.34
C MET B 362 -8.60 -6.68 -37.11
N THR B 363 -8.95 -7.94 -37.37
CA THR B 363 -9.16 -8.90 -36.29
C THR B 363 -8.68 -10.27 -36.74
N GLY B 364 -8.67 -11.22 -35.81
CA GLY B 364 -8.16 -12.55 -36.07
C GLY B 364 -9.26 -13.58 -36.26
N SER B 365 -8.83 -14.79 -36.63
CA SER B 365 -9.74 -15.90 -36.85
C SER B 365 -8.94 -17.20 -36.72
N TYR B 366 -9.54 -18.30 -37.17
CA TYR B 366 -8.93 -19.62 -37.05
C TYR B 366 -8.20 -19.99 -38.35
N ASN B 367 -7.45 -21.10 -38.28
CA ASN B 367 -6.66 -21.59 -39.40
C ASN B 367 -5.67 -20.54 -39.90
N ASN B 368 -5.12 -19.77 -38.97
CA ASN B 368 -4.16 -18.72 -39.28
C ASN B 368 -4.72 -17.72 -40.29
N PHE B 369 -5.99 -17.36 -40.11
CA PHE B 369 -6.66 -16.37 -40.93
C PHE B 369 -6.89 -15.11 -40.12
N PHE B 370 -6.71 -13.96 -40.76
CA PHE B 370 -7.09 -12.69 -40.17
C PHE B 370 -7.91 -11.89 -41.17
N ARG B 371 -8.81 -11.08 -40.64
CA ARG B 371 -9.83 -10.40 -41.42
C ARG B 371 -9.62 -8.89 -41.37
N MET B 372 -9.72 -8.27 -42.54
CA MET B 372 -9.71 -6.82 -42.70
C MET B 372 -11.07 -6.35 -43.16
N PHE B 373 -11.59 -5.32 -42.49
CA PHE B 373 -12.87 -4.72 -42.84
C PHE B 373 -12.64 -3.25 -43.13
N ASP B 374 -13.06 -2.79 -44.31
CA ASP B 374 -12.94 -1.40 -44.70
C ASP B 374 -14.26 -0.70 -44.41
N ARG B 375 -14.22 0.33 -43.55
CA ARG B 375 -15.45 0.99 -43.16
C ARG B 375 -16.01 1.88 -44.27
N ASN B 376 -15.14 2.50 -45.06
CA ASN B 376 -15.61 3.39 -46.11
C ASN B 376 -16.26 2.61 -47.26
N THR B 377 -15.59 1.55 -47.73
CA THR B 377 -16.05 0.82 -48.90
C THR B 377 -16.84 -0.43 -48.56
N LYS B 378 -16.96 -0.79 -47.28
CA LYS B 378 -17.70 -1.97 -46.85
C LYS B 378 -17.21 -3.24 -47.55
N ARG B 379 -15.89 -3.37 -47.66
CA ARG B 379 -15.26 -4.53 -48.27
C ARG B 379 -14.42 -5.26 -47.24
N ASP B 380 -14.53 -6.58 -47.21
CA ASP B 380 -13.80 -7.40 -46.27
C ASP B 380 -12.91 -8.38 -47.02
N ILE B 381 -11.73 -8.65 -46.45
CA ILE B 381 -10.82 -9.63 -47.02
C ILE B 381 -10.30 -10.53 -45.92
N THR B 382 -10.06 -11.79 -46.28
CA THR B 382 -9.47 -12.79 -45.40
C THR B 382 -8.08 -13.13 -45.92
N LEU B 383 -7.09 -13.06 -45.05
CA LEU B 383 -5.71 -13.36 -45.43
C LEU B 383 -5.14 -14.41 -44.49
N GLU B 384 -4.14 -15.12 -44.98
CA GLU B 384 -3.52 -16.21 -44.23
C GLU B 384 -2.09 -15.85 -43.87
N ALA B 385 -1.71 -16.12 -42.63
CA ALA B 385 -0.35 -15.92 -42.15
C ALA B 385 0.32 -17.30 -42.12
N SER B 386 1.01 -17.64 -43.21
CA SER B 386 1.64 -18.93 -43.35
C SER B 386 3.08 -18.76 -43.80
N ARG B 387 3.94 -19.68 -43.37
CA ARG B 387 5.34 -19.67 -43.76
C ARG B 387 5.58 -20.20 -45.15
N GLU B 388 4.57 -20.80 -45.79
CA GLU B 388 4.73 -21.30 -47.15
C GLU B 388 4.96 -20.17 -48.14
N ASN B 389 4.62 -18.94 -47.78
CA ASN B 389 4.84 -17.77 -48.62
C ASN B 389 6.03 -16.96 -48.13
N ASN B 390 7.08 -17.65 -47.69
CA ASN B 390 8.25 -16.98 -47.11
C ASN B 390 9.09 -16.33 -48.19
N LYS B 391 8.52 -15.35 -48.88
CA LYS B 391 9.24 -14.56 -49.87
C LYS B 391 8.86 -13.09 -49.69
N PRO B 392 9.82 -12.23 -49.36
CA PRO B 392 9.51 -10.82 -49.15
C PRO B 392 8.93 -10.18 -50.40
N ARG B 393 8.04 -9.20 -50.19
CA ARG B 393 7.37 -8.48 -51.26
C ARG B 393 6.55 -9.41 -52.15
N THR B 394 5.83 -10.34 -51.52
CA THR B 394 4.91 -11.23 -52.21
C THR B 394 3.50 -10.93 -51.78
N VAL B 395 2.61 -10.68 -52.74
CA VAL B 395 1.24 -10.32 -52.42
C VAL B 395 0.52 -11.52 -51.84
N LEU B 396 -0.15 -11.31 -50.71
CA LEU B 396 -0.93 -12.36 -50.08
C LEU B 396 -2.25 -12.55 -50.83
N LYS B 397 -2.55 -13.78 -51.20
CA LYS B 397 -3.79 -14.04 -51.92
C LYS B 397 -4.96 -14.01 -50.95
N PRO B 398 -6.08 -13.40 -51.35
CA PRO B 398 -7.29 -13.47 -50.52
C PRO B 398 -7.78 -14.91 -50.39
N ARG B 399 -8.36 -15.21 -49.24
CA ARG B 399 -8.83 -16.56 -48.92
C ARG B 399 -10.35 -16.58 -48.82
N LYS B 400 -10.94 -17.68 -49.26
CA LYS B 400 -12.38 -17.87 -49.18
C LYS B 400 -12.68 -19.24 -48.59
N VAL B 401 -13.63 -19.29 -47.67
CA VAL B 401 -14.03 -20.52 -47.00
C VAL B 401 -15.41 -20.92 -47.50
N CYS B 402 -15.52 -22.16 -47.95
CA CYS B 402 -16.75 -22.68 -48.54
C CYS B 402 -17.45 -23.59 -47.54
N ALA B 403 -18.74 -23.36 -47.34
CA ALA B 403 -19.53 -24.17 -46.41
C ALA B 403 -19.73 -25.58 -46.96
N ARG B 407 -17.53 -26.98 -52.90
CA ARG B 407 -16.14 -26.51 -52.84
C ARG B 407 -15.64 -26.13 -54.24
N LYS B 408 -15.59 -24.83 -54.51
CA LYS B 408 -15.16 -24.34 -55.81
C LYS B 408 -13.63 -24.33 -55.87
N LYS B 409 -13.07 -23.70 -56.91
CA LYS B 409 -11.63 -23.64 -57.06
C LYS B 409 -11.01 -22.70 -56.03
N ASP B 410 -9.87 -23.12 -55.47
CA ASP B 410 -9.08 -22.33 -54.54
C ASP B 410 -9.87 -21.93 -53.29
N GLU B 411 -10.89 -22.71 -52.94
CA GLU B 411 -11.66 -22.50 -51.73
C GLU B 411 -11.25 -23.51 -50.67
N ILE B 412 -11.59 -23.22 -49.41
CA ILE B 412 -11.22 -24.05 -48.28
C ILE B 412 -12.50 -24.52 -47.62
N SER B 413 -12.65 -25.83 -47.46
CA SER B 413 -13.82 -26.39 -46.81
C SER B 413 -13.77 -26.09 -45.31
N VAL B 414 -14.95 -25.98 -44.70
CA VAL B 414 -15.03 -25.62 -43.29
C VAL B 414 -14.44 -26.72 -42.42
N ASP B 415 -14.70 -27.97 -42.75
CA ASP B 415 -14.24 -29.08 -41.91
C ASP B 415 -12.73 -29.29 -41.99
N SER B 416 -12.04 -28.63 -42.91
CA SER B 416 -10.59 -28.75 -43.02
C SER B 416 -9.85 -27.64 -42.27
N LEU B 417 -10.56 -26.76 -41.57
CA LEU B 417 -9.90 -25.69 -40.83
C LEU B 417 -9.23 -26.26 -39.59
N ASP B 418 -8.04 -25.75 -39.29
CA ASP B 418 -7.29 -26.15 -38.10
C ASP B 418 -7.60 -25.17 -36.98
N PHE B 419 -8.37 -25.62 -35.99
CA PHE B 419 -8.78 -24.74 -34.90
C PHE B 419 -7.71 -24.57 -33.83
N ASN B 420 -6.62 -25.31 -33.92
CA ASN B 420 -5.48 -25.06 -33.04
C ASN B 420 -4.63 -23.90 -33.51
N LYS B 421 -4.82 -23.43 -34.74
CA LYS B 421 -4.11 -22.29 -35.28
C LYS B 421 -5.04 -21.08 -35.18
N LYS B 422 -4.90 -20.34 -34.09
CA LYS B 422 -5.71 -19.15 -33.83
C LYS B 422 -4.82 -17.92 -33.86
N ILE B 423 -5.29 -16.87 -34.51
CA ILE B 423 -4.64 -15.57 -34.50
C ILE B 423 -5.41 -14.71 -33.51
N LEU B 424 -4.91 -14.65 -32.27
CA LEU B 424 -5.59 -13.89 -31.23
C LEU B 424 -5.04 -12.48 -31.08
N HIS B 425 -3.76 -12.29 -31.35
CA HIS B 425 -3.09 -11.01 -31.09
C HIS B 425 -2.60 -10.40 -32.39
N THR B 426 -3.00 -9.15 -32.60
CA THR B 426 -2.66 -8.39 -33.80
C THR B 426 -2.39 -6.95 -33.39
N ALA B 427 -1.60 -6.26 -34.21
CA ALA B 427 -1.29 -4.87 -33.98
C ALA B 427 -1.14 -4.15 -35.31
N TRP B 428 -1.48 -2.86 -35.30
CA TRP B 428 -1.41 -2.03 -36.49
C TRP B 428 -0.32 -0.99 -36.25
N HIS B 429 0.40 -0.62 -37.29
CA HIS B 429 1.39 0.46 -37.14
C HIS B 429 0.67 1.80 -37.03
N PRO B 430 0.94 2.59 -35.98
CA PRO B 430 0.11 3.78 -35.72
C PRO B 430 0.03 4.76 -36.87
N LYS B 431 0.98 4.75 -37.80
CA LYS B 431 0.96 5.69 -38.92
C LYS B 431 0.99 5.02 -40.28
N GLU B 432 1.79 3.97 -40.45
CA GLU B 432 1.98 3.35 -41.75
C GLU B 432 1.08 2.13 -41.89
N ASN B 433 1.16 1.49 -43.06
CA ASN B 433 0.41 0.27 -43.33
C ASN B 433 1.29 -0.94 -43.06
N ILE B 434 1.60 -1.13 -41.78
CA ILE B 434 2.38 -2.27 -41.31
C ILE B 434 1.57 -2.96 -40.22
N ILE B 435 1.39 -4.27 -40.35
CA ILE B 435 0.63 -5.05 -39.40
C ILE B 435 1.51 -6.14 -38.81
N ALA B 436 1.32 -6.41 -37.53
CA ALA B 436 1.98 -7.51 -36.83
C ALA B 436 0.91 -8.50 -36.41
N VAL B 437 1.12 -9.77 -36.75
CA VAL B 437 0.14 -10.82 -36.52
C VAL B 437 0.84 -11.95 -35.79
N ALA B 438 0.35 -12.31 -34.61
CA ALA B 438 0.98 -13.35 -33.80
C ALA B 438 0.20 -14.64 -33.96
N THR B 439 0.83 -15.63 -34.57
CA THR B 439 0.29 -16.99 -34.58
C THR B 439 0.70 -17.67 -33.27
N THR B 440 0.53 -18.99 -33.21
CA THR B 440 0.82 -19.70 -31.97
C THR B 440 2.29 -19.57 -31.58
N ASN B 441 3.18 -19.61 -32.55
CA ASN B 441 4.62 -19.57 -32.27
C ASN B 441 5.39 -18.50 -33.03
N ASN B 442 4.95 -18.11 -34.23
CA ASN B 442 5.64 -17.13 -35.04
C ASN B 442 4.94 -15.78 -34.98
N LEU B 443 5.71 -14.73 -35.27
CA LEU B 443 5.19 -13.38 -35.42
C LEU B 443 5.45 -12.91 -36.84
N TYR B 444 4.39 -12.59 -37.57
CA TYR B 444 4.49 -12.16 -38.96
C TYR B 444 4.32 -10.65 -39.05
N ILE B 445 5.16 -10.02 -39.85
CA ILE B 445 5.07 -8.59 -40.11
C ILE B 445 4.77 -8.41 -41.59
N PHE B 446 3.65 -7.75 -41.90
CA PHE B 446 3.20 -7.54 -43.27
C PHE B 446 3.19 -6.05 -43.58
N GLN B 447 3.55 -5.72 -44.81
CA GLN B 447 3.53 -4.36 -45.31
C GLN B 447 2.76 -4.31 -46.63
N ASP B 448 2.34 -3.11 -47.00
CA ASP B 448 1.64 -2.95 -48.27
C ASP B 448 2.64 -2.77 -49.41
N LYS B 449 2.13 -2.88 -50.63
CA LYS B 449 2.97 -2.76 -51.82
C LYS B 449 3.36 -1.31 -52.07
N VAL B 450 4.52 -0.91 -51.57
CA VAL B 450 5.02 0.44 -51.79
C VAL B 450 6.47 0.39 -52.26
N ASP C 4 29.44 -13.15 30.39
CA ASP C 4 28.68 -13.16 31.64
C ASP C 4 27.20 -13.33 31.37
N GLU C 5 26.47 -13.83 32.38
CA GLU C 5 25.03 -14.00 32.24
C GLU C 5 24.32 -12.66 32.08
N LYS C 6 24.77 -11.64 32.82
CA LYS C 6 24.11 -10.34 32.75
C LYS C 6 24.26 -9.70 31.37
N VAL C 7 25.44 -9.82 30.77
CA VAL C 7 25.67 -9.24 29.45
C VAL C 7 24.77 -9.91 28.42
N PHE C 8 24.68 -11.25 28.47
CA PHE C 8 23.81 -11.96 27.55
C PHE C 8 22.34 -11.61 27.79
N THR C 9 21.94 -11.45 29.05
CA THR C 9 20.56 -11.08 29.35
C THR C 9 20.23 -9.71 28.79
N LYS C 10 21.14 -8.75 28.95
CA LYS C 10 20.91 -7.41 28.40
C LYS C 10 20.85 -7.45 26.87
N GLU C 11 21.74 -8.22 26.24
CA GLU C 11 21.72 -8.36 24.80
C GLU C 11 20.41 -8.98 24.32
N LEU C 12 19.94 -10.02 25.03
CA LEU C 12 18.68 -10.67 24.68
C LEU C 12 17.51 -9.71 24.84
N ASP C 13 17.51 -8.93 25.91
CA ASP C 13 16.47 -7.92 26.09
C ASP C 13 16.45 -6.97 24.90
N GLN C 14 17.61 -6.39 24.58
CA GLN C 14 17.68 -5.45 23.47
C GLN C 14 17.22 -6.11 22.17
N TRP C 15 17.53 -7.40 21.99
CA TRP C 15 17.00 -8.13 20.85
C TRP C 15 15.47 -8.15 20.88
N ILE C 16 14.88 -8.33 22.06
CA ILE C 16 13.43 -8.38 22.17
C ILE C 16 12.80 -7.05 21.78
N GLU C 17 13.31 -5.95 22.35
CA GLU C 17 12.76 -4.65 21.96
C GLU C 17 13.00 -4.35 20.49
N GLN C 18 14.15 -4.75 19.95
CA GLN C 18 14.40 -4.55 18.53
C GLN C 18 13.38 -5.30 17.68
N LEU C 19 13.12 -6.56 18.03
CA LEU C 19 12.15 -7.35 17.28
C LEU C 19 10.75 -6.78 17.40
N ASN C 20 10.45 -6.10 18.51
CA ASN C 20 9.10 -5.60 18.74
C ASN C 20 8.61 -4.63 17.68
N GLU C 21 9.52 -3.95 16.96
CA GLU C 21 9.11 -3.11 15.83
C GLU C 21 9.31 -3.80 14.49
N CYS C 22 9.30 -5.14 14.47
CA CYS C 22 9.28 -5.91 13.22
C CYS C 22 10.51 -5.64 12.37
N LYS C 23 11.69 -5.86 12.96
CA LYS C 23 12.95 -5.85 12.22
C LYS C 23 13.79 -7.04 12.65
N GLN C 24 14.37 -7.73 11.68
CA GLN C 24 15.07 -8.98 11.92
C GLN C 24 16.40 -8.73 12.61
N LEU C 25 17.08 -9.81 12.94
CA LEU C 25 18.39 -9.79 13.57
C LEU C 25 19.46 -10.18 12.56
N SER C 26 20.70 -10.27 13.03
CA SER C 26 21.79 -10.71 12.18
C SER C 26 21.86 -12.24 12.14
N GLU C 27 22.63 -12.75 11.18
CA GLU C 27 22.79 -14.19 11.07
C GLU C 27 23.46 -14.78 12.30
N SER C 28 24.50 -14.11 12.81
CA SER C 28 25.18 -14.59 14.00
C SER C 28 24.24 -14.53 15.21
N GLN C 29 23.46 -13.46 15.33
CA GLN C 29 22.50 -13.36 16.42
C GLN C 29 21.47 -14.48 16.36
N VAL C 30 20.95 -14.75 15.17
CA VAL C 30 19.96 -15.81 15.00
C VAL C 30 20.58 -17.16 15.34
N LYS C 31 21.81 -17.40 14.89
CA LYS C 31 22.46 -18.67 15.18
C LYS C 31 22.68 -18.86 16.68
N SER C 32 23.15 -17.81 17.37
CA SER C 32 23.36 -17.91 18.81
C SER C 32 22.05 -18.13 19.55
N LEU C 33 21.00 -17.40 19.13
CA LEU C 33 19.70 -17.55 19.76
C LEU C 33 19.17 -18.97 19.58
N CYS C 34 19.31 -19.52 18.36
CA CYS C 34 18.84 -20.88 18.12
C CYS C 34 19.64 -21.89 18.91
N GLU C 35 20.96 -21.69 19.01
CA GLU C 35 21.78 -22.63 19.76
C GLU C 35 21.40 -22.64 21.24
N LYS C 36 21.21 -21.47 21.83
CA LYS C 36 20.84 -21.43 23.25
C LYS C 36 19.41 -21.89 23.48
N ALA C 37 18.53 -21.66 22.51
CA ALA C 37 17.17 -22.20 22.60
C ALA C 37 17.20 -23.72 22.56
N LYS C 38 18.06 -24.30 21.72
CA LYS C 38 18.21 -25.75 21.70
C LYS C 38 18.75 -26.24 23.03
N GLU C 39 19.72 -25.53 23.60
CA GLU C 39 20.25 -25.90 24.90
C GLU C 39 19.17 -25.89 25.97
N ILE C 40 18.25 -24.91 25.91
CA ILE C 40 17.15 -24.87 26.86
C ILE C 40 16.16 -26.01 26.60
N LEU C 41 15.81 -26.23 25.33
CA LEU C 41 14.73 -27.14 24.98
C LEU C 41 15.13 -28.60 25.10
N THR C 42 16.42 -28.93 25.05
CA THR C 42 16.83 -30.32 25.13
C THR C 42 16.51 -30.96 26.47
N LYS C 43 16.18 -30.16 27.49
CA LYS C 43 15.80 -30.66 28.79
C LYS C 43 14.29 -30.78 28.98
N GLU C 44 13.51 -30.09 28.15
CA GLU C 44 12.06 -30.12 28.29
C GLU C 44 11.50 -31.47 27.85
N SER C 45 10.55 -31.98 28.63
CA SER C 45 9.98 -33.28 28.34
C SER C 45 9.05 -33.20 27.14
N ASN C 46 8.73 -34.38 26.59
CA ASN C 46 7.78 -34.44 25.49
C ASN C 46 6.40 -33.94 25.92
N VAL C 47 5.97 -34.32 27.12
CA VAL C 47 4.74 -33.79 27.70
C VAL C 47 5.12 -32.80 28.78
N GLN C 48 5.21 -31.52 28.40
CA GLN C 48 5.67 -30.50 29.33
C GLN C 48 4.64 -30.23 30.41
N GLU C 49 5.12 -30.02 31.63
CA GLU C 49 4.25 -29.67 32.75
C GLU C 49 4.16 -28.16 32.84
N VAL C 50 2.95 -27.64 32.61
CA VAL C 50 2.69 -26.20 32.65
C VAL C 50 1.82 -25.92 33.86
N ARG C 51 2.15 -24.86 34.60
CA ARG C 51 1.46 -24.52 35.84
C ARG C 51 0.46 -23.40 35.58
N CYS C 52 -0.77 -23.59 36.06
CA CYS C 52 -1.75 -22.53 36.00
C CYS C 52 -1.32 -21.38 36.92
N PRO C 53 -1.73 -20.14 36.59
CA PRO C 53 -2.56 -19.66 35.49
C PRO C 53 -1.78 -19.49 34.19
N VAL C 54 -2.43 -19.55 33.04
CA VAL C 54 -1.73 -19.48 31.77
C VAL C 54 -2.70 -19.10 30.66
N THR C 55 -2.21 -18.37 29.67
CA THR C 55 -3.01 -17.98 28.52
C THR C 55 -2.59 -18.84 27.32
N VAL C 56 -3.51 -19.68 26.86
CA VAL C 56 -3.26 -20.61 25.77
C VAL C 56 -3.62 -19.92 24.46
N CYS C 57 -2.70 -19.96 23.51
CA CYS C 57 -2.84 -19.26 22.24
C CYS C 57 -2.79 -20.27 21.10
N GLY C 58 -3.43 -19.92 20.00
CA GLY C 58 -3.52 -20.79 18.83
C GLY C 58 -2.47 -20.48 17.80
N ASP C 59 -2.84 -20.66 16.53
CA ASP C 59 -1.91 -20.43 15.44
C ASP C 59 -1.70 -18.93 15.22
N VAL C 60 -0.48 -18.54 14.86
CA VAL C 60 -0.21 -17.16 14.50
C VAL C 60 0.20 -17.08 13.04
N HIS C 61 0.86 -18.13 12.55
CA HIS C 61 1.18 -18.32 11.13
C HIS C 61 1.85 -17.09 10.53
N GLY C 62 2.82 -16.55 11.25
CA GLY C 62 3.65 -15.50 10.71
C GLY C 62 3.01 -14.14 10.59
N GLN C 63 1.91 -13.91 11.30
CA GLN C 63 1.25 -12.60 11.30
C GLN C 63 1.77 -11.83 12.50
N PHE C 64 2.85 -11.07 12.29
CA PHE C 64 3.51 -10.39 13.39
C PHE C 64 2.61 -9.32 14.01
N HIS C 65 1.92 -8.54 13.18
CA HIS C 65 1.07 -7.48 13.71
C HIS C 65 -0.11 -8.05 14.50
N ASP C 66 -0.66 -9.17 14.05
CA ASP C 66 -1.68 -9.84 14.84
C ASP C 66 -1.11 -10.44 16.11
N LEU C 67 0.16 -10.82 16.12
CA LEU C 67 0.80 -11.24 17.37
C LEU C 67 0.93 -10.08 18.34
N MET C 68 1.27 -8.88 17.83
CA MET C 68 1.27 -7.70 18.68
C MET C 68 -0.12 -7.39 19.21
N GLU C 69 -1.14 -7.55 18.37
CA GLU C 69 -2.51 -7.38 18.83
C GLU C 69 -2.86 -8.39 19.92
N LEU C 70 -2.41 -9.63 19.77
CA LEU C 70 -2.62 -10.66 20.79
C LEU C 70 -1.97 -10.25 22.10
N PHE C 71 -0.75 -9.73 22.03
CA PHE C 71 -0.07 -9.29 23.25
C PHE C 71 -0.79 -8.09 23.88
N ARG C 72 -1.35 -7.20 23.06
CA ARG C 72 -2.13 -6.11 23.59
C ARG C 72 -3.38 -6.62 24.30
N ILE C 73 -4.04 -7.62 23.73
CA ILE C 73 -5.26 -8.15 24.33
C ILE C 73 -4.94 -8.87 25.64
N GLY C 74 -3.94 -9.74 25.63
CA GLY C 74 -3.71 -10.62 26.76
C GLY C 74 -2.63 -10.17 27.73
N GLY C 75 -1.86 -9.16 27.37
CA GLY C 75 -0.76 -8.69 28.19
C GLY C 75 0.59 -9.03 27.60
N LYS C 76 1.62 -8.40 28.17
CA LYS C 76 2.99 -8.57 27.71
C LYS C 76 3.73 -9.57 28.59
N SER C 77 4.50 -10.44 27.95
CA SER C 77 5.37 -11.34 28.67
C SER C 77 6.51 -10.54 29.31
N PRO C 78 7.00 -10.93 30.50
CA PRO C 78 6.67 -12.12 31.29
C PRO C 78 5.53 -11.92 32.27
N ASP C 79 4.83 -10.79 32.19
CA ASP C 79 3.72 -10.53 33.10
C ASP C 79 2.61 -11.56 32.92
N THR C 80 2.34 -11.95 31.68
CA THR C 80 1.33 -12.96 31.37
C THR C 80 2.02 -14.25 30.95
N ASN C 81 1.62 -15.35 31.57
CA ASN C 81 2.16 -16.66 31.20
C ASN C 81 1.42 -17.17 29.97
N TYR C 82 2.16 -17.46 28.91
CA TYR C 82 1.57 -17.86 27.64
C TYR C 82 1.87 -19.33 27.34
N LEU C 83 1.12 -19.86 26.38
CA LEU C 83 1.31 -21.24 25.93
C LEU C 83 0.83 -21.31 24.47
N PHE C 84 1.77 -21.25 23.54
CA PHE C 84 1.47 -21.32 22.13
C PHE C 84 1.49 -22.77 21.66
N MET C 85 0.66 -23.08 20.67
CA MET C 85 0.48 -24.44 20.19
C MET C 85 0.91 -24.61 18.73
N GLY C 86 2.06 -24.05 18.38
CA GLY C 86 2.67 -24.33 17.08
C GLY C 86 2.19 -23.42 15.97
N ASP C 87 2.76 -23.68 14.79
CA ASP C 87 2.44 -22.94 13.56
C ASP C 87 2.76 -21.45 13.70
N TYR C 88 4.05 -21.17 13.93
CA TYR C 88 4.51 -19.80 14.08
C TYR C 88 4.99 -19.19 12.77
N VAL C 89 5.00 -19.94 11.68
CA VAL C 89 5.54 -19.50 10.41
C VAL C 89 4.59 -19.91 9.29
N ASP C 90 4.98 -19.61 8.05
CA ASP C 90 4.24 -19.93 6.83
C ASP C 90 2.98 -19.10 6.70
N ARG C 91 2.60 -18.78 5.45
CA ARG C 91 1.37 -18.05 5.15
C ARG C 91 1.31 -16.72 5.88
N GLY C 92 2.44 -16.03 5.96
CA GLY C 92 2.50 -14.75 6.63
C GLY C 92 3.61 -13.89 6.07
N TYR C 93 3.43 -12.57 6.17
CA TYR C 93 4.42 -11.64 5.65
C TYR C 93 5.66 -11.57 6.54
N TYR C 94 5.54 -11.88 7.82
CA TYR C 94 6.62 -11.69 8.78
C TYR C 94 6.81 -12.93 9.65
N SER C 95 6.91 -14.09 9.00
CA SER C 95 7.15 -15.33 9.74
C SER C 95 8.49 -15.28 10.47
N VAL C 96 9.51 -14.71 9.83
CA VAL C 96 10.84 -14.64 10.44
C VAL C 96 10.79 -13.85 11.74
N GLU C 97 10.20 -12.66 11.70
CA GLU C 97 10.13 -11.82 12.89
C GLU C 97 9.31 -12.50 13.99
N THR C 98 8.19 -13.12 13.62
CA THR C 98 7.33 -13.79 14.60
C THR C 98 8.08 -14.91 15.31
N VAL C 99 8.71 -15.79 14.54
CA VAL C 99 9.40 -16.93 15.15
C VAL C 99 10.60 -16.46 15.94
N THR C 100 11.31 -15.43 15.46
CA THR C 100 12.45 -14.92 16.19
C THR C 100 12.04 -14.33 17.53
N LEU C 101 10.95 -13.55 17.55
CA LEU C 101 10.47 -12.98 18.80
C LEU C 101 10.01 -14.05 19.76
N LEU C 102 9.30 -15.06 19.26
CA LEU C 102 8.83 -16.12 20.15
C LEU C 102 10.00 -16.92 20.73
N VAL C 103 11.02 -17.20 19.91
CA VAL C 103 12.18 -17.93 20.42
C VAL C 103 12.95 -17.09 21.42
N ALA C 104 13.08 -15.78 21.16
CA ALA C 104 13.77 -14.91 22.11
C ALA C 104 13.03 -14.87 23.44
N LEU C 105 11.70 -14.76 23.40
CA LEU C 105 10.93 -14.77 24.63
C LEU C 105 11.09 -16.10 25.37
N LYS C 106 11.11 -17.21 24.63
CA LYS C 106 11.31 -18.51 25.27
C LYS C 106 12.67 -18.59 25.95
N VAL C 107 13.71 -18.05 25.31
CA VAL C 107 15.05 -18.10 25.89
C VAL C 107 15.14 -17.21 27.13
N ARG C 108 14.56 -16.01 27.05
CA ARG C 108 14.68 -15.07 28.16
C ARG C 108 13.81 -15.46 29.34
N TYR C 109 12.63 -16.02 29.07
CA TYR C 109 11.59 -16.26 30.08
C TYR C 109 11.13 -17.71 30.01
N ARG C 110 12.08 -18.64 30.08
CA ARG C 110 11.75 -20.06 29.85
C ARG C 110 10.66 -20.57 30.79
N GLU C 111 10.54 -20.00 31.98
CA GLU C 111 9.49 -20.41 32.91
C GLU C 111 8.17 -19.70 32.67
N ARG C 112 8.14 -18.67 31.83
CA ARG C 112 6.95 -17.85 31.63
C ARG C 112 6.24 -18.11 30.32
N ILE C 113 6.91 -18.66 29.33
CA ILE C 113 6.31 -18.93 28.02
C ILE C 113 6.68 -20.33 27.58
N THR C 114 5.69 -21.08 27.11
CA THR C 114 5.89 -22.44 26.62
C THR C 114 5.40 -22.52 25.18
N ILE C 115 6.29 -22.93 24.29
CA ILE C 115 5.98 -23.03 22.86
C ILE C 115 6.09 -24.49 22.44
N LEU C 116 5.04 -24.98 21.78
CA LEU C 116 4.99 -26.35 21.30
C LEU C 116 5.36 -26.39 19.83
N ARG C 117 5.25 -27.57 19.23
CA ARG C 117 5.60 -27.78 17.83
C ARG C 117 4.33 -27.97 17.01
N GLY C 118 4.22 -27.23 15.91
CA GLY C 118 3.12 -27.37 14.99
C GLY C 118 3.51 -28.15 13.75
N ASN C 119 2.49 -28.46 12.94
CA ASN C 119 2.71 -29.23 11.73
C ASN C 119 3.58 -28.49 10.73
N HIS C 120 3.66 -27.17 10.83
CA HIS C 120 4.46 -26.36 9.92
C HIS C 120 5.90 -26.18 10.38
N GLU C 121 6.30 -26.85 11.46
CA GLU C 121 7.68 -26.79 11.94
C GLU C 121 8.51 -27.91 11.31
N SER C 122 8.53 -27.93 9.98
CA SER C 122 9.22 -28.96 9.23
C SER C 122 10.01 -28.32 8.11
N ARG C 123 11.06 -29.01 7.68
CA ARG C 123 11.91 -28.49 6.60
C ARG C 123 11.17 -28.46 5.28
N GLN C 124 10.32 -29.46 5.01
CA GLN C 124 9.56 -29.48 3.77
C GLN C 124 8.47 -28.41 3.77
N ILE C 125 7.72 -28.31 4.86
CA ILE C 125 6.56 -27.42 4.91
C ILE C 125 7.01 -25.97 4.81
N THR C 126 8.07 -25.61 5.54
CA THR C 126 8.56 -24.25 5.53
C THR C 126 9.09 -23.85 4.16
N GLN C 127 9.76 -24.78 3.47
CA GLN C 127 10.21 -24.51 2.11
C GLN C 127 9.05 -24.35 1.14
N VAL C 128 8.01 -25.17 1.27
CA VAL C 128 6.88 -25.09 0.35
C VAL C 128 6.05 -23.84 0.57
N TYR C 129 5.79 -23.47 1.82
CA TYR C 129 4.78 -22.48 2.14
C TYR C 129 5.34 -21.09 2.46
N GLY C 130 6.58 -20.80 2.09
CA GLY C 130 7.06 -19.44 2.05
C GLY C 130 8.00 -19.01 3.15
N PHE C 131 8.15 -19.80 4.22
CA PHE C 131 9.10 -19.42 5.26
C PHE C 131 10.53 -19.41 4.71
N TYR C 132 10.91 -20.45 3.98
CA TYR C 132 12.22 -20.47 3.35
C TYR C 132 12.35 -19.35 2.33
N ASP C 133 11.29 -19.11 1.55
CA ASP C 133 11.33 -18.03 0.57
C ASP C 133 11.49 -16.68 1.26
N GLU C 134 10.75 -16.45 2.35
CA GLU C 134 10.86 -15.19 3.07
C GLU C 134 12.24 -15.00 3.67
N CYS C 135 12.79 -16.05 4.28
CA CYS C 135 14.11 -15.91 4.91
C CYS C 135 15.19 -15.69 3.86
N LEU C 136 15.07 -16.36 2.70
CA LEU C 136 16.02 -16.11 1.61
C LEU C 136 15.90 -14.69 1.10
N ARG C 137 14.68 -14.18 0.97
CA ARG C 137 14.49 -12.80 0.51
C ARG C 137 15.06 -11.81 1.50
N LYS C 138 14.90 -12.06 2.80
CA LYS C 138 15.35 -11.14 3.82
C LYS C 138 16.82 -11.29 4.17
N TYR C 139 17.48 -12.38 3.75
CA TYR C 139 18.86 -12.60 4.16
C TYR C 139 19.79 -12.86 2.97
N GLY C 140 19.26 -13.47 1.91
CA GLY C 140 20.09 -13.83 0.78
C GLY C 140 20.78 -15.16 0.90
N ASN C 141 20.49 -15.95 1.93
CA ASN C 141 21.09 -17.26 2.09
C ASN C 141 20.14 -18.11 2.94
N ALA C 142 20.43 -19.40 2.97
CA ALA C 142 19.60 -20.37 3.67
C ALA C 142 20.11 -20.70 5.07
N ASN C 143 21.07 -19.93 5.59
CA ASN C 143 21.60 -20.21 6.92
C ASN C 143 20.54 -20.02 7.99
N VAL C 144 19.76 -18.95 7.89
CA VAL C 144 18.72 -18.69 8.90
C VAL C 144 17.68 -19.80 8.88
N TRP C 145 17.25 -20.22 7.69
CA TRP C 145 16.28 -21.31 7.60
C TRP C 145 16.86 -22.59 8.18
N LYS C 146 18.13 -22.88 7.89
CA LYS C 146 18.75 -24.08 8.44
C LYS C 146 18.77 -24.05 9.97
N TYR C 147 19.15 -22.90 10.54
CA TYR C 147 19.20 -22.77 11.99
C TYR C 147 17.81 -22.94 12.60
N PHE C 148 16.81 -22.30 12.02
CA PHE C 148 15.48 -22.37 12.60
C PHE C 148 14.88 -23.76 12.47
N THR C 149 15.10 -24.42 11.34
CA THR C 149 14.62 -25.79 11.18
C THR C 149 15.36 -26.75 12.10
N ASP C 150 16.63 -26.49 12.39
CA ASP C 150 17.34 -27.27 13.39
C ASP C 150 16.73 -27.09 14.76
N LEU C 151 16.37 -25.84 15.10
CA LEU C 151 15.75 -25.58 16.39
C LEU C 151 14.37 -26.22 16.51
N PHE C 152 13.60 -26.21 15.42
CA PHE C 152 12.23 -26.70 15.46
C PHE C 152 12.13 -28.16 15.88
N ASP C 153 13.21 -28.93 15.73
CA ASP C 153 13.17 -30.34 16.13
C ASP C 153 13.04 -30.49 17.63
N TYR C 154 13.60 -29.55 18.40
CA TYR C 154 13.64 -29.66 19.86
C TYR C 154 12.33 -29.24 20.54
N LEU C 155 11.40 -28.66 19.79
CA LEU C 155 10.18 -28.14 20.42
C LEU C 155 9.37 -29.30 21.00
N PRO C 156 8.83 -29.14 22.21
CA PRO C 156 8.02 -30.21 22.81
C PRO C 156 6.78 -30.49 21.99
N LEU C 157 6.37 -31.76 21.98
CA LEU C 157 5.20 -32.15 21.20
C LEU C 157 3.90 -31.70 21.86
N THR C 158 3.79 -31.86 23.18
CA THR C 158 2.54 -31.60 23.88
C THR C 158 2.82 -30.90 25.20
N ALA C 159 1.77 -30.41 25.84
CA ALA C 159 1.86 -29.74 27.12
C ALA C 159 0.73 -30.20 28.02
N LEU C 160 1.00 -30.24 29.32
CA LEU C 160 0.01 -30.61 30.32
C LEU C 160 -0.09 -29.50 31.36
N VAL C 161 -1.30 -28.98 31.55
CA VAL C 161 -1.56 -27.84 32.42
C VAL C 161 -2.28 -28.37 33.64
N ASP C 162 -1.65 -28.18 34.81
CA ASP C 162 -2.18 -28.60 36.10
C ASP C 162 -2.53 -30.09 36.14
N GLY C 163 -1.92 -30.87 35.25
CA GLY C 163 -2.25 -32.28 35.16
C GLY C 163 -3.67 -32.56 34.77
N GLN C 164 -4.38 -31.56 34.24
CA GLN C 164 -5.79 -31.70 33.90
C GLN C 164 -6.15 -31.22 32.50
N ILE C 165 -5.34 -30.40 31.85
CA ILE C 165 -5.63 -29.90 30.52
C ILE C 165 -4.50 -30.33 29.58
N PHE C 166 -4.87 -30.92 28.45
CA PHE C 166 -3.90 -31.41 27.48
C PHE C 166 -3.89 -30.48 26.28
N CYS C 167 -2.73 -29.90 25.99
CA CYS C 167 -2.58 -28.93 24.90
C CYS C 167 -1.67 -29.51 23.83
N LEU C 168 -2.15 -29.53 22.59
CA LEU C 168 -1.38 -30.06 21.48
C LEU C 168 -1.94 -29.49 20.18
N HIS C 169 -1.14 -29.61 19.12
CA HIS C 169 -1.49 -28.98 17.86
C HIS C 169 -2.56 -29.77 17.11
N GLY C 170 -2.25 -31.01 16.73
CA GLY C 170 -3.17 -31.79 15.92
C GLY C 170 -4.30 -32.46 16.67
N GLY C 171 -3.97 -33.41 17.53
CA GLY C 171 -4.99 -34.16 18.24
C GLY C 171 -4.51 -35.57 18.54
N LEU C 172 -5.46 -36.41 18.92
CA LEU C 172 -5.16 -37.75 19.40
C LEU C 172 -4.67 -38.65 18.26
N SER C 173 -4.06 -39.77 18.64
CA SER C 173 -3.51 -40.74 17.71
C SER C 173 -3.95 -42.15 18.08
N PRO C 174 -4.25 -43.00 17.09
CA PRO C 174 -4.61 -44.39 17.41
C PRO C 174 -3.52 -45.16 18.14
N SER C 175 -2.26 -44.89 17.82
CA SER C 175 -1.14 -45.57 18.46
C SER C 175 -0.73 -44.90 19.77
N ILE C 176 -1.50 -43.92 20.22
CA ILE C 176 -1.24 -43.22 21.48
C ILE C 176 -2.43 -43.45 22.40
N ASP C 177 -2.16 -43.97 23.59
CA ASP C 177 -3.20 -44.24 24.57
C ASP C 177 -2.92 -43.65 25.95
N THR C 178 -1.65 -43.44 26.31
CA THR C 178 -1.29 -42.90 27.61
C THR C 178 -0.22 -41.84 27.40
N LEU C 179 -0.17 -40.86 28.32
CA LEU C 179 0.87 -39.83 28.25
C LEU C 179 2.26 -40.45 28.29
N ASP C 180 2.40 -41.61 28.92
CA ASP C 180 3.68 -42.30 28.91
C ASP C 180 4.10 -42.68 27.49
N HIS C 181 3.13 -43.04 26.64
CA HIS C 181 3.44 -43.33 25.25
C HIS C 181 3.96 -42.08 24.54
N ILE C 182 3.38 -40.93 24.81
CA ILE C 182 3.85 -39.69 24.21
C ILE C 182 5.25 -39.36 24.71
N ARG C 183 5.50 -39.54 26.00
CA ARG C 183 6.83 -39.29 26.55
C ARG C 183 7.87 -40.25 26.00
N ALA C 184 7.46 -41.43 25.54
CA ALA C 184 8.40 -42.43 25.05
C ALA C 184 8.82 -42.19 23.60
N LEU C 185 8.18 -41.26 22.90
CA LEU C 185 8.55 -40.98 21.52
C LEU C 185 9.86 -40.19 21.47
N ASP C 186 10.44 -40.13 20.28
CA ASP C 186 11.65 -39.35 20.02
C ASP C 186 11.26 -38.17 19.15
N ARG C 187 11.21 -36.98 19.76
CA ARG C 187 10.81 -35.78 19.04
C ARG C 187 11.97 -35.05 18.37
N LEU C 188 13.21 -35.46 18.61
CA LEU C 188 14.38 -34.78 18.06
C LEU C 188 14.65 -35.27 16.62
N GLN C 189 13.69 -34.99 15.75
CA GLN C 189 13.76 -35.45 14.37
C GLN C 189 12.78 -34.63 13.53
N GLU C 190 12.91 -34.77 12.22
CA GLU C 190 11.92 -34.19 11.31
C GLU C 190 10.58 -34.86 11.51
N VAL C 191 9.51 -34.10 11.28
CA VAL C 191 8.16 -34.65 11.45
C VAL C 191 7.93 -35.75 10.42
N PRO C 192 7.53 -36.95 10.84
CA PRO C 192 7.37 -38.04 9.88
C PRO C 192 6.13 -37.86 9.03
N HIS C 193 6.03 -38.67 7.98
CA HIS C 193 4.83 -38.74 7.16
C HIS C 193 3.81 -39.73 7.71
N GLU C 194 4.15 -40.46 8.77
CA GLU C 194 3.24 -41.40 9.40
C GLU C 194 3.78 -41.72 10.79
N GLY C 195 2.88 -42.09 11.69
CA GLY C 195 3.25 -42.45 13.04
C GLY C 195 2.64 -41.54 14.08
N PRO C 196 2.77 -41.91 15.35
CA PRO C 196 2.15 -41.10 16.41
C PRO C 196 2.63 -39.66 16.46
N MET C 197 3.92 -39.43 16.21
CA MET C 197 4.43 -38.06 16.24
C MET C 197 3.82 -37.21 15.13
N CYS C 198 3.63 -37.78 13.94
CA CYS C 198 2.96 -37.06 12.87
C CYS C 198 1.47 -36.89 13.17
N ASP C 199 0.84 -37.91 13.77
CA ASP C 199 -0.58 -37.82 14.07
C ASP C 199 -0.85 -36.71 15.08
N LEU C 200 -0.01 -36.58 16.11
CA LEU C 200 -0.23 -35.57 17.13
C LEU C 200 -0.17 -34.15 16.58
N LEU C 201 0.42 -33.96 15.40
CA LEU C 201 0.49 -32.65 14.77
C LEU C 201 -0.39 -32.53 13.53
N TRP C 202 -0.99 -33.63 13.08
CA TRP C 202 -1.83 -33.60 11.89
C TRP C 202 -3.25 -34.10 12.11
N SER C 203 -3.58 -34.67 13.27
CA SER C 203 -4.91 -35.18 13.50
C SER C 203 -5.93 -34.05 13.61
N ASP C 204 -7.20 -34.40 13.49
CA ASP C 204 -8.28 -33.44 13.61
C ASP C 204 -9.47 -34.08 14.31
N PRO C 205 -10.24 -33.30 15.07
CA PRO C 205 -11.52 -33.79 15.57
C PRO C 205 -12.55 -33.84 14.45
N ASP C 206 -13.55 -34.71 14.64
CA ASP C 206 -14.61 -34.86 13.65
C ASP C 206 -15.85 -35.39 14.35
N ASP C 207 -17.00 -35.20 13.68
CA ASP C 207 -18.26 -35.69 14.20
C ASP C 207 -18.51 -37.16 13.87
N ARG C 208 -17.75 -37.73 12.94
CA ARG C 208 -17.90 -39.13 12.60
C ARG C 208 -17.38 -40.00 13.75
N GLY C 209 -18.16 -41.00 14.13
CA GLY C 209 -17.76 -41.85 15.24
C GLY C 209 -16.52 -42.66 14.93
N GLY C 210 -15.72 -42.89 15.96
CA GLY C 210 -14.49 -43.65 15.81
C GLY C 210 -13.45 -42.90 14.99
N TRP C 211 -12.46 -43.66 14.56
CA TRP C 211 -11.39 -43.10 13.75
C TRP C 211 -11.87 -42.89 12.31
N GLY C 212 -10.99 -42.30 11.49
CA GLY C 212 -11.33 -42.03 10.12
C GLY C 212 -10.11 -41.67 9.31
N ILE C 213 -10.35 -41.18 8.10
CA ILE C 213 -9.30 -40.78 7.18
C ILE C 213 -9.31 -39.25 7.09
N SER C 214 -8.17 -38.64 7.36
CA SER C 214 -8.05 -37.19 7.27
C SER C 214 -7.76 -36.77 5.84
N PRO C 215 -8.53 -35.85 5.27
CA PRO C 215 -8.23 -35.37 3.90
C PRO C 215 -6.93 -34.61 3.80
N ARG C 216 -6.29 -34.25 4.92
CA ARG C 216 -5.02 -33.54 4.90
C ARG C 216 -3.89 -34.35 4.30
N GLY C 217 -4.06 -35.67 4.16
CA GLY C 217 -2.98 -36.53 3.72
C GLY C 217 -2.15 -37.13 4.84
N ALA C 218 -2.38 -36.71 6.08
CA ALA C 218 -1.69 -37.27 7.23
C ALA C 218 -2.60 -37.17 8.44
N GLY C 219 -2.36 -38.03 9.42
CA GLY C 219 -3.16 -38.06 10.63
C GLY C 219 -4.53 -38.65 10.37
N TYR C 220 -5.25 -38.88 11.47
CA TYR C 220 -6.57 -39.50 11.42
C TYR C 220 -7.56 -38.65 12.19
N THR C 221 -8.83 -38.73 11.79
CA THR C 221 -9.90 -37.97 12.41
C THR C 221 -10.60 -38.85 13.45
N PHE C 222 -10.85 -38.28 14.62
CA PHE C 222 -11.44 -39.01 15.74
C PHE C 222 -12.81 -38.42 16.08
N GLY C 223 -13.67 -39.28 16.62
CA GLY C 223 -15.00 -38.87 17.03
C GLY C 223 -15.08 -38.57 18.52
N GLN C 224 -16.31 -38.30 18.96
CA GLN C 224 -16.53 -37.97 20.36
C GLN C 224 -16.16 -39.12 21.28
N ASP C 225 -16.43 -40.36 20.85
CA ASP C 225 -16.11 -41.52 21.68
C ASP C 225 -14.61 -41.63 21.95
N ILE C 226 -13.79 -41.37 20.94
CA ILE C 226 -12.34 -41.46 21.12
C ILE C 226 -11.87 -40.43 22.13
N SER C 227 -12.34 -39.19 22.00
CA SER C 227 -11.95 -38.14 22.93
C SER C 227 -12.42 -38.45 24.36
N GLU C 228 -13.65 -38.94 24.49
CA GLU C 228 -14.16 -39.30 25.82
C GLU C 228 -13.32 -40.41 26.43
N THR C 229 -12.97 -41.43 25.65
CA THR C 229 -12.16 -42.53 26.16
C THR C 229 -10.79 -42.02 26.59
N PHE C 230 -10.16 -41.17 25.77
CA PHE C 230 -8.85 -40.65 26.12
C PHE C 230 -8.90 -39.82 27.40
N ASN C 231 -9.92 -38.96 27.52
CA ASN C 231 -10.06 -38.15 28.72
C ASN C 231 -10.29 -39.01 29.95
N HIS C 232 -11.13 -40.04 29.83
CA HIS C 232 -11.38 -40.92 30.98
C HIS C 232 -10.12 -41.68 31.37
N ALA C 233 -9.36 -42.15 30.37
CA ALA C 233 -8.15 -42.92 30.67
C ALA C 233 -7.08 -42.05 31.32
N ASN C 234 -6.87 -40.85 30.81
CA ASN C 234 -5.81 -39.98 31.31
C ASN C 234 -6.28 -39.00 32.38
N GLY C 235 -7.57 -39.00 32.72
CA GLY C 235 -8.07 -38.09 33.73
C GLY C 235 -7.93 -36.62 33.35
N LEU C 236 -8.25 -36.29 32.11
CA LEU C 236 -8.13 -34.93 31.60
C LEU C 236 -9.51 -34.30 31.49
N THR C 237 -9.64 -33.09 32.03
CA THR C 237 -10.92 -32.39 31.96
C THR C 237 -11.22 -31.93 30.54
N LEU C 238 -10.21 -31.47 29.82
CA LEU C 238 -10.41 -30.87 28.51
C LEU C 238 -9.16 -31.06 27.67
N VAL C 239 -9.34 -31.08 26.36
CA VAL C 239 -8.25 -31.12 25.40
C VAL C 239 -8.30 -29.85 24.57
N SER C 240 -7.30 -28.99 24.75
CA SER C 240 -7.16 -27.81 23.92
C SER C 240 -6.36 -28.15 22.67
N ARG C 241 -6.73 -27.54 21.55
CA ARG C 241 -6.24 -27.96 20.25
C ARG C 241 -6.28 -26.76 19.31
N ALA C 242 -5.63 -26.91 18.15
CA ALA C 242 -5.45 -25.81 17.21
C ALA C 242 -5.43 -26.35 15.79
N HIS C 243 -4.85 -25.59 14.87
CA HIS C 243 -4.48 -26.09 13.53
C HIS C 243 -5.67 -26.13 12.58
N GLN C 244 -6.87 -25.80 13.07
CA GLN C 244 -8.04 -25.66 12.22
C GLN C 244 -8.59 -24.24 12.32
N LEU C 245 -8.87 -23.64 11.18
CA LEU C 245 -9.41 -22.29 11.15
C LEU C 245 -10.86 -22.29 11.63
N VAL C 246 -11.17 -21.40 12.56
CA VAL C 246 -12.52 -21.21 13.06
C VAL C 246 -12.89 -19.74 12.94
N MET C 247 -14.09 -19.47 12.42
CA MET C 247 -14.47 -18.09 12.15
C MET C 247 -14.73 -17.30 13.42
N GLU C 248 -15.25 -17.94 14.46
CA GLU C 248 -15.58 -17.28 15.71
C GLU C 248 -14.40 -17.23 16.68
N GLY C 249 -13.24 -17.73 16.28
CA GLY C 249 -12.04 -17.69 17.11
C GLY C 249 -11.81 -18.93 17.95
N TYR C 250 -12.86 -19.45 18.58
CA TYR C 250 -12.75 -20.66 19.38
C TYR C 250 -14.02 -21.47 19.21
N ASN C 251 -13.87 -22.79 19.19
CA ASN C 251 -15.02 -23.67 18.94
C ASN C 251 -14.93 -24.90 19.83
N TRP C 252 -16.04 -25.22 20.48
CA TRP C 252 -16.13 -26.45 21.25
C TRP C 252 -16.60 -27.60 20.37
N CYS C 253 -16.21 -28.82 20.75
CA CYS C 253 -16.64 -30.01 20.02
C CYS C 253 -16.43 -31.22 20.91
N HIS C 254 -17.11 -32.31 20.53
CA HIS C 254 -17.07 -33.58 21.25
C HIS C 254 -17.57 -33.43 22.69
N ASP C 255 -18.72 -32.73 22.82
CA ASP C 255 -19.40 -32.56 24.11
C ASP C 255 -18.49 -31.90 25.14
N ARG C 256 -17.98 -30.73 24.79
CA ARG C 256 -17.16 -29.91 25.69
C ARG C 256 -15.93 -30.69 26.18
N ASN C 257 -15.41 -31.56 25.33
CA ASN C 257 -14.19 -32.30 25.63
C ASN C 257 -13.01 -31.86 24.77
N VAL C 258 -13.26 -31.27 23.61
CA VAL C 258 -12.21 -30.72 22.77
C VAL C 258 -12.56 -29.27 22.47
N VAL C 259 -11.58 -28.38 22.58
CA VAL C 259 -11.77 -26.98 22.22
C VAL C 259 -10.66 -26.57 21.27
N THR C 260 -11.05 -26.00 20.12
CA THR C 260 -10.13 -25.55 19.10
C THR C 260 -9.99 -24.04 19.19
N ILE C 261 -8.75 -23.57 19.30
CA ILE C 261 -8.43 -22.16 19.46
C ILE C 261 -7.57 -21.72 18.28
N PHE C 262 -8.02 -20.69 17.58
CA PHE C 262 -7.28 -20.11 16.47
C PHE C 262 -6.96 -18.66 16.84
N SER C 263 -5.69 -18.29 16.76
CA SER C 263 -5.23 -16.98 17.22
C SER C 263 -4.66 -16.14 16.09
N ALA C 264 -5.13 -16.35 14.87
CA ALA C 264 -4.71 -15.57 13.71
C ALA C 264 -5.94 -14.88 13.12
N PRO C 265 -6.21 -13.63 13.51
CA PRO C 265 -7.38 -12.94 12.95
C PRO C 265 -7.16 -12.61 11.49
N ASN C 266 -8.24 -12.68 10.71
CA ASN C 266 -8.17 -12.51 9.26
C ASN C 266 -7.15 -13.47 8.66
N TYR C 267 -7.44 -14.76 8.81
CA TYR C 267 -6.49 -15.79 8.41
C TYR C 267 -6.11 -15.63 6.95
N CYS C 268 -4.80 -15.67 6.69
CA CYS C 268 -4.25 -15.48 5.35
C CYS C 268 -4.64 -14.13 4.76
N TYR C 269 -4.91 -13.15 5.62
CA TYR C 269 -5.32 -11.80 5.23
C TYR C 269 -6.58 -11.77 4.38
N ARG C 270 -7.31 -12.88 4.29
CA ARG C 270 -8.50 -12.94 3.46
C ARG C 270 -9.70 -13.60 4.12
N CYS C 271 -9.51 -14.45 5.13
CA CYS C 271 -10.63 -15.23 5.66
C CYS C 271 -11.61 -14.38 6.47
N GLY C 272 -11.16 -13.25 7.01
CA GLY C 272 -12.04 -12.40 7.77
C GLY C 272 -12.53 -12.99 9.07
N ASN C 273 -11.81 -13.96 9.62
CA ASN C 273 -12.23 -14.62 10.84
C ASN C 273 -11.79 -13.82 12.06
N GLN C 274 -12.26 -14.26 13.21
CA GLN C 274 -11.84 -13.71 14.50
C GLN C 274 -10.82 -14.64 15.14
N ALA C 275 -10.01 -14.07 16.03
CA ALA C 275 -9.04 -14.85 16.78
C ALA C 275 -9.45 -14.92 18.24
N ALA C 276 -8.89 -15.90 18.95
CA ALA C 276 -9.25 -16.07 20.35
C ALA C 276 -8.05 -16.59 21.12
N ILE C 277 -8.04 -16.29 22.42
CA ILE C 277 -7.06 -16.85 23.35
C ILE C 277 -7.80 -17.29 24.61
N MET C 278 -7.40 -18.42 25.17
CA MET C 278 -8.08 -18.98 26.33
C MET C 278 -7.27 -18.73 27.58
N GLU C 279 -7.81 -17.91 28.49
CA GLU C 279 -7.16 -17.63 29.76
C GLU C 279 -7.61 -18.66 30.78
N LEU C 280 -6.66 -19.39 31.33
CA LEU C 280 -6.90 -20.33 32.42
C LEU C 280 -6.48 -19.67 33.72
N ASP C 281 -7.45 -19.46 34.61
CA ASP C 281 -7.24 -18.72 35.84
C ASP C 281 -6.51 -19.60 36.86
N ASP C 282 -6.36 -19.08 38.08
CA ASP C 282 -5.64 -19.79 39.12
C ASP C 282 -6.33 -21.11 39.49
N THR C 283 -7.61 -21.25 39.20
CA THR C 283 -8.37 -22.44 39.54
C THR C 283 -8.99 -23.05 38.29
N LEU C 284 -8.22 -23.08 37.20
CA LEU C 284 -8.63 -23.73 35.95
C LEU C 284 -9.94 -23.17 35.41
N LYS C 285 -10.23 -21.92 35.72
CA LYS C 285 -11.44 -21.26 35.22
C LYS C 285 -11.12 -20.65 33.86
N TYR C 286 -11.64 -21.26 32.81
CA TYR C 286 -11.34 -20.85 31.45
C TYR C 286 -12.24 -19.68 31.02
N SER C 287 -11.65 -18.76 30.28
CA SER C 287 -12.40 -17.65 29.70
C SER C 287 -11.75 -17.24 28.39
N PHE C 288 -12.55 -17.07 27.34
CA PHE C 288 -12.03 -16.83 26.01
C PHE C 288 -12.11 -15.36 25.65
N LEU C 289 -11.00 -14.80 25.19
CA LEU C 289 -10.94 -13.42 24.72
C LEU C 289 -10.80 -13.44 23.21
N GLN C 290 -11.76 -12.83 22.51
CA GLN C 290 -11.75 -12.78 21.07
C GLN C 290 -11.31 -11.39 20.59
N PHE C 291 -10.48 -11.37 19.55
CA PHE C 291 -9.99 -10.12 19.01
C PHE C 291 -9.95 -10.18 17.49
N ASP C 292 -9.98 -8.99 16.90
CA ASP C 292 -9.97 -8.67 15.49
C ASP C 292 -8.59 -8.24 15.05
N PRO C 293 -8.32 -8.19 13.74
CA PRO C 293 -6.97 -7.83 13.28
C PRO C 293 -6.57 -6.44 13.73
N ALA C 294 -5.28 -6.27 13.99
CA ALA C 294 -4.75 -4.96 14.37
C ALA C 294 -4.92 -4.00 13.19
N PRO C 295 -5.39 -2.78 13.43
CA PRO C 295 -5.54 -1.82 12.33
C PRO C 295 -4.22 -1.59 11.61
N ARG C 296 -4.28 -1.59 10.28
CA ARG C 296 -3.11 -1.38 9.44
C ARG C 296 -3.61 -1.00 8.05
N ARG C 297 -2.67 -0.84 7.13
CA ARG C 297 -3.00 -0.49 5.75
C ARG C 297 -2.64 -1.58 4.75
N GLY C 298 -1.71 -2.46 5.08
CA GLY C 298 -1.22 -3.40 4.09
C GLY C 298 -0.24 -2.75 3.15
N GLU C 299 0.59 -3.59 2.51
CA GLU C 299 1.56 -3.05 1.57
C GLU C 299 0.88 -2.34 0.40
N PRO C 300 -0.10 -2.94 -0.29
CA PRO C 300 -0.98 -2.13 -1.15
C PRO C 300 -2.17 -1.61 -0.39
N HIS C 301 -2.31 -0.28 -0.30
CA HIS C 301 -3.46 0.31 0.39
C HIS C 301 -4.56 0.57 -0.63
N VAL C 302 -5.23 -0.50 -1.02
CA VAL C 302 -6.35 -0.41 -1.96
C VAL C 302 -7.58 0.03 -1.19
N THR C 303 -8.12 1.19 -1.55
CA THR C 303 -9.22 1.78 -0.81
C THR C 303 -10.21 2.42 -1.77
N ARG C 304 -11.45 2.55 -1.29
CA ARG C 304 -12.48 3.28 -2.00
C ARG C 304 -12.52 4.76 -1.62
N ARG C 305 -11.66 5.19 -0.71
CA ARG C 305 -11.51 6.61 -0.39
C ARG C 305 -10.43 7.21 -1.28
N THR C 306 -10.68 8.42 -1.75
CA THR C 306 -9.80 9.03 -2.74
C THR C 306 -8.42 9.30 -2.14
N PRO C 307 -7.35 8.79 -2.73
CA PRO C 307 -6.01 9.05 -2.20
C PRO C 307 -5.56 10.46 -2.51
N ASP C 308 -4.44 10.85 -1.90
CA ASP C 308 -3.96 12.22 -1.99
C ASP C 308 -3.56 12.57 -3.42
N TYR C 309 -2.95 11.63 -4.14
CA TYR C 309 -2.50 11.94 -5.50
C TYR C 309 -3.65 12.22 -6.45
N PHE C 310 -4.86 11.79 -6.11
CA PHE C 310 -6.02 12.01 -6.96
C PHE C 310 -6.90 13.11 -6.41
N MLL C 311 -6.74 13.41 -5.13
CA MLL C 311 -7.53 14.43 -4.47
CB MLL C 311 -7.29 14.52 -2.96
CG MLL C 311 -8.28 13.69 -2.16
CD2 MLL C 311 -9.70 14.00 -2.57
CD1 MLL C 311 -8.10 13.96 -0.68
C MLL C 311 -7.26 15.79 -5.06
O MLL C 311 -6.17 16.30 -5.32
OXT MLL C 311 -8.40 16.50 -5.33
C10 MLL C 311 -8.23 17.67 -6.14
N TYR D 14 -23.73 -19.50 -18.44
CA TYR D 14 -22.44 -20.13 -18.21
C TYR D 14 -21.68 -19.47 -17.06
N SER D 15 -21.28 -20.28 -16.08
CA SER D 15 -20.51 -19.78 -14.95
C SER D 15 -19.45 -20.74 -14.47
N ALA D 16 -19.06 -21.75 -15.26
CA ALA D 16 -18.18 -22.80 -14.78
C ALA D 16 -16.85 -22.90 -15.50
N LYS D 17 -16.82 -22.96 -16.83
CA LYS D 17 -15.57 -23.25 -17.54
C LYS D 17 -14.62 -22.06 -17.50
N PRO D 18 -14.99 -20.87 -18.02
CA PRO D 18 -14.04 -19.76 -17.99
C PRO D 18 -13.99 -19.06 -16.63
N TYR D 19 -15.13 -19.04 -15.94
CA TYR D 19 -15.24 -18.38 -14.64
C TYR D 19 -14.26 -19.03 -13.67
N ALA D 20 -14.51 -20.29 -13.34
CA ALA D 20 -13.65 -21.10 -12.49
C ALA D 20 -13.15 -20.33 -11.26
N HIS D 21 -12.02 -19.65 -11.41
CA HIS D 21 -11.29 -19.07 -10.29
C HIS D 21 -12.12 -18.05 -9.49
N ILE D 22 -13.07 -17.37 -10.14
CA ILE D 22 -13.89 -16.41 -9.40
C ILE D 22 -14.74 -17.14 -8.37
N LEU D 23 -15.44 -18.18 -8.78
CA LEU D 23 -16.30 -18.91 -7.85
C LEU D 23 -15.50 -19.84 -6.95
N SER D 24 -14.37 -20.33 -7.42
CA SER D 24 -13.58 -21.27 -6.64
C SER D 24 -12.87 -20.56 -5.50
N VAL D 25 -13.16 -20.97 -4.27
CA VAL D 25 -12.54 -20.38 -3.08
C VAL D 25 -12.10 -21.52 -2.16
N PRO D 26 -10.85 -21.53 -1.69
CA PRO D 26 -10.32 -22.56 -0.78
C PRO D 26 -11.18 -22.75 0.46
FE FE2 E . -1.12 -26.33 11.99
ZN ZN F . -2.02 -23.99 10.87
#